data_3RAF
#
_entry.id   3RAF
#
_cell.length_a   158.550
_cell.length_b   158.550
_cell.length_c   210.330
_cell.angle_alpha   90.00
_cell.angle_beta   90.00
_cell.angle_gamma   120.00
#
_symmetry.space_group_name_H-M   'P 31 2 1'
#
loop_
_entity.id
_entity.type
_entity.pdbx_description
1 polymer 'DNA topoisomerase 4 subunit A'
2 polymer 'DNA topoisomerase 4 subunit B'
3 polymer "5'-D(*CP*AP*TP*GP*AP*AP*T)-3'"
4 polymer "5'-D(P*AP*GP*TP*CP*AP*TP*TP*CP*AP*TP*G)-3'"
5 polymer "5'-D(*CP*GP*TP*GP*CP*AP*T)-3'"
6 polymer "5'-D(P*GP*AP*CP*TP*AP*TP*GP*CP*AP*CP*G)-3'"
7 non-polymer 'MAGNESIUM ION'
8 non-polymer 3-amino-7-{(3R)-3-[(1S)-1-aminoethyl]pyrrolidin-1-yl}-1-cyclopropyl-6-fluoro-8-methylquinazoline-2,4(1H,3H)-dione
9 water water
#
loop_
_entity_poly.entity_id
_entity_poly.type
_entity_poly.pdbx_seq_one_letter_code
_entity_poly.pdbx_strand_id
1 'polypeptide(L)'
;MSNIQNMSLEDIMGERFGRYSKYIIQDRALPDIRDGLKPVQRRILYSMNKDSNTFDKSYRKSAKSVGNIMGNFHPHGDSS
IYDAMVRMSQNWKNREILVEMHGNNGSMDGDPPAAMRYTEARLSEIAGYLLQDIEKKTVPFAWNFDDTEKEPTVLPAAFP
NLLVNGSTGISAGYATDIPPHNLAEVIDAAVYMIDHPTAKIDKLMEFLPGPDFPTGAIIQGRDEIKKAYETGKGRVVVRS
KTEIEKLKGGKEQIVITEIPYEINKANLVKKIDDVRVNNKVAGIAEVRDESDRDGLRIAIELKKDANTELVLNYLFKYTD
LQINYNFNMVAIDNFTPRQVGIVPILSSYIAHRREVILARSRFDKEKAEKRLHIVEGLIRVISILDEVIALIRASENKAD
AKENLKVSYDFTEEQAEAIVTLQLYRLTNTDVVVLQEEEAELREKIAMLAAIIGDERTMYNLMKKELREVKKKFATPRLS
SLEDTAKALEHHHHHH
;
A,B
2 'polypeptide(L)'
;MGHHHHHHHHHHSSGHIDDDDKHMKNKKDKGLLSGKLTPAQSKNPAKNELYLVEGDSAGGSAKQGRDRKFQAILPLRGKV
INTAKAKMADILKNEEINTMIYTIGAGVGADFSIEDANYDKIIIMTDADTDGAHIQTLLLTFFYRYMRPLVEAGHVYIAL
PPLYKMSKGKGKKEEVAYAWTDGELEELRKQFGKGATLQRYKGLGEMNADQLWETTMNPETRTLIRVTIEDLARAERRVN
VLMGDKVEPRRKWIEDNVKFTLEEATVF
;
C,D
3 'polydeoxyribonucleotide' (DC)(DA)(DT)(DG)(DA)(DA)(DT) E
4 'polydeoxyribonucleotide' (DA)(DG)(DT)(DC)(DA)(DT)(DT)(DC)(DA)(DT)(DG) F
5 'polydeoxyribonucleotide' (DC)(DG)(DT)(DG)(DC)(DA)(DT) G
6 'polydeoxyribonucleotide' (DG)(DA)(DC)(DT)(DA)(DT)(DG)(DC)(DA)(DC)(DG) H
#
loop_
_chem_comp.id
_chem_comp.type
_chem_comp.name
_chem_comp.formula
DA DNA linking 2'-DEOXYADENOSINE-5'-MONOPHOSPHATE 'C10 H14 N5 O6 P'
DC DNA linking 2'-DEOXYCYTIDINE-5'-MONOPHOSPHATE 'C9 H14 N3 O7 P'
DG DNA linking 2'-DEOXYGUANOSINE-5'-MONOPHOSPHATE 'C10 H14 N5 O7 P'
DT DNA linking THYMIDINE-5'-MONOPHOSPHATE 'C10 H15 N2 O8 P'
MG non-polymer 'MAGNESIUM ION' 'Mg 2'
PDQ non-polymer 3-amino-7-{(3R)-3-[(1S)-1-aminoethyl]pyrrolidin-1-yl}-1-cyclopropyl-6-fluoro-8-methylquinazoline-2,4(1H,3H)-dione 'C18 H24 F N5 O2'
#
# COMPACT_ATOMS: atom_id res chain seq x y z
N ASN A 3 -24.24 7.52 -30.88
CA ASN A 3 -22.86 7.98 -31.00
C ASN A 3 -22.71 9.49 -30.69
N ILE A 4 -23.84 10.19 -30.49
CA ILE A 4 -23.82 11.59 -30.04
C ILE A 4 -25.14 12.12 -29.46
N GLN A 5 -25.09 12.59 -28.22
CA GLN A 5 -26.24 13.16 -27.53
C GLN A 5 -25.99 14.63 -27.15
N ASN A 6 -27.00 15.47 -27.26
CA ASN A 6 -26.86 16.88 -26.89
C ASN A 6 -27.33 17.17 -25.47
N MET A 7 -26.50 17.86 -24.70
CA MET A 7 -26.89 18.37 -23.40
C MET A 7 -26.58 19.87 -23.39
N SER A 8 -27.39 20.65 -22.67
CA SER A 8 -27.14 22.07 -22.53
C SER A 8 -26.01 22.31 -21.55
N LEU A 9 -25.35 23.46 -21.66
CA LEU A 9 -24.40 23.90 -20.64
C LEU A 9 -25.08 23.97 -19.27
N GLU A 10 -26.12 24.80 -19.18
CA GLU A 10 -26.87 24.95 -17.94
C GLU A 10 -27.24 23.58 -17.36
N ASP A 11 -27.49 22.62 -18.24
CA ASP A 11 -27.89 21.29 -17.81
C ASP A 11 -26.73 20.43 -17.29
N ILE A 12 -25.67 20.29 -18.08
CA ILE A 12 -24.49 19.53 -17.67
C ILE A 12 -23.87 20.16 -16.43
N MET A 13 -23.51 21.45 -16.52
CA MET A 13 -22.96 22.20 -15.40
C MET A 13 -23.76 22.00 -14.12
N GLY A 14 -25.03 21.68 -14.28
CA GLY A 14 -25.92 21.46 -13.15
C GLY A 14 -25.76 20.10 -12.53
N GLU A 15 -25.97 19.04 -13.32
CA GLU A 15 -25.80 17.66 -12.85
C GLU A 15 -24.42 17.45 -12.22
N ARG A 16 -23.38 17.89 -12.93
CA ARG A 16 -22.00 17.71 -12.49
C ARG A 16 -21.73 18.31 -11.12
N PHE A 17 -21.95 19.63 -11.02
CA PHE A 17 -21.65 20.32 -9.78
C PHE A 17 -22.51 19.85 -8.62
N GLY A 18 -23.68 19.31 -8.96
CA GLY A 18 -24.61 18.80 -7.98
C GLY A 18 -24.12 17.48 -7.46
N ARG A 19 -23.73 16.60 -8.37
CA ARG A 19 -23.17 15.30 -8.03
C ARG A 19 -21.97 15.49 -7.12
N TYR A 20 -21.11 16.42 -7.50
CA TYR A 20 -19.87 16.65 -6.76
C TYR A 20 -20.10 17.35 -5.43
N SER A 21 -20.82 18.46 -5.45
CA SER A 21 -21.12 19.20 -4.23
C SER A 21 -21.63 18.23 -3.16
N LYS A 22 -22.64 17.45 -3.51
CA LYS A 22 -23.27 16.53 -2.57
C LYS A 22 -22.29 15.58 -1.90
N TYR A 23 -21.44 14.95 -2.73
CA TYR A 23 -20.50 13.93 -2.25
C TYR A 23 -19.50 14.54 -1.33
N ILE A 24 -19.00 15.72 -1.72
CA ILE A 24 -17.97 16.45 -0.99
C ILE A 24 -18.51 16.89 0.38
N ILE A 25 -19.83 17.09 0.45
CA ILE A 25 -20.46 17.49 1.69
C ILE A 25 -20.78 16.29 2.60
N GLN A 26 -21.53 15.33 2.06
CA GLN A 26 -21.90 14.15 2.84
C GLN A 26 -20.75 13.18 3.14
N ASP A 27 -19.84 13.04 2.17
CA ASP A 27 -18.90 11.93 2.16
C ASP A 27 -17.42 12.31 2.00
N ARG A 28 -17.03 13.51 2.42
CA ARG A 28 -15.62 13.88 2.36
C ARG A 28 -15.15 14.76 3.50
N ALA A 29 -15.53 16.04 3.43
CA ALA A 29 -14.88 17.05 4.24
C ALA A 29 -15.49 17.24 5.62
N LEU A 30 -16.80 17.01 5.74
CA LEU A 30 -17.49 17.30 6.99
C LEU A 30 -17.69 16.03 7.81
N PRO A 31 -17.58 16.15 9.15
CA PRO A 31 -17.73 15.00 10.06
C PRO A 31 -19.18 14.69 10.41
N ASP A 32 -19.45 13.42 10.72
CA ASP A 32 -20.78 13.02 11.19
C ASP A 32 -20.89 13.62 12.58
N ILE A 33 -22.02 14.23 12.87
CA ILE A 33 -22.25 14.89 14.15
C ILE A 33 -22.21 13.94 15.36
N ARG A 34 -22.42 12.65 15.13
CA ARG A 34 -22.45 11.66 16.22
C ARG A 34 -21.10 11.10 16.68
N ASP A 35 -20.28 10.62 15.75
CA ASP A 35 -18.96 10.10 16.12
C ASP A 35 -17.81 11.03 15.71
N GLY A 36 -18.16 12.12 15.05
CA GLY A 36 -17.24 13.20 14.79
C GLY A 36 -16.13 12.83 13.82
N LEU A 37 -16.43 11.86 12.96
CA LEU A 37 -15.44 11.34 12.02
C LEU A 37 -15.84 11.67 10.60
N LYS A 38 -14.84 11.91 9.76
CA LYS A 38 -15.09 11.95 8.32
C LYS A 38 -14.96 10.53 7.77
N PRO A 39 -15.60 10.24 6.64
CA PRO A 39 -15.54 8.89 6.06
C PRO A 39 -14.13 8.26 6.06
N VAL A 40 -13.13 8.96 5.55
CA VAL A 40 -11.79 8.39 5.47
C VAL A 40 -11.34 7.89 6.82
N GLN A 41 -11.62 8.67 7.86
CA GLN A 41 -11.14 8.35 9.19
C GLN A 41 -11.87 7.14 9.74
N ARG A 42 -13.20 7.10 9.57
CA ARG A 42 -14.02 5.98 10.00
C ARG A 42 -13.50 4.69 9.39
N ARG A 43 -13.22 4.73 8.09
CA ARG A 43 -12.66 3.58 7.38
C ARG A 43 -11.31 3.17 7.91
N ILE A 44 -10.42 4.14 8.09
CA ILE A 44 -9.15 3.84 8.73
C ILE A 44 -9.40 3.06 10.02
N LEU A 45 -10.28 3.55 10.88
CA LEU A 45 -10.48 2.89 12.16
C LEU A 45 -11.13 1.54 12.02
N TYR A 46 -12.26 1.48 11.31
CA TYR A 46 -12.93 0.19 11.13
C TYR A 46 -12.01 -0.88 10.54
N SER A 47 -11.32 -0.54 9.45
CA SER A 47 -10.41 -1.46 8.81
C SER A 47 -9.35 -1.96 9.80
N MET A 48 -8.49 -1.08 10.28
CA MET A 48 -7.48 -1.49 11.22
C MET A 48 -8.02 -2.36 12.33
N ASN A 49 -9.27 -2.11 12.72
CA ASN A 49 -9.83 -2.83 13.84
C ASN A 49 -10.26 -4.21 13.43
N LYS A 50 -10.88 -4.30 12.25
CA LYS A 50 -11.30 -5.58 11.67
C LYS A 50 -10.10 -6.47 11.53
N ASP A 51 -8.95 -5.85 11.30
CA ASP A 51 -7.70 -6.55 11.08
C ASP A 51 -6.88 -6.77 12.34
N SER A 52 -7.50 -6.57 13.50
CA SER A 52 -6.89 -6.90 14.78
C SER A 52 -5.65 -6.09 15.11
N ASN A 53 -5.52 -4.96 14.43
CA ASN A 53 -4.36 -4.09 14.54
C ASN A 53 -4.59 -3.07 15.67
N THR A 54 -4.54 -3.57 16.91
CA THR A 54 -5.02 -2.78 18.04
C THR A 54 -3.95 -2.53 19.10
N PHE A 55 -4.29 -1.79 20.13
CA PHE A 55 -3.30 -1.18 21.03
C PHE A 55 -2.54 -2.20 21.87
N ASP A 56 -3.09 -3.40 21.96
CA ASP A 56 -2.60 -4.45 22.85
C ASP A 56 -1.80 -5.48 22.05
N LYS A 57 -1.68 -5.20 20.77
CA LYS A 57 -0.99 -6.04 19.82
C LYS A 57 0.09 -5.23 19.09
N SER A 58 1.03 -5.91 18.44
CA SER A 58 2.19 -5.23 17.88
C SER A 58 1.85 -4.42 16.65
N TYR A 59 2.66 -3.38 16.39
CA TYR A 59 2.37 -2.48 15.29
C TYR A 59 2.51 -3.19 13.95
N ARG A 60 1.71 -2.77 12.97
CA ARG A 60 1.82 -3.26 11.58
C ARG A 60 2.42 -2.18 10.70
N LYS A 61 3.03 -2.61 9.60
CA LYS A 61 3.53 -1.67 8.61
C LYS A 61 2.38 -0.77 8.12
N SER A 62 2.62 0.53 8.12
CA SER A 62 1.59 1.47 7.69
C SER A 62 1.04 1.15 6.30
N ALA A 63 1.91 0.73 5.40
CA ALA A 63 1.49 0.46 4.03
C ALA A 63 0.52 -0.70 3.96
N LYS A 64 0.60 -1.63 4.92
CA LYS A 64 -0.28 -2.78 4.87
C LYS A 64 -1.70 -2.33 5.18
N SER A 65 -1.80 -1.49 6.20
CA SER A 65 -3.06 -0.90 6.62
C SER A 65 -3.65 -0.07 5.52
N VAL A 66 -2.84 0.85 5.00
CA VAL A 66 -3.31 1.74 3.95
C VAL A 66 -3.83 0.96 2.77
N GLY A 67 -3.15 -0.13 2.43
CA GLY A 67 -3.53 -0.94 1.30
C GLY A 67 -4.90 -1.56 1.50
N ASN A 68 -5.14 -2.05 2.70
CA ASN A 68 -6.38 -2.76 2.96
C ASN A 68 -7.58 -1.83 3.01
N ILE A 69 -7.35 -0.60 3.50
CA ILE A 69 -8.37 0.43 3.49
C ILE A 69 -8.78 0.73 2.06
N MET A 70 -7.78 1.06 1.25
CA MET A 70 -7.96 1.28 -0.19
C MET A 70 -8.66 0.12 -0.91
N GLY A 71 -8.17 -1.10 -0.74
CA GLY A 71 -8.74 -2.24 -1.43
C GLY A 71 -10.13 -2.62 -0.95
N ASN A 72 -10.44 -2.23 0.28
CA ASN A 72 -11.67 -2.72 0.87
C ASN A 72 -12.76 -1.69 1.01
N PHE A 73 -12.40 -0.50 1.47
CA PHE A 73 -13.40 0.51 1.83
C PHE A 73 -13.27 1.86 1.13
N HIS A 74 -12.09 2.46 1.15
CA HIS A 74 -11.88 3.80 0.60
C HIS A 74 -11.36 3.79 -0.81
N PRO A 75 -12.14 4.29 -1.74
CA PRO A 75 -11.78 4.29 -3.16
C PRO A 75 -10.99 5.54 -3.59
N HIS A 76 -9.95 5.90 -2.86
CA HIS A 76 -9.20 7.11 -3.21
C HIS A 76 -7.70 6.96 -3.05
N GLY A 77 -6.99 8.05 -3.30
CA GLY A 77 -5.54 8.01 -3.31
C GLY A 77 -4.99 7.45 -2.02
N ASP A 78 -3.84 6.82 -2.09
CA ASP A 78 -3.23 6.32 -0.88
C ASP A 78 -2.64 7.48 -0.08
N SER A 79 -2.31 8.58 -0.72
CA SER A 79 -1.72 9.66 0.05
C SER A 79 -2.77 10.28 0.97
N SER A 80 -3.97 10.49 0.45
CA SER A 80 -5.06 10.99 1.27
C SER A 80 -5.23 10.11 2.50
N ILE A 81 -5.31 8.81 2.28
CA ILE A 81 -5.55 7.87 3.36
C ILE A 81 -4.42 7.91 4.39
N TYR A 82 -3.19 7.96 3.93
CA TYR A 82 -2.08 7.92 4.86
C TYR A 82 -1.95 9.24 5.61
N ASP A 83 -2.14 10.34 4.92
CA ASP A 83 -2.00 11.63 5.57
C ASP A 83 -3.04 11.79 6.64
N ALA A 84 -4.22 11.19 6.39
CA ALA A 84 -5.29 11.13 7.38
C ALA A 84 -4.89 10.33 8.61
N MET A 85 -4.35 9.13 8.37
CA MET A 85 -3.84 8.24 9.39
C MET A 85 -2.75 8.92 10.24
N VAL A 86 -1.92 9.73 9.59
CA VAL A 86 -0.75 10.25 10.27
C VAL A 86 -1.22 11.38 11.15
N ARG A 87 -2.31 12.02 10.73
CA ARG A 87 -2.82 13.13 11.51
C ARG A 87 -3.46 12.61 12.80
N MET A 88 -4.16 11.50 12.70
CA MET A 88 -4.77 10.88 13.87
C MET A 88 -3.72 10.38 14.86
N SER A 89 -2.45 10.52 14.50
CA SER A 89 -1.38 9.98 15.32
C SER A 89 -0.56 11.08 15.95
N GLN A 90 -0.84 12.32 15.54
CA GLN A 90 -0.09 13.50 15.99
C GLN A 90 -0.76 14.17 17.16
N ASN A 91 -0.14 14.11 18.32
CA ASN A 91 -0.77 14.66 19.51
C ASN A 91 -0.66 16.17 19.70
N TRP A 92 -0.31 16.90 18.64
CA TRP A 92 -0.39 18.36 18.63
C TRP A 92 -1.49 18.80 17.66
N LYS A 93 -2.27 17.82 17.21
CA LYS A 93 -3.47 18.10 16.42
C LYS A 93 -4.67 17.46 17.09
N ASN A 94 -4.54 16.19 17.49
CA ASN A 94 -5.62 15.55 18.24
C ASN A 94 -5.47 15.62 19.77
N ARG A 95 -6.52 16.05 20.46
CA ARG A 95 -6.51 16.12 21.92
C ARG A 95 -6.41 14.72 22.51
N GLU A 96 -7.09 13.79 21.86
CA GLU A 96 -7.00 12.39 22.24
C GLU A 96 -6.74 11.58 20.96
N ILE A 97 -5.54 11.04 20.81
CA ILE A 97 -5.14 10.46 19.53
C ILE A 97 -5.68 9.06 19.28
N LEU A 98 -6.10 8.79 18.05
CA LEU A 98 -6.74 7.53 17.72
C LEU A 98 -5.81 6.49 17.07
N VAL A 99 -4.63 6.93 16.67
CA VAL A 99 -3.68 6.03 16.04
C VAL A 99 -2.31 6.23 16.65
N GLU A 100 -1.70 5.14 17.10
CA GLU A 100 -0.32 5.15 17.55
C GLU A 100 0.58 4.77 16.38
N MET A 101 1.61 5.57 16.15
CA MET A 101 2.49 5.38 15.01
C MET A 101 3.96 5.42 15.43
N HIS A 102 4.73 4.41 15.00
CA HIS A 102 6.17 4.37 15.25
C HIS A 102 6.95 5.01 14.12
N GLY A 103 7.89 5.87 14.49
CA GLY A 103 8.73 6.51 13.50
C GLY A 103 8.48 7.99 13.34
N ASN A 104 8.81 8.50 12.17
CA ASN A 104 8.70 9.92 11.92
C ASN A 104 7.32 10.22 11.42
N ASN A 105 6.44 10.60 12.33
CA ASN A 105 5.09 10.97 11.92
C ASN A 105 4.92 12.47 11.93
N GLY A 106 6.04 13.18 11.89
CA GLY A 106 6.01 14.63 11.80
C GLY A 106 6.39 15.30 13.10
N SER A 107 6.28 16.62 13.12
CA SER A 107 6.61 17.40 14.30
C SER A 107 5.81 18.70 14.31
N MET A 108 5.91 19.45 15.41
CA MET A 108 5.33 20.78 15.43
C MET A 108 6.05 21.75 14.47
N ASP A 109 7.22 21.36 13.98
CA ASP A 109 7.91 22.20 13.01
C ASP A 109 7.41 21.90 11.61
N GLY A 110 6.36 21.09 11.55
CA GLY A 110 5.66 20.87 10.30
C GLY A 110 6.51 20.21 9.25
N ASP A 111 7.60 19.58 9.69
CA ASP A 111 8.42 18.82 8.77
C ASP A 111 7.72 17.51 8.38
N PRO A 112 8.03 17.00 7.18
CA PRO A 112 7.30 15.89 6.54
C PRO A 112 7.51 14.60 7.28
N PRO A 113 6.41 13.88 7.53
CA PRO A 113 6.42 12.53 8.11
C PRO A 113 7.10 11.54 7.17
N ALA A 114 7.70 10.51 7.75
CA ALA A 114 8.20 9.37 6.99
C ALA A 114 7.06 8.79 6.16
N ALA A 115 7.37 8.30 4.97
CA ALA A 115 6.34 7.72 4.10
C ALA A 115 5.90 6.34 4.58
N MET A 116 4.74 5.88 4.09
CA MET A 116 4.13 4.70 4.67
C MET A 116 4.97 3.43 4.55
N ARG A 117 6.07 3.49 3.81
CA ARG A 117 6.97 2.36 3.74
C ARG A 117 7.82 2.29 5.01
N TYR A 118 8.00 3.42 5.67
CA TYR A 118 8.86 3.49 6.86
C TYR A 118 8.15 3.22 8.18
N THR A 119 6.91 3.67 8.30
CA THR A 119 6.26 3.71 9.60
C THR A 119 5.42 2.48 9.93
N GLU A 120 5.06 2.35 11.20
CA GLU A 120 4.08 1.34 11.58
C GLU A 120 3.07 1.90 12.57
N ALA A 121 1.93 1.23 12.68
CA ALA A 121 0.83 1.79 13.44
C ALA A 121 -0.05 0.75 14.07
N ARG A 122 -0.77 1.18 15.09
CA ARG A 122 -1.90 0.43 15.59
C ARG A 122 -2.89 1.47 16.08
N LEU A 123 -4.11 1.04 16.38
CA LEU A 123 -5.09 1.90 17.00
C LEU A 123 -4.69 2.18 18.45
N SER A 124 -5.05 3.36 18.94
CA SER A 124 -4.79 3.74 20.32
C SER A 124 -5.82 3.03 21.17
N GLU A 125 -5.60 2.98 22.47
CA GLU A 125 -6.55 2.27 23.33
C GLU A 125 -7.93 2.94 23.31
N ILE A 126 -7.95 4.27 23.43
CA ILE A 126 -9.20 5.00 23.37
C ILE A 126 -9.94 4.76 22.06
N ALA A 127 -9.18 4.66 20.96
CA ALA A 127 -9.78 4.34 19.67
C ALA A 127 -10.65 3.10 19.82
N GLY A 128 -10.20 2.18 20.66
CA GLY A 128 -10.99 1.01 20.94
C GLY A 128 -12.41 1.38 21.30
N TYR A 129 -12.54 2.41 22.12
CA TYR A 129 -13.85 2.77 22.61
C TYR A 129 -14.75 3.40 21.56
N LEU A 130 -14.19 3.95 20.50
CA LEU A 130 -15.05 4.39 19.40
C LEU A 130 -15.70 3.20 18.66
N LEU A 131 -15.09 2.02 18.80
CA LEU A 131 -15.53 0.85 18.04
C LEU A 131 -16.22 -0.16 18.92
N GLN A 132 -16.27 0.15 20.21
CA GLN A 132 -16.82 -0.78 21.18
C GLN A 132 -18.19 -1.29 20.74
N ASP A 133 -18.34 -2.61 20.73
CA ASP A 133 -19.63 -3.22 20.46
C ASP A 133 -20.05 -3.15 19.00
N ILE A 134 -19.11 -2.84 18.12
CA ILE A 134 -19.43 -2.78 16.69
C ILE A 134 -19.89 -4.14 16.17
N GLU A 135 -19.49 -5.20 16.86
CA GLU A 135 -19.80 -6.55 16.43
C GLU A 135 -21.14 -7.04 16.96
N LYS A 136 -21.92 -6.13 17.52
CA LYS A 136 -23.19 -6.50 18.11
C LYS A 136 -24.35 -5.90 17.35
N LYS A 137 -24.16 -5.67 16.05
CA LYS A 137 -25.17 -5.03 15.21
C LYS A 137 -25.74 -3.77 15.89
N THR A 138 -24.84 -2.88 16.36
CA THR A 138 -25.27 -1.68 17.09
C THR A 138 -25.37 -0.45 16.20
N VAL A 139 -24.99 -0.60 14.94
CA VAL A 139 -24.88 0.56 14.10
C VAL A 139 -25.13 0.17 12.65
N PRO A 140 -25.71 1.08 11.85
CA PRO A 140 -26.07 0.83 10.43
C PRO A 140 -24.87 0.45 9.57
N PHE A 141 -24.98 -0.62 8.78
CA PHE A 141 -23.92 -0.95 7.85
C PHE A 141 -24.40 -0.74 6.42
N ALA A 142 -23.48 -0.56 5.49
CA ALA A 142 -23.81 -0.50 4.07
C ALA A 142 -22.72 -1.17 3.27
N TRP A 143 -22.97 -1.43 1.99
CA TRP A 143 -21.98 -2.10 1.16
C TRP A 143 -20.87 -1.13 0.77
N ASN A 144 -19.68 -1.68 0.56
CA ASN A 144 -18.57 -0.94 0.00
C ASN A 144 -18.71 -0.90 -1.51
N PHE A 145 -17.94 -0.06 -2.19
CA PHE A 145 -17.98 0.00 -3.64
C PHE A 145 -18.02 -1.39 -4.30
N ASP A 146 -17.06 -2.25 -3.92
CA ASP A 146 -16.96 -3.62 -4.42
C ASP A 146 -18.26 -4.40 -4.39
N ASP A 147 -19.17 -3.99 -3.51
CA ASP A 147 -20.29 -4.84 -3.10
C ASP A 147 -19.84 -6.21 -2.62
N THR A 148 -18.66 -6.24 -2.01
CA THR A 148 -18.10 -7.48 -1.50
C THR A 148 -18.17 -7.46 0.03
N GLU A 149 -18.24 -6.26 0.60
CA GLU A 149 -18.17 -6.09 2.04
C GLU A 149 -19.09 -4.99 2.53
N LYS A 150 -19.70 -5.25 3.68
CA LYS A 150 -20.45 -4.23 4.38
C LYS A 150 -19.46 -3.41 5.24
N GLU A 151 -19.75 -2.12 5.39
CA GLU A 151 -18.98 -1.25 6.27
C GLU A 151 -19.94 -0.40 7.09
N PRO A 152 -19.51 0.06 8.27
CA PRO A 152 -20.36 0.88 9.13
C PRO A 152 -20.47 2.29 8.58
N THR A 153 -21.62 2.94 8.76
CA THR A 153 -21.82 4.30 8.31
C THR A 153 -21.57 5.31 9.44
N VAL A 154 -21.46 4.78 10.66
CA VAL A 154 -21.12 5.55 11.86
C VAL A 154 -20.66 4.58 12.96
N LEU A 155 -19.73 4.99 13.80
CA LEU A 155 -19.27 4.09 14.86
C LEU A 155 -20.03 4.27 16.18
N PRO A 156 -20.13 3.21 16.99
CA PRO A 156 -20.73 3.21 18.33
C PRO A 156 -20.39 4.44 19.20
N ALA A 157 -19.12 4.85 19.22
CA ALA A 157 -18.71 6.06 19.91
C ALA A 157 -18.98 6.08 21.44
N ALA A 158 -18.28 5.25 22.18
CA ALA A 158 -18.41 5.22 23.62
C ALA A 158 -17.86 6.49 24.27
N PHE A 159 -17.37 7.43 23.47
CA PHE A 159 -17.09 8.79 23.97
C PHE A 159 -17.35 9.77 22.82
N PRO A 160 -17.78 11.00 23.14
CA PRO A 160 -18.20 12.00 22.13
C PRO A 160 -17.04 12.71 21.40
N ASN A 161 -16.53 12.01 20.38
CA ASN A 161 -15.28 12.34 19.68
C ASN A 161 -15.33 13.70 18.98
N LEU A 162 -16.49 14.04 18.41
CA LEU A 162 -16.64 15.31 17.69
C LEU A 162 -16.13 16.51 18.46
N LEU A 163 -16.44 16.58 19.76
CA LEU A 163 -15.97 17.70 20.57
C LEU A 163 -14.61 17.45 21.18
N VAL A 164 -14.35 16.23 21.63
CA VAL A 164 -13.02 15.95 22.17
C VAL A 164 -11.91 16.23 21.16
N ASN A 165 -12.11 15.81 19.91
CA ASN A 165 -11.05 15.95 18.91
C ASN A 165 -11.25 17.04 17.88
N GLY A 166 -12.49 17.48 17.70
CA GLY A 166 -12.74 18.55 16.78
C GLY A 166 -12.62 18.11 15.34
N SER A 167 -12.60 19.08 14.43
CA SER A 167 -12.66 18.80 13.01
C SER A 167 -12.45 20.04 12.16
N THR A 168 -11.86 19.86 10.99
CA THR A 168 -11.72 20.92 9.98
C THR A 168 -11.46 20.21 8.65
N GLY A 169 -12.12 20.56 7.55
CA GLY A 169 -13.17 21.54 7.48
C GLY A 169 -13.25 22.38 6.19
N ILE A 170 -13.25 21.77 5.00
CA ILE A 170 -13.52 22.53 3.75
C ILE A 170 -14.22 21.76 2.62
N SER A 171 -15.49 22.08 2.40
CA SER A 171 -16.34 21.35 1.48
C SER A 171 -16.73 22.30 0.34
N ALA A 172 -17.92 22.11 -0.24
CA ALA A 172 -18.46 23.07 -1.20
C ALA A 172 -19.73 23.66 -0.59
N GLY A 173 -19.79 24.99 -0.52
CA GLY A 173 -20.92 25.66 0.10
C GLY A 173 -20.81 25.74 1.61
N TYR A 174 -19.99 24.85 2.19
CA TYR A 174 -19.78 24.85 3.64
C TYR A 174 -18.33 24.48 4.04
N ALA A 175 -17.93 24.92 5.22
CA ALA A 175 -16.64 24.54 5.78
C ALA A 175 -16.83 24.30 7.28
N THR A 176 -15.77 23.92 7.96
CA THR A 176 -15.87 23.49 9.34
C THR A 176 -14.63 23.84 10.15
N ASP A 177 -14.86 24.30 11.37
CA ASP A 177 -13.80 24.38 12.37
C ASP A 177 -14.38 24.14 13.74
N ILE A 178 -14.08 22.97 14.30
CA ILE A 178 -14.47 22.59 15.64
C ILE A 178 -13.19 22.32 16.42
N PRO A 179 -13.01 22.99 17.56
CA PRO A 179 -11.75 22.80 18.28
C PRO A 179 -11.81 21.61 19.24
N PRO A 180 -10.64 21.14 19.69
CA PRO A 180 -10.57 20.05 20.66
C PRO A 180 -11.12 20.47 22.01
N HIS A 181 -11.74 19.55 22.72
CA HIS A 181 -12.13 19.84 24.07
C HIS A 181 -11.62 18.77 25.01
N ASN A 182 -11.46 19.14 26.26
CA ASN A 182 -11.11 18.20 27.32
C ASN A 182 -12.18 17.09 27.51
N LEU A 183 -11.76 15.83 27.55
CA LEU A 183 -12.66 14.68 27.59
C LEU A 183 -13.51 14.66 28.85
N ALA A 184 -12.85 14.77 30.01
CA ALA A 184 -13.59 14.77 31.28
C ALA A 184 -14.70 15.82 31.28
N GLU A 185 -14.38 17.00 30.76
CA GLU A 185 -15.36 18.09 30.69
C GLU A 185 -16.54 17.80 29.77
N VAL A 186 -16.27 17.36 28.55
CA VAL A 186 -17.34 17.08 27.62
C VAL A 186 -18.27 16.04 28.23
N ILE A 187 -17.68 15.10 28.95
CA ILE A 187 -18.50 14.03 29.50
C ILE A 187 -19.37 14.53 30.66
N ASP A 188 -18.78 15.36 31.52
CA ASP A 188 -19.56 15.96 32.59
C ASP A 188 -20.79 16.68 32.02
N ALA A 189 -20.60 17.39 30.93
CA ALA A 189 -21.71 18.08 30.31
C ALA A 189 -22.72 17.08 29.75
N ALA A 190 -22.23 16.02 29.16
CA ALA A 190 -23.14 15.08 28.54
C ALA A 190 -23.96 14.37 29.62
N VAL A 191 -23.30 14.03 30.72
CA VAL A 191 -23.97 13.34 31.81
C VAL A 191 -25.08 14.25 32.32
N TYR A 192 -24.73 15.51 32.55
CA TYR A 192 -25.70 16.49 33.01
C TYR A 192 -26.90 16.54 32.09
N MET A 193 -26.64 16.70 30.80
CA MET A 193 -27.70 16.83 29.83
C MET A 193 -28.54 15.57 29.73
N ILE A 194 -28.01 14.46 30.23
CA ILE A 194 -28.80 13.25 30.17
C ILE A 194 -29.90 13.36 31.20
N ASP A 195 -29.53 13.85 32.37
CA ASP A 195 -30.45 14.09 33.48
C ASP A 195 -31.34 15.32 33.25
N HIS A 196 -30.83 16.27 32.47
CA HIS A 196 -31.51 17.53 32.24
C HIS A 196 -31.54 17.91 30.77
N PRO A 197 -32.36 17.22 29.99
CA PRO A 197 -32.47 17.37 28.53
C PRO A 197 -32.51 18.81 28.08
N THR A 198 -33.29 19.62 28.79
CA THR A 198 -33.56 20.99 28.37
C THR A 198 -32.55 21.98 28.93
N ALA A 199 -31.37 21.49 29.26
CA ALA A 199 -30.35 22.32 29.88
C ALA A 199 -29.96 23.51 28.98
N LYS A 200 -29.68 24.65 29.61
CA LYS A 200 -29.24 25.85 28.90
C LYS A 200 -27.69 26.00 28.85
N ILE A 201 -27.19 26.65 27.80
CA ILE A 201 -25.74 26.81 27.61
C ILE A 201 -25.01 27.30 28.86
N ASP A 202 -25.57 28.31 29.50
CA ASP A 202 -24.88 28.96 30.61
C ASP A 202 -24.54 27.94 31.67
N LYS A 203 -25.48 27.01 31.87
CA LYS A 203 -25.33 25.94 32.84
C LYS A 203 -24.32 24.91 32.34
N LEU A 204 -24.43 24.54 31.06
CA LEU A 204 -23.54 23.55 30.47
C LEU A 204 -22.09 24.01 30.58
N MET A 205 -21.86 25.30 30.37
CA MET A 205 -20.50 25.83 30.37
C MET A 205 -19.87 25.80 31.77
N GLU A 206 -20.65 25.36 32.75
CA GLU A 206 -20.12 25.17 34.10
C GLU A 206 -19.25 23.95 34.06
N PHE A 207 -19.68 23.00 33.24
CA PHE A 207 -18.98 21.75 33.03
C PHE A 207 -17.98 21.85 31.88
N LEU A 208 -18.42 22.47 30.79
CA LEU A 208 -17.66 22.57 29.54
C LEU A 208 -17.39 24.04 29.26
N PRO A 209 -16.45 24.61 30.01
CA PRO A 209 -16.07 26.03 30.06
C PRO A 209 -15.59 26.56 28.71
N GLY A 210 -14.95 25.70 27.93
CA GLY A 210 -14.33 26.11 26.68
C GLY A 210 -13.32 25.09 26.18
N PRO A 211 -12.81 25.31 24.96
CA PRO A 211 -11.95 24.36 24.25
C PRO A 211 -10.69 24.04 25.05
N ASP A 212 -10.11 22.87 24.83
CA ASP A 212 -8.84 22.51 25.47
C ASP A 212 -7.84 22.02 24.42
N PHE A 213 -7.03 22.94 23.91
CA PHE A 213 -6.08 22.60 22.86
C PHE A 213 -4.96 21.68 23.36
N PRO A 214 -4.62 20.67 22.56
CA PRO A 214 -3.53 19.74 22.88
C PRO A 214 -2.21 20.49 23.03
N THR A 215 -2.09 21.63 22.36
CA THR A 215 -0.89 22.47 22.42
C THR A 215 -0.91 23.44 23.61
N GLY A 216 -1.97 23.40 24.39
CA GLY A 216 -2.13 24.31 25.52
C GLY A 216 -2.32 25.74 25.07
N ALA A 217 -1.79 26.67 25.87
CA ALA A 217 -1.85 28.09 25.58
C ALA A 217 -2.97 28.78 26.33
N ILE A 218 -3.15 30.06 26.02
CA ILE A 218 -4.18 30.87 26.64
C ILE A 218 -5.33 31.19 25.68
N ILE A 219 -6.52 30.85 26.10
CA ILE A 219 -7.72 31.15 25.34
C ILE A 219 -8.44 32.33 26.00
N GLN A 220 -8.63 33.41 25.23
CA GLN A 220 -9.29 34.60 25.73
C GLN A 220 -10.61 34.86 25.02
N GLY A 221 -11.68 35.04 25.81
CA GLY A 221 -12.95 35.52 25.28
C GLY A 221 -14.20 34.77 25.68
N ARG A 222 -14.53 34.73 26.98
CA ARG A 222 -15.69 33.95 27.43
C ARG A 222 -16.98 34.30 26.70
N ASP A 223 -17.12 35.55 26.28
CA ASP A 223 -18.35 35.97 25.58
C ASP A 223 -18.47 35.29 24.22
N GLU A 224 -17.38 35.32 23.46
CA GLU A 224 -17.37 34.70 22.13
C GLU A 224 -17.44 33.16 22.20
N ILE A 225 -16.79 32.57 23.19
CA ILE A 225 -16.98 31.14 23.46
C ILE A 225 -18.47 30.80 23.62
N LYS A 226 -19.13 31.51 24.52
CA LYS A 226 -20.57 31.36 24.71
C LYS A 226 -21.24 31.55 23.34
N LYS A 227 -20.82 32.57 22.59
CA LYS A 227 -21.49 32.84 21.32
C LYS A 227 -21.45 31.63 20.40
N ALA A 228 -20.30 30.95 20.38
CA ALA A 228 -20.09 29.80 19.52
C ALA A 228 -20.88 28.59 19.99
N TYR A 229 -20.88 28.35 21.30
CA TYR A 229 -21.68 27.27 21.85
C TYR A 229 -23.18 27.43 21.59
N GLU A 230 -23.60 28.68 21.32
CA GLU A 230 -24.98 28.97 21.02
C GLU A 230 -25.31 28.85 19.54
N THR A 231 -24.43 29.38 18.69
CA THR A 231 -24.73 29.46 17.26
C THR A 231 -23.78 28.67 16.38
N GLY A 232 -22.72 28.15 16.98
CA GLY A 232 -21.65 27.49 16.25
C GLY A 232 -20.62 28.42 15.61
N LYS A 233 -20.69 29.71 15.90
CA LYS A 233 -19.74 30.68 15.34
C LYS A 233 -19.22 31.58 16.43
N GLY A 234 -18.00 32.09 16.26
CA GLY A 234 -17.36 32.92 17.26
C GLY A 234 -15.85 33.07 17.02
N ARG A 235 -15.33 34.27 17.21
CA ARG A 235 -13.90 34.53 17.10
C ARG A 235 -13.40 34.53 18.54
N VAL A 236 -12.31 33.83 18.79
CA VAL A 236 -11.74 33.78 20.14
C VAL A 236 -10.27 34.08 19.97
N VAL A 237 -9.56 34.42 21.04
CA VAL A 237 -8.13 34.71 20.89
C VAL A 237 -7.30 33.64 21.55
N VAL A 238 -6.28 33.16 20.86
CA VAL A 238 -5.39 32.18 21.46
C VAL A 238 -4.00 32.73 21.52
N ARG A 239 -3.40 32.62 22.70
CA ARG A 239 -2.15 33.30 22.96
C ARG A 239 -1.15 32.49 23.78
N SER A 240 0.12 32.59 23.38
CA SER A 240 1.18 31.79 23.94
C SER A 240 1.41 32.00 25.41
N LYS A 241 1.74 30.90 26.10
CA LYS A 241 2.19 30.93 27.48
C LYS A 241 3.63 31.45 27.50
N THR A 242 3.82 32.54 28.23
CA THR A 242 5.13 33.20 28.29
C THR A 242 5.63 33.40 29.72
N GLU A 243 6.95 33.48 29.86
CA GLU A 243 7.60 33.75 31.13
C GLU A 243 8.70 34.74 30.84
N ILE A 244 9.14 35.46 31.87
CA ILE A 244 10.24 36.41 31.67
C ILE A 244 11.42 36.11 32.57
N GLU A 245 12.48 35.55 31.98
CA GLU A 245 13.70 35.26 32.72
C GLU A 245 14.64 36.47 32.75
N LYS A 246 15.27 36.72 33.89
CA LYS A 246 16.23 37.81 33.98
C LYS A 246 17.65 37.29 33.67
N LEU A 247 18.26 37.83 32.64
CA LEU A 247 19.61 37.41 32.25
C LEU A 247 20.65 38.32 32.91
N LYS A 248 21.92 37.91 32.83
CA LYS A 248 23.03 38.67 33.41
C LYS A 248 23.37 39.93 32.61
N GLY A 249 23.43 41.06 33.30
CA GLY A 249 23.77 42.32 32.66
C GLY A 249 22.57 43.23 32.51
N GLY A 250 21.57 43.01 33.35
CA GLY A 250 20.33 43.79 33.31
C GLY A 250 19.52 43.51 32.06
N LYS A 251 19.79 42.38 31.44
CA LYS A 251 19.09 41.96 30.23
C LYS A 251 17.90 41.11 30.64
N GLU A 252 16.91 41.03 29.76
CA GLU A 252 15.82 40.09 29.97
C GLU A 252 15.66 39.05 28.83
N GLN A 253 14.96 37.98 29.15
CA GLN A 253 14.67 36.93 28.19
C GLN A 253 13.17 36.58 28.27
N ILE A 254 12.48 36.72 27.15
CA ILE A 254 11.10 36.25 27.06
C ILE A 254 11.14 34.77 26.72
N VAL A 255 10.38 33.95 27.43
CA VAL A 255 10.44 32.52 27.16
C VAL A 255 9.09 31.88 26.87
N ILE A 256 8.89 31.56 25.60
CA ILE A 256 7.65 30.95 25.12
C ILE A 256 7.63 29.46 25.37
N THR A 257 6.49 28.93 25.80
CA THR A 257 6.44 27.52 26.20
C THR A 257 5.20 26.78 25.73
N GLU A 258 4.23 27.52 25.23
CA GLU A 258 3.10 26.90 24.55
C GLU A 258 2.66 27.85 23.46
N ILE A 259 2.30 27.30 22.31
CA ILE A 259 1.89 28.16 21.21
C ILE A 259 0.48 27.83 20.76
N PRO A 260 -0.08 28.68 19.92
CA PRO A 260 -1.46 28.46 19.49
C PRO A 260 -1.64 27.19 18.63
N TYR A 261 -2.78 26.56 18.80
CA TYR A 261 -3.23 25.49 17.92
C TYR A 261 -3.04 25.78 16.44
N GLU A 262 -2.56 24.77 15.72
CA GLU A 262 -2.36 24.84 14.27
C GLU A 262 -1.26 25.78 13.77
N ILE A 263 -0.39 26.20 14.67
CA ILE A 263 0.66 27.13 14.27
C ILE A 263 1.97 26.40 14.21
N ASN A 264 2.68 26.54 13.08
CA ASN A 264 3.95 25.85 12.85
C ASN A 264 5.12 26.49 13.60
N LYS A 265 5.68 25.77 14.56
CA LYS A 265 6.68 26.31 15.49
C LYS A 265 7.85 26.93 14.76
N ALA A 266 8.36 26.21 13.77
CA ALA A 266 9.53 26.62 13.01
C ALA A 266 9.29 27.88 12.18
N ASN A 267 8.14 27.95 11.50
CA ASN A 267 7.76 29.18 10.78
C ASN A 267 7.64 30.40 11.67
N LEU A 268 7.14 30.18 12.88
CA LEU A 268 7.00 31.22 13.89
C LEU A 268 8.37 31.80 14.19
N VAL A 269 9.25 30.91 14.64
CA VAL A 269 10.59 31.31 15.04
C VAL A 269 11.25 32.13 13.93
N LYS A 270 11.07 31.72 12.69
CA LYS A 270 11.59 32.49 11.57
C LYS A 270 10.92 33.86 11.54
N LYS A 271 9.59 33.88 11.56
CA LYS A 271 8.87 35.13 11.51
C LYS A 271 9.28 36.10 12.64
N ILE A 272 9.51 35.56 13.83
CA ILE A 272 10.02 36.39 14.94
C ILE A 272 11.40 36.93 14.65
N ASP A 273 12.26 36.11 14.06
CA ASP A 273 13.61 36.54 13.74
C ASP A 273 13.59 37.66 12.68
N ASP A 274 12.69 37.55 11.72
CA ASP A 274 12.60 38.56 10.67
C ASP A 274 12.35 39.89 11.33
N VAL A 275 11.78 39.83 12.53
CA VAL A 275 11.52 41.01 13.32
C VAL A 275 12.84 41.57 13.83
N ARG A 276 13.63 40.73 14.50
CA ARG A 276 14.96 41.13 14.98
C ARG A 276 15.86 41.65 13.87
N VAL A 277 15.81 40.99 12.73
CA VAL A 277 16.67 41.34 11.61
C VAL A 277 16.28 42.66 10.95
N ASN A 278 15.00 42.92 10.82
CA ASN A 278 14.55 44.21 10.29
C ASN A 278 14.39 45.31 11.33
N ASN A 279 14.69 44.99 12.59
CA ASN A 279 14.46 45.95 13.65
C ASN A 279 13.11 46.67 13.49
N LYS A 280 12.06 45.93 13.16
CA LYS A 280 10.73 46.51 13.03
C LYS A 280 10.37 47.12 14.36
N VAL A 281 10.80 46.46 15.42
CA VAL A 281 10.69 47.03 16.75
C VAL A 281 12.06 46.90 17.44
N ALA A 282 12.33 47.77 18.40
CA ALA A 282 13.68 47.87 18.95
C ALA A 282 13.95 46.94 20.14
N GLY A 283 15.12 46.30 20.14
CA GLY A 283 15.59 45.66 21.35
C GLY A 283 15.71 44.14 21.37
N ILE A 284 15.55 43.49 20.22
CA ILE A 284 15.73 42.04 20.18
C ILE A 284 17.19 41.70 19.90
N ALA A 285 17.74 40.86 20.78
CA ALA A 285 19.14 40.50 20.72
C ALA A 285 19.32 39.21 19.96
N GLU A 286 18.48 38.23 20.26
CA GLU A 286 18.60 36.92 19.62
C GLU A 286 17.31 36.12 19.78
N VAL A 287 16.88 35.46 18.69
CA VAL A 287 15.78 34.51 18.78
C VAL A 287 16.34 33.10 18.64
N ARG A 288 15.91 32.20 19.53
CA ARG A 288 16.64 30.95 19.71
C ARG A 288 15.70 29.82 20.12
N ASP A 289 15.45 28.88 19.21
CA ASP A 289 14.61 27.74 19.54
C ASP A 289 15.40 26.75 20.40
N GLU A 290 14.87 26.42 21.56
CA GLU A 290 15.58 25.57 22.50
C GLU A 290 14.73 24.34 22.80
N SER A 291 13.79 24.07 21.89
CA SER A 291 12.91 22.93 22.02
C SER A 291 13.67 21.62 21.83
N ASP A 292 13.46 20.68 22.73
CA ASP A 292 14.05 19.37 22.61
C ASP A 292 12.94 18.33 22.65
N ARG A 293 13.35 17.06 22.59
CA ARG A 293 12.42 15.93 22.54
C ARG A 293 11.38 15.91 23.67
N ASP A 294 11.59 16.69 24.72
CA ASP A 294 10.65 16.65 25.84
C ASP A 294 10.33 18.01 26.46
N GLY A 295 10.26 19.02 25.60
CA GLY A 295 9.85 20.36 26.04
C GLY A 295 9.85 21.38 24.92
N LEU A 296 8.81 22.22 24.90
CA LEU A 296 8.80 23.35 23.99
C LEU A 296 9.40 24.58 24.67
N ARG A 297 10.30 25.26 23.98
CA ARG A 297 10.96 26.44 24.55
C ARG A 297 11.64 27.32 23.52
N ILE A 298 11.04 28.48 23.26
CA ILE A 298 11.66 29.50 22.44
C ILE A 298 12.12 30.62 23.36
N ALA A 299 13.38 31.02 23.22
CA ALA A 299 13.94 32.07 24.05
C ALA A 299 14.18 33.30 23.19
N ILE A 300 13.60 34.43 23.60
CA ILE A 300 13.88 35.71 22.97
C ILE A 300 14.72 36.61 23.88
N GLU A 301 16.00 36.71 23.58
CA GLU A 301 16.91 37.47 24.42
C GLU A 301 16.81 38.92 24.00
N LEU A 302 16.65 39.79 25.00
CA LEU A 302 16.52 41.21 24.74
C LEU A 302 17.79 41.99 25.08
N LYS A 303 18.00 43.09 24.38
CA LYS A 303 19.11 44.00 24.69
C LYS A 303 18.88 44.66 26.04
N LYS A 304 19.96 44.96 26.75
CA LYS A 304 19.87 45.77 27.95
C LYS A 304 19.16 47.07 27.57
N ASP A 305 18.18 47.46 28.37
CA ASP A 305 17.50 48.74 28.15
C ASP A 305 16.51 48.68 26.98
N ALA A 306 15.96 47.50 26.74
CA ALA A 306 14.89 47.36 25.77
C ALA A 306 13.59 47.24 26.53
N ASN A 307 12.54 47.86 26.01
CA ASN A 307 11.25 47.86 26.71
C ASN A 307 10.49 46.57 26.45
N THR A 308 10.58 45.63 27.38
CA THR A 308 10.16 44.26 27.09
C THR A 308 8.65 44.14 26.86
N GLU A 309 7.86 44.99 27.50
CA GLU A 309 6.43 44.96 27.22
C GLU A 309 6.17 45.43 25.79
N LEU A 310 6.89 46.47 25.36
CA LEU A 310 6.69 47.03 24.02
C LEU A 310 6.90 45.94 22.97
N VAL A 311 7.95 45.15 23.16
CA VAL A 311 8.30 44.06 22.25
C VAL A 311 7.27 42.93 22.27
N LEU A 312 7.00 42.41 23.46
CA LEU A 312 6.02 41.34 23.64
C LEU A 312 4.70 41.65 22.97
N ASN A 313 4.26 42.90 23.09
CA ASN A 313 3.02 43.34 22.45
C ASN A 313 3.15 43.37 20.94
N TYR A 314 4.32 43.82 20.46
CA TYR A 314 4.54 43.84 19.03
C TYR A 314 4.44 42.43 18.43
N LEU A 315 5.02 41.47 19.15
CA LEU A 315 5.03 40.10 18.66
C LEU A 315 3.63 39.51 18.68
N PHE A 316 2.89 39.71 19.78
CA PHE A 316 1.53 39.22 19.83
C PHE A 316 0.70 39.76 18.67
N LYS A 317 0.99 40.99 18.27
CA LYS A 317 0.13 41.63 17.29
C LYS A 317 0.51 41.26 15.87
N TYR A 318 1.81 41.26 15.61
CA TYR A 318 2.32 41.15 14.25
C TYR A 318 2.94 39.78 13.93
N THR A 319 2.80 38.84 14.85
CA THR A 319 3.10 37.46 14.55
C THR A 319 1.97 36.54 15.01
N ASP A 320 2.26 35.26 14.93
CA ASP A 320 1.28 34.23 15.27
C ASP A 320 1.55 33.78 16.69
N LEU A 321 2.49 34.44 17.35
CA LEU A 321 2.65 34.27 18.78
C LEU A 321 1.28 34.42 19.46
N GLN A 322 0.38 35.14 18.78
CA GLN A 322 -1.02 35.18 19.17
C GLN A 322 -1.88 35.33 17.93
N ILE A 323 -2.95 34.54 17.89
CA ILE A 323 -3.83 34.44 16.72
C ILE A 323 -5.31 34.46 17.13
N ASN A 324 -6.19 34.64 16.16
CA ASN A 324 -7.62 34.47 16.42
C ASN A 324 -8.09 33.13 15.91
N TYR A 325 -8.67 32.32 16.79
CA TYR A 325 -9.32 31.07 16.39
C TYR A 325 -10.80 31.32 16.11
N ASN A 326 -11.25 30.96 14.91
CA ASN A 326 -12.66 31.05 14.56
C ASN A 326 -13.35 29.72 14.64
N PHE A 327 -14.35 29.62 15.54
CA PHE A 327 -15.30 28.53 15.54
C PHE A 327 -16.14 28.62 14.28
N ASN A 328 -16.53 27.46 13.77
CA ASN A 328 -17.47 27.39 12.66
C ASN A 328 -17.98 25.95 12.60
N MET A 329 -18.78 25.60 13.59
CA MET A 329 -19.17 24.23 13.83
C MET A 329 -20.28 23.74 12.91
N VAL A 330 -19.88 23.25 11.74
CA VAL A 330 -20.78 22.52 10.86
C VAL A 330 -20.51 21.01 10.96
N ALA A 331 -21.56 20.19 10.84
CA ALA A 331 -21.43 18.74 10.95
C ALA A 331 -22.56 18.11 10.17
N ILE A 332 -22.51 16.80 9.96
CA ILE A 332 -23.56 16.17 9.19
C ILE A 332 -24.58 15.53 10.11
N ASP A 333 -25.79 16.08 10.08
CA ASP A 333 -26.92 15.58 10.86
C ASP A 333 -28.00 15.18 9.88
N ASN A 334 -28.51 13.97 10.04
CA ASN A 334 -29.47 13.42 9.10
C ASN A 334 -29.11 13.66 7.63
N PHE A 335 -27.87 13.35 7.27
CA PHE A 335 -27.45 13.39 5.88
C PHE A 335 -27.18 14.79 5.36
N THR A 336 -27.57 15.80 6.11
CA THR A 336 -27.44 17.14 5.60
C THR A 336 -26.42 17.97 6.40
N PRO A 337 -25.81 18.97 5.76
CA PRO A 337 -24.92 19.83 6.53
C PRO A 337 -25.76 20.74 7.46
N ARG A 338 -25.23 21.03 8.63
CA ARG A 338 -26.01 21.70 9.67
C ARG A 338 -25.05 22.49 10.53
N GLN A 339 -25.22 23.80 10.60
CA GLN A 339 -24.41 24.59 11.53
C GLN A 339 -25.02 24.45 12.91
N VAL A 340 -24.21 24.16 13.91
CA VAL A 340 -24.74 23.68 15.17
C VAL A 340 -23.83 24.08 16.32
N GLY A 341 -24.43 24.25 17.48
CA GLY A 341 -23.66 24.59 18.65
C GLY A 341 -23.60 23.44 19.62
N ILE A 342 -23.05 23.72 20.79
CA ILE A 342 -22.92 22.77 21.88
C ILE A 342 -24.17 21.91 22.16
N VAL A 343 -25.37 22.44 21.96
CA VAL A 343 -26.57 21.72 22.39
C VAL A 343 -27.09 20.64 21.43
N PRO A 344 -27.35 21.02 20.16
CA PRO A 344 -27.67 19.95 19.20
C PRO A 344 -26.55 18.90 19.12
N ILE A 345 -25.28 19.29 19.27
CA ILE A 345 -24.18 18.32 19.32
C ILE A 345 -24.36 17.29 20.43
N LEU A 346 -24.27 17.74 21.68
CA LEU A 346 -24.52 16.86 22.82
C LEU A 346 -25.84 16.14 22.70
N SER A 347 -26.84 16.81 22.17
CA SER A 347 -28.14 16.16 22.10
C SER A 347 -28.06 14.97 21.14
N SER A 348 -27.44 15.19 19.98
CA SER A 348 -27.27 14.16 18.96
C SER A 348 -26.38 13.02 19.44
N TYR A 349 -25.33 13.35 20.17
CA TYR A 349 -24.48 12.30 20.71
C TYR A 349 -25.32 11.36 21.56
N ILE A 350 -26.02 11.94 22.52
CA ILE A 350 -26.91 11.19 23.39
C ILE A 350 -27.94 10.34 22.64
N ALA A 351 -28.56 10.91 21.62
CA ALA A 351 -29.63 10.22 20.90
C ALA A 351 -29.07 8.94 20.34
N HIS A 352 -27.88 9.10 19.75
CA HIS A 352 -27.07 8.06 19.19
C HIS A 352 -26.69 6.99 20.21
N ARG A 353 -26.12 7.41 21.34
CA ARG A 353 -25.76 6.41 22.34
C ARG A 353 -26.96 5.58 22.75
N ARG A 354 -28.13 6.23 22.80
CA ARG A 354 -29.37 5.55 23.11
C ARG A 354 -29.60 4.46 22.09
N GLU A 355 -29.59 4.87 20.84
CA GLU A 355 -29.73 3.96 19.71
C GLU A 355 -28.83 2.74 19.81
N VAL A 356 -27.55 3.00 20.03
CA VAL A 356 -26.55 1.97 20.20
C VAL A 356 -26.86 1.02 21.36
N ILE A 357 -27.14 1.58 22.52
CA ILE A 357 -27.37 0.77 23.72
C ILE A 357 -28.60 -0.13 23.58
N LEU A 358 -29.65 0.38 22.95
CA LEU A 358 -30.79 -0.45 22.65
C LEU A 358 -30.40 -1.58 21.71
N ALA A 359 -29.83 -1.21 20.57
CA ALA A 359 -29.34 -2.19 19.60
C ALA A 359 -28.49 -3.27 20.25
N ARG A 360 -27.53 -2.80 21.04
CA ARG A 360 -26.60 -3.67 21.71
C ARG A 360 -27.37 -4.62 22.59
N SER A 361 -28.31 -4.07 23.35
CA SER A 361 -29.07 -4.88 24.30
C SER A 361 -30.00 -5.88 23.63
N ARG A 362 -30.53 -5.53 22.45
CA ARG A 362 -31.38 -6.47 21.71
C ARG A 362 -30.58 -7.66 21.26
N PHE A 363 -29.44 -7.36 20.67
CA PHE A 363 -28.48 -8.35 20.25
C PHE A 363 -28.15 -9.34 21.35
N ASP A 364 -27.54 -8.86 22.41
CA ASP A 364 -27.21 -9.72 23.52
C ASP A 364 -28.39 -10.56 23.97
N LYS A 365 -29.58 -9.96 23.99
CA LYS A 365 -30.75 -10.66 24.51
C LYS A 365 -31.26 -11.67 23.50
N GLU A 366 -31.16 -11.32 22.23
CA GLU A 366 -31.51 -12.23 21.14
C GLU A 366 -30.66 -13.51 21.26
N LYS A 367 -29.38 -13.33 21.57
CA LYS A 367 -28.46 -14.44 21.77
C LYS A 367 -28.83 -15.29 22.99
N ALA A 368 -29.06 -14.64 24.12
CA ALA A 368 -29.39 -15.39 25.31
C ALA A 368 -30.70 -16.18 25.16
N GLU A 369 -31.65 -15.61 24.41
CA GLU A 369 -32.91 -16.30 24.12
C GLU A 369 -32.68 -17.57 23.31
N LYS A 370 -32.00 -17.41 22.17
CA LYS A 370 -31.73 -18.50 21.24
C LYS A 370 -31.14 -19.68 22.00
N ARG A 371 -30.28 -19.36 22.96
CA ARG A 371 -29.63 -20.40 23.74
C ARG A 371 -30.51 -20.96 24.83
N LEU A 372 -31.13 -20.07 25.60
CA LEU A 372 -32.01 -20.45 26.69
C LEU A 372 -33.02 -21.43 26.11
N HIS A 373 -33.33 -21.22 24.83
CA HIS A 373 -34.30 -22.04 24.13
C HIS A 373 -33.73 -23.43 23.84
N ILE A 374 -32.48 -23.47 23.43
CA ILE A 374 -31.79 -24.74 23.23
C ILE A 374 -31.71 -25.50 24.56
N VAL A 375 -31.39 -24.78 25.63
CA VAL A 375 -31.10 -25.40 26.92
C VAL A 375 -32.34 -26.05 27.53
N GLU A 376 -33.50 -25.43 27.31
CA GLU A 376 -34.75 -26.09 27.65
C GLU A 376 -34.87 -27.41 26.88
N GLY A 377 -34.81 -27.35 25.56
CA GLY A 377 -34.76 -28.55 24.73
C GLY A 377 -33.87 -29.68 25.25
N LEU A 378 -32.61 -29.36 25.52
CA LEU A 378 -31.70 -30.37 26.07
C LEU A 378 -32.19 -30.90 27.41
N ILE A 379 -32.70 -30.02 28.25
CA ILE A 379 -33.12 -30.46 29.56
C ILE A 379 -34.22 -31.51 29.42
N ARG A 380 -35.04 -31.36 28.39
CA ARG A 380 -36.13 -32.27 28.18
C ARG A 380 -35.62 -33.56 27.58
N VAL A 381 -34.72 -33.42 26.62
CA VAL A 381 -34.15 -34.59 25.97
C VAL A 381 -33.62 -35.55 27.02
N ILE A 382 -32.87 -35.01 27.99
CA ILE A 382 -32.26 -35.88 29.00
C ILE A 382 -33.33 -36.74 29.65
N SER A 383 -34.50 -36.15 29.86
CA SER A 383 -35.61 -36.84 30.53
C SER A 383 -36.16 -37.99 29.69
N ILE A 384 -35.81 -38.02 28.41
CA ILE A 384 -36.28 -39.07 27.48
C ILE A 384 -35.22 -39.47 26.47
N LEU A 385 -33.97 -39.46 26.93
CA LEU A 385 -32.82 -39.87 26.12
C LEU A 385 -33.09 -41.11 25.33
N ASP A 386 -33.57 -42.14 26.01
CA ASP A 386 -33.71 -43.43 25.36
C ASP A 386 -34.62 -43.37 24.13
N GLU A 387 -35.81 -42.83 24.29
CA GLU A 387 -36.75 -42.71 23.18
C GLU A 387 -36.28 -41.76 22.08
N VAL A 388 -35.46 -40.76 22.41
CA VAL A 388 -34.93 -39.88 21.37
C VAL A 388 -33.85 -40.57 20.51
N ILE A 389 -32.95 -41.30 21.14
CA ILE A 389 -31.93 -42.00 20.37
C ILE A 389 -32.65 -42.99 19.47
N ALA A 390 -33.75 -43.53 19.99
CA ALA A 390 -34.52 -44.54 19.29
C ALA A 390 -35.12 -43.97 18.01
N LEU A 391 -35.61 -42.74 18.12
CA LEU A 391 -36.27 -42.04 17.03
C LEU A 391 -35.25 -41.60 15.95
N ILE A 392 -34.07 -41.18 16.39
CA ILE A 392 -33.07 -40.81 15.42
C ILE A 392 -32.62 -42.05 14.66
N ARG A 393 -32.43 -43.13 15.40
CA ARG A 393 -32.17 -44.44 14.83
C ARG A 393 -33.21 -44.82 13.76
N ALA A 394 -34.48 -44.55 14.07
CA ALA A 394 -35.58 -44.83 13.16
C ALA A 394 -35.57 -43.89 11.97
N SER A 395 -35.06 -42.69 12.18
CA SER A 395 -35.06 -41.66 11.16
C SER A 395 -34.34 -42.10 9.86
N GLU A 396 -34.71 -41.47 8.75
CA GLU A 396 -34.21 -41.86 7.44
C GLU A 396 -33.00 -41.02 7.05
N ASN A 397 -32.69 -40.01 7.87
CA ASN A 397 -31.71 -38.97 7.56
C ASN A 397 -31.96 -37.74 8.43
N LYS A 398 -31.03 -36.80 8.40
CA LYS A 398 -31.11 -35.63 9.29
C LYS A 398 -32.47 -34.96 9.19
N ALA A 399 -32.82 -34.52 7.99
CA ALA A 399 -34.08 -33.83 7.76
C ALA A 399 -35.24 -34.57 8.44
N ASP A 400 -35.38 -35.86 8.14
CA ASP A 400 -36.47 -36.66 8.70
C ASP A 400 -36.40 -36.72 10.23
N ALA A 401 -35.20 -36.85 10.76
CA ALA A 401 -34.96 -36.89 12.20
C ALA A 401 -35.44 -35.61 12.89
N LYS A 402 -34.99 -34.45 12.38
CA LYS A 402 -35.51 -33.20 12.87
C LYS A 402 -37.04 -33.21 12.78
N GLU A 403 -37.57 -33.59 11.62
CA GLU A 403 -39.01 -33.64 11.48
C GLU A 403 -39.66 -34.54 12.53
N ASN A 404 -39.14 -35.75 12.69
CA ASN A 404 -39.73 -36.68 13.64
C ASN A 404 -39.67 -36.16 15.05
N LEU A 405 -38.64 -35.37 15.31
CA LEU A 405 -38.44 -34.79 16.63
C LEU A 405 -39.51 -33.75 16.92
N LYS A 406 -39.80 -32.90 15.93
CA LYS A 406 -40.83 -31.88 16.06
C LYS A 406 -42.20 -32.53 16.20
N VAL A 407 -42.44 -33.53 15.37
CA VAL A 407 -43.76 -34.15 15.29
C VAL A 407 -44.10 -34.92 16.56
N SER A 408 -43.16 -35.69 17.06
CA SER A 408 -43.47 -36.62 18.13
C SER A 408 -43.28 -36.00 19.53
N TYR A 409 -42.45 -34.97 19.65
CA TYR A 409 -42.15 -34.45 20.97
C TYR A 409 -42.22 -32.94 21.05
N ASP A 410 -42.58 -32.29 19.94
CA ASP A 410 -42.87 -30.87 19.97
C ASP A 410 -41.62 -30.04 20.18
N PHE A 411 -40.50 -30.50 19.66
CA PHE A 411 -39.32 -29.65 19.64
C PHE A 411 -39.51 -28.60 18.54
N THR A 412 -38.78 -27.50 18.65
CA THR A 412 -38.84 -26.51 17.61
C THR A 412 -37.72 -26.84 16.64
N GLU A 413 -37.78 -26.28 15.43
CA GLU A 413 -36.73 -26.50 14.47
C GLU A 413 -35.36 -26.31 15.14
N GLU A 414 -35.20 -25.16 15.78
CA GLU A 414 -33.92 -24.83 16.40
C GLU A 414 -33.48 -25.87 17.44
N GLN A 415 -34.43 -26.34 18.25
CA GLN A 415 -34.09 -27.37 19.23
C GLN A 415 -33.75 -28.68 18.53
N ALA A 416 -34.56 -29.02 17.52
CA ALA A 416 -34.29 -30.16 16.65
C ALA A 416 -32.87 -30.08 16.14
N GLU A 417 -32.47 -28.94 15.59
CA GLU A 417 -31.14 -28.86 15.01
C GLU A 417 -30.07 -29.03 16.09
N ALA A 418 -30.28 -28.41 17.24
CA ALA A 418 -29.33 -28.59 18.32
C ALA A 418 -29.17 -30.06 18.66
N ILE A 419 -30.30 -30.74 18.89
CA ILE A 419 -30.33 -32.10 19.39
C ILE A 419 -29.65 -33.05 18.43
N VAL A 420 -29.96 -32.85 17.16
CA VAL A 420 -29.55 -33.76 16.10
C VAL A 420 -28.08 -33.61 15.70
N THR A 421 -27.44 -32.53 16.15
CA THR A 421 -26.04 -32.27 15.84
C THR A 421 -25.17 -32.41 17.09
N LEU A 422 -25.72 -33.04 18.12
CA LEU A 422 -24.93 -33.39 19.28
C LEU A 422 -23.92 -34.48 18.92
N GLN A 423 -22.71 -34.39 19.46
CA GLN A 423 -21.75 -35.46 19.23
C GLN A 423 -22.05 -36.59 20.21
N LEU A 424 -21.83 -37.83 19.79
CA LEU A 424 -22.26 -38.99 20.57
C LEU A 424 -21.87 -38.91 22.02
N TYR A 425 -20.69 -38.37 22.29
CA TYR A 425 -20.18 -38.45 23.66
C TYR A 425 -21.02 -37.64 24.64
N ARG A 426 -21.90 -36.80 24.11
CA ARG A 426 -22.88 -36.12 24.94
C ARG A 426 -23.77 -37.11 25.67
N LEU A 427 -24.17 -38.19 25.01
CA LEU A 427 -25.00 -39.19 25.68
C LEU A 427 -24.44 -39.69 27.00
N THR A 428 -23.20 -39.33 27.31
CA THR A 428 -22.62 -39.78 28.57
C THR A 428 -23.13 -38.93 29.69
N ASN A 429 -23.53 -37.71 29.34
CA ASN A 429 -23.98 -36.73 30.33
C ASN A 429 -25.47 -36.77 30.64
N THR A 430 -25.82 -36.97 31.90
CA THR A 430 -27.22 -36.93 32.31
C THR A 430 -27.42 -35.98 33.51
N ASP A 431 -26.48 -35.04 33.66
CA ASP A 431 -26.56 -34.02 34.68
C ASP A 431 -27.39 -32.85 34.19
N VAL A 432 -28.63 -32.82 34.64
CA VAL A 432 -29.55 -31.79 34.24
C VAL A 432 -29.32 -30.54 35.08
N VAL A 433 -28.97 -30.75 36.34
CA VAL A 433 -28.71 -29.68 37.28
C VAL A 433 -27.81 -28.56 36.77
N VAL A 434 -26.74 -28.91 36.08
CA VAL A 434 -25.85 -27.87 35.60
C VAL A 434 -26.56 -27.04 34.56
N LEU A 435 -27.36 -27.70 33.73
CA LEU A 435 -28.10 -27.06 32.66
C LEU A 435 -29.14 -26.09 33.25
N GLN A 436 -29.55 -26.39 34.47
CA GLN A 436 -30.56 -25.58 35.10
C GLN A 436 -29.93 -24.34 35.68
N GLU A 437 -28.71 -24.48 36.19
CA GLU A 437 -27.98 -23.32 36.66
C GLU A 437 -27.84 -22.37 35.48
N GLU A 438 -27.71 -22.91 34.28
CA GLU A 438 -27.53 -22.06 33.10
C GLU A 438 -28.84 -21.44 32.65
N GLU A 439 -29.89 -22.24 32.67
CA GLU A 439 -31.23 -21.77 32.39
C GLU A 439 -31.50 -20.56 33.28
N ALA A 440 -31.07 -20.65 34.53
CA ALA A 440 -31.30 -19.56 35.49
C ALA A 440 -30.49 -18.33 35.11
N GLU A 441 -29.18 -18.49 34.96
CA GLU A 441 -28.34 -17.34 34.67
C GLU A 441 -28.84 -16.63 33.41
N LEU A 442 -29.39 -17.40 32.48
CA LEU A 442 -29.84 -16.86 31.19
C LEU A 442 -31.08 -16.01 31.34
N ARG A 443 -32.06 -16.55 32.05
CA ARG A 443 -33.25 -15.81 32.38
C ARG A 443 -32.89 -14.49 33.06
N GLU A 444 -32.17 -14.58 34.17
CA GLU A 444 -31.70 -13.41 34.88
C GLU A 444 -31.13 -12.40 33.90
N LYS A 445 -30.19 -12.85 33.08
CA LYS A 445 -29.55 -11.98 32.11
C LYS A 445 -30.57 -11.32 31.17
N ILE A 446 -31.54 -12.10 30.71
CA ILE A 446 -32.52 -11.59 29.76
C ILE A 446 -33.42 -10.52 30.38
N ALA A 447 -33.80 -10.75 31.63
CA ALA A 447 -34.57 -9.81 32.41
C ALA A 447 -33.87 -8.46 32.40
N MET A 448 -32.60 -8.47 32.76
CA MET A 448 -31.88 -7.21 32.93
C MET A 448 -31.80 -6.51 31.60
N LEU A 449 -31.68 -7.30 30.55
CA LEU A 449 -31.59 -6.73 29.23
C LEU A 449 -32.90 -6.09 28.82
N ALA A 450 -33.97 -6.87 28.91
CA ALA A 450 -35.29 -6.38 28.52
C ALA A 450 -35.64 -5.05 29.21
N ALA A 451 -35.48 -5.00 30.53
CA ALA A 451 -35.62 -3.77 31.29
C ALA A 451 -34.96 -2.58 30.60
N ILE A 452 -33.69 -2.70 30.26
CA ILE A 452 -33.01 -1.64 29.51
C ILE A 452 -33.81 -1.27 28.27
N ILE A 453 -34.24 -2.27 27.51
CA ILE A 453 -34.94 -1.98 26.28
C ILE A 453 -36.23 -1.22 26.58
N GLY A 454 -36.90 -1.64 27.64
CA GLY A 454 -38.26 -1.20 27.89
C GLY A 454 -38.48 -0.11 28.93
N ASP A 455 -37.40 0.38 29.53
CA ASP A 455 -37.46 1.45 30.52
C ASP A 455 -36.43 2.57 30.24
N GLU A 456 -36.93 3.69 29.73
CA GLU A 456 -36.07 4.79 29.31
C GLU A 456 -35.10 5.24 30.41
N ARG A 457 -35.58 5.31 31.64
CA ARG A 457 -34.70 5.72 32.74
C ARG A 457 -33.61 4.70 32.95
N THR A 458 -33.99 3.42 32.92
CA THR A 458 -33.07 2.35 33.21
C THR A 458 -31.92 2.40 32.19
N MET A 459 -32.29 2.70 30.95
CA MET A 459 -31.35 2.81 29.86
C MET A 459 -30.40 3.97 30.09
N TYR A 460 -30.94 5.18 30.21
CA TYR A 460 -30.12 6.36 30.44
C TYR A 460 -29.15 6.19 31.61
N ASN A 461 -29.52 5.43 32.63
CA ASN A 461 -28.62 5.26 33.76
C ASN A 461 -27.42 4.49 33.32
N LEU A 462 -27.68 3.49 32.48
CA LEU A 462 -26.63 2.70 31.86
C LEU A 462 -25.67 3.62 31.16
N MET A 463 -26.20 4.36 30.18
CA MET A 463 -25.46 5.39 29.48
C MET A 463 -24.58 6.21 30.41
N LYS A 464 -25.13 6.70 31.51
CA LYS A 464 -24.30 7.49 32.41
C LYS A 464 -23.18 6.65 33.02
N LYS A 465 -23.52 5.46 33.53
CA LYS A 465 -22.54 4.58 34.16
C LYS A 465 -21.33 4.40 33.28
N GLU A 466 -21.59 4.05 32.02
CA GLU A 466 -20.58 3.80 31.02
C GLU A 466 -19.80 5.07 30.71
N LEU A 467 -20.51 6.15 30.45
CA LEU A 467 -19.86 7.44 30.27
C LEU A 467 -18.86 7.81 31.36
N ARG A 468 -19.19 7.51 32.61
CA ARG A 468 -18.30 7.84 33.70
C ARG A 468 -17.10 6.93 33.72
N GLU A 469 -17.33 5.65 33.44
CA GLU A 469 -16.23 4.69 33.32
C GLU A 469 -15.17 5.23 32.35
N VAL A 470 -15.62 5.59 31.15
CA VAL A 470 -14.74 6.17 30.15
C VAL A 470 -13.94 7.33 30.70
N LYS A 471 -14.62 8.27 31.32
CA LYS A 471 -13.98 9.43 31.92
C LYS A 471 -12.97 9.03 32.99
N LYS A 472 -13.34 8.10 33.86
CA LYS A 472 -12.43 7.71 34.93
C LYS A 472 -11.15 7.20 34.32
N LYS A 473 -11.29 6.60 33.14
CA LYS A 473 -10.21 5.84 32.56
C LYS A 473 -9.27 6.69 31.73
N PHE A 474 -9.80 7.70 31.06
CA PHE A 474 -9.05 8.41 30.04
C PHE A 474 -8.86 9.88 30.33
N ALA A 475 -9.43 10.34 31.43
CA ALA A 475 -9.43 11.76 31.75
C ALA A 475 -8.02 12.25 31.99
N THR A 476 -7.75 13.44 31.50
CA THR A 476 -6.50 14.11 31.81
C THR A 476 -6.84 15.56 32.10
N PRO A 477 -5.88 16.29 32.68
CA PRO A 477 -6.06 17.70 33.06
C PRO A 477 -6.12 18.64 31.86
N ARG A 478 -6.73 19.80 32.03
CA ARG A 478 -6.68 20.87 31.03
C ARG A 478 -5.27 21.27 30.69
N LEU A 479 -5.12 21.79 29.48
CA LEU A 479 -3.81 22.17 29.00
C LEU A 479 -3.85 23.65 28.69
N SER A 480 -4.98 24.07 28.14
CA SER A 480 -5.22 25.46 27.80
C SER A 480 -5.95 26.13 28.94
N SER A 481 -5.49 27.33 29.29
CA SER A 481 -6.14 28.12 30.33
C SER A 481 -7.12 29.12 29.71
N LEU A 482 -8.20 29.42 30.41
CA LEU A 482 -9.22 30.34 29.95
C LEU A 482 -9.20 31.72 30.65
N GLU A 483 -9.51 32.77 29.87
CA GLU A 483 -9.65 34.13 30.38
C GLU A 483 -10.73 34.88 29.57
N ASP A 484 -11.05 36.12 29.96
CA ASP A 484 -11.93 36.98 29.16
C ASP A 484 -11.38 38.42 28.98
N ASN B 3 29.70 2.93 26.85
CA ASN B 3 30.48 3.80 25.97
C ASN B 3 30.96 3.10 24.67
N ILE B 4 32.18 3.40 24.23
CA ILE B 4 32.62 3.03 22.88
C ILE B 4 33.57 1.83 22.73
N GLN B 5 33.45 1.14 21.59
CA GLN B 5 34.26 -0.01 21.23
C GLN B 5 35.09 0.32 20.00
N ASN B 6 36.34 -0.12 19.97
CA ASN B 6 37.21 0.11 18.82
C ASN B 6 37.15 -0.99 17.77
N MET B 7 37.35 -0.61 16.50
CA MET B 7 37.21 -1.51 15.37
C MET B 7 38.16 -0.97 14.30
N SER B 8 38.72 -1.86 13.48
CA SER B 8 39.68 -1.47 12.47
C SER B 8 39.02 -1.20 11.12
N LEU B 9 39.51 -0.19 10.39
CA LEU B 9 38.96 0.03 9.05
C LEU B 9 39.05 -1.22 8.19
N GLU B 10 40.23 -1.83 8.17
CA GLU B 10 40.43 -3.08 7.43
C GLU B 10 39.36 -4.09 7.84
N ASP B 11 39.19 -4.27 9.15
CA ASP B 11 38.28 -5.27 9.67
C ASP B 11 36.79 -4.93 9.45
N ILE B 12 36.42 -3.66 9.54
CA ILE B 12 35.02 -3.27 9.39
C ILE B 12 34.54 -3.36 7.95
N MET B 13 35.29 -2.78 7.02
CA MET B 13 34.95 -2.86 5.62
C MET B 13 34.73 -4.33 5.21
N GLY B 14 35.52 -5.22 5.79
CA GLY B 14 35.38 -6.63 5.53
C GLY B 14 34.06 -7.16 6.00
N GLU B 15 33.73 -6.89 7.26
CA GLU B 15 32.50 -7.37 7.90
C GLU B 15 31.20 -6.84 7.23
N ARG B 16 31.19 -5.54 6.91
CA ARG B 16 30.01 -4.91 6.32
C ARG B 16 29.78 -5.36 4.88
N PHE B 17 30.77 -5.15 4.02
CA PHE B 17 30.62 -5.55 2.63
C PHE B 17 30.34 -7.06 2.49
N GLY B 18 30.88 -7.84 3.42
CA GLY B 18 30.59 -9.27 3.47
C GLY B 18 29.10 -9.54 3.64
N ARG B 19 28.46 -8.83 4.57
CA ARG B 19 27.01 -8.95 4.80
C ARG B 19 26.19 -8.49 3.59
N TYR B 20 26.55 -7.34 3.03
CA TYR B 20 25.87 -6.82 1.84
C TYR B 20 26.02 -7.76 0.65
N SER B 21 27.27 -8.08 0.34
CA SER B 21 27.63 -8.99 -0.75
C SER B 21 26.79 -10.25 -0.69
N LYS B 22 26.97 -11.03 0.38
CA LYS B 22 26.21 -12.25 0.56
C LYS B 22 24.72 -12.06 0.34
N TYR B 23 24.14 -11.05 0.99
CA TYR B 23 22.71 -10.80 0.94
C TYR B 23 22.24 -10.48 -0.47
N ILE B 24 22.85 -9.46 -1.08
CA ILE B 24 22.42 -9.03 -2.41
C ILE B 24 22.63 -10.14 -3.47
N ILE B 25 23.49 -11.11 -3.13
CA ILE B 25 23.73 -12.26 -4.02
C ILE B 25 22.65 -13.32 -3.93
N GLN B 26 22.47 -13.91 -2.75
CA GLN B 26 21.51 -14.99 -2.58
C GLN B 26 20.04 -14.58 -2.38
N ASP B 27 19.81 -13.34 -1.94
CA ASP B 27 18.47 -12.88 -1.56
C ASP B 27 18.03 -11.57 -2.21
N ARG B 28 18.49 -11.26 -3.42
CA ARG B 28 17.99 -10.07 -4.10
C ARG B 28 17.99 -10.17 -5.61
N ALA B 29 19.19 -10.13 -6.19
CA ALA B 29 19.38 -9.91 -7.63
C ALA B 29 19.37 -11.16 -8.52
N LEU B 30 19.80 -12.29 -7.97
CA LEU B 30 19.92 -13.52 -8.75
C LEU B 30 18.77 -14.50 -8.49
N PRO B 31 18.25 -15.13 -9.55
CA PRO B 31 17.14 -16.06 -9.41
C PRO B 31 17.60 -17.38 -8.81
N ASP B 32 16.69 -18.11 -8.18
CA ASP B 32 16.92 -19.47 -7.70
C ASP B 32 16.88 -20.33 -8.94
N ILE B 33 17.79 -21.30 -9.01
CA ILE B 33 17.90 -22.12 -10.20
C ILE B 33 16.69 -23.02 -10.45
N ARG B 34 15.84 -23.25 -9.44
CA ARG B 34 14.72 -24.16 -9.59
C ARG B 34 13.41 -23.53 -10.10
N ASP B 35 12.92 -22.50 -9.42
CA ASP B 35 11.69 -21.83 -9.85
C ASP B 35 11.97 -20.59 -10.70
N GLY B 36 13.24 -20.21 -10.75
CA GLY B 36 13.67 -19.10 -11.57
C GLY B 36 13.19 -17.75 -11.07
N LEU B 37 13.00 -17.64 -9.76
CA LEU B 37 12.50 -16.42 -9.18
C LEU B 37 13.51 -15.78 -8.27
N LYS B 38 13.56 -14.46 -8.29
CA LYS B 38 14.17 -13.70 -7.21
C LYS B 38 13.23 -13.67 -6.00
N PRO B 39 13.79 -13.54 -4.79
CA PRO B 39 12.93 -13.56 -3.59
C PRO B 39 11.68 -12.65 -3.73
N VAL B 40 11.87 -11.41 -4.18
CA VAL B 40 10.73 -10.50 -4.27
C VAL B 40 9.66 -11.02 -5.23
N GLN B 41 10.08 -11.67 -6.30
CA GLN B 41 9.12 -12.24 -7.23
C GLN B 41 8.34 -13.38 -6.57
N ARG B 42 9.04 -14.16 -5.74
CA ARG B 42 8.45 -15.32 -5.10
C ARG B 42 7.43 -14.88 -4.05
N ARG B 43 7.77 -13.85 -3.28
CA ARG B 43 6.84 -13.34 -2.29
C ARG B 43 5.59 -12.78 -2.96
N ILE B 44 5.78 -12.04 -4.03
CA ILE B 44 4.64 -11.52 -4.75
C ILE B 44 3.68 -12.64 -5.04
N LEU B 45 4.17 -13.70 -5.69
CA LEU B 45 3.30 -14.80 -6.07
C LEU B 45 2.72 -15.50 -4.86
N TYR B 46 3.57 -15.87 -3.90
CA TYR B 46 3.10 -16.58 -2.73
C TYR B 46 2.01 -15.79 -1.98
N SER B 47 2.22 -14.48 -1.85
CA SER B 47 1.26 -13.66 -1.16
C SER B 47 -0.05 -13.53 -1.94
N MET B 48 0.03 -13.16 -3.21
CA MET B 48 -1.20 -13.02 -3.97
C MET B 48 -1.98 -14.31 -3.94
N ASN B 49 -1.27 -15.42 -3.82
CA ASN B 49 -1.93 -16.71 -3.86
C ASN B 49 -2.60 -17.03 -2.54
N LYS B 50 -1.91 -16.72 -1.44
CA LYS B 50 -2.42 -16.95 -0.09
C LYS B 50 -3.70 -16.17 0.07
N ASP B 51 -3.74 -14.98 -0.54
CA ASP B 51 -4.91 -14.11 -0.51
C ASP B 51 -5.95 -14.42 -1.59
N SER B 52 -5.82 -15.54 -2.26
CA SER B 52 -6.84 -15.98 -3.21
C SER B 52 -7.05 -14.99 -4.35
N ASN B 53 -6.00 -14.24 -4.63
CA ASN B 53 -5.95 -13.27 -5.71
C ASN B 53 -5.51 -13.99 -7.02
N THR B 54 -6.37 -14.84 -7.53
CA THR B 54 -5.96 -15.75 -8.59
C THR B 54 -6.69 -15.46 -9.87
N PHE B 55 -6.37 -16.20 -10.92
CA PHE B 55 -6.83 -15.84 -12.28
C PHE B 55 -8.33 -15.96 -12.43
N ASP B 56 -8.93 -16.82 -11.62
CA ASP B 56 -10.33 -17.18 -11.73
C ASP B 56 -11.23 -16.27 -10.91
N LYS B 57 -10.61 -15.42 -10.09
CA LYS B 57 -11.33 -14.51 -9.20
C LYS B 57 -11.14 -13.04 -9.63
N SER B 58 -11.89 -12.12 -9.04
CA SER B 58 -11.80 -10.72 -9.49
C SER B 58 -10.45 -10.10 -9.22
N TYR B 59 -10.15 -9.04 -9.96
CA TYR B 59 -8.90 -8.31 -9.75
C TYR B 59 -8.91 -7.69 -8.37
N ARG B 60 -7.90 -6.88 -8.08
CA ARG B 60 -7.63 -6.47 -6.72
C ARG B 60 -6.66 -5.30 -6.72
N LYS B 61 -7.08 -4.19 -6.13
CA LYS B 61 -6.25 -3.01 -6.04
C LYS B 61 -4.80 -3.40 -5.81
N SER B 62 -3.91 -2.96 -6.70
CA SER B 62 -2.49 -3.32 -6.62
C SER B 62 -1.90 -2.97 -5.27
N ALA B 63 -2.28 -1.79 -4.77
CA ALA B 63 -1.84 -1.33 -3.47
C ALA B 63 -2.16 -2.33 -2.34
N LYS B 64 -3.32 -2.98 -2.38
CA LYS B 64 -3.67 -3.93 -1.34
C LYS B 64 -2.63 -5.03 -1.31
N SER B 65 -2.23 -5.46 -2.50
CA SER B 65 -1.33 -6.57 -2.66
C SER B 65 0.05 -6.20 -2.18
N VAL B 66 0.51 -5.05 -2.65
CA VAL B 66 1.85 -4.56 -2.34
C VAL B 66 2.01 -4.44 -0.85
N GLY B 67 0.97 -3.94 -0.19
CA GLY B 67 0.98 -3.69 1.23
C GLY B 67 1.07 -4.98 2.00
N ASN B 68 0.35 -6.00 1.57
CA ASN B 68 0.41 -7.26 2.28
C ASN B 68 1.76 -7.95 2.11
N ILE B 69 2.34 -7.79 0.92
CA ILE B 69 3.67 -8.31 0.66
C ILE B 69 4.65 -7.63 1.60
N MET B 70 4.57 -6.31 1.67
CA MET B 70 5.49 -5.52 2.47
C MET B 70 5.30 -5.80 3.95
N GLY B 71 4.05 -6.06 4.33
CA GLY B 71 3.72 -6.20 5.74
C GLY B 71 4.01 -7.58 6.27
N ASN B 72 3.94 -8.58 5.39
CA ASN B 72 4.14 -9.96 5.82
C ASN B 72 5.46 -10.63 5.49
N PHE B 73 6.04 -10.27 4.34
CA PHE B 73 7.18 -11.03 3.79
C PHE B 73 8.41 -10.20 3.37
N HIS B 74 8.21 -9.27 2.45
CA HIS B 74 9.34 -8.58 1.85
C HIS B 74 9.51 -7.23 2.52
N PRO B 75 10.58 -7.07 3.31
CA PRO B 75 10.76 -5.83 4.08
C PRO B 75 11.52 -4.75 3.31
N HIS B 76 11.01 -4.32 2.15
CA HIS B 76 11.66 -3.23 1.42
C HIS B 76 10.66 -2.25 0.86
N GLY B 77 11.16 -1.32 0.04
CA GLY B 77 10.35 -0.26 -0.49
C GLY B 77 9.17 -0.85 -1.21
N ASP B 78 8.12 -0.06 -1.35
CA ASP B 78 6.99 -0.51 -2.13
C ASP B 78 7.21 -0.30 -3.64
N SER B 79 7.99 0.70 -4.04
CA SER B 79 8.33 0.86 -5.46
C SER B 79 9.06 -0.38 -5.97
N SER B 80 10.01 -0.89 -5.20
CA SER B 80 10.67 -2.11 -5.60
C SER B 80 9.64 -3.21 -5.80
N ILE B 81 8.76 -3.41 -4.82
CA ILE B 81 7.76 -4.47 -4.91
C ILE B 81 6.75 -4.27 -6.05
N TYR B 82 6.28 -3.05 -6.24
CA TYR B 82 5.27 -2.82 -7.26
C TYR B 82 5.87 -2.87 -8.67
N ASP B 83 7.12 -2.45 -8.77
CA ASP B 83 7.80 -2.41 -10.05
C ASP B 83 8.11 -3.83 -10.52
N ALA B 84 8.50 -4.67 -9.57
CA ALA B 84 8.71 -6.08 -9.83
C ALA B 84 7.44 -6.69 -10.35
N MET B 85 6.32 -6.34 -9.69
CA MET B 85 5.00 -6.91 -9.95
C MET B 85 4.51 -6.45 -11.31
N VAL B 86 4.91 -5.25 -11.70
CA VAL B 86 4.52 -4.73 -12.99
C VAL B 86 5.25 -5.42 -14.12
N ARG B 87 6.55 -5.62 -13.95
CA ARG B 87 7.33 -6.30 -14.98
C ARG B 87 6.68 -7.65 -15.25
N MET B 88 6.35 -8.37 -14.18
CA MET B 88 5.75 -9.70 -14.28
C MET B 88 4.45 -9.71 -15.09
N SER B 89 3.95 -8.52 -15.43
CA SER B 89 2.67 -8.42 -16.09
C SER B 89 2.85 -7.95 -17.50
N GLN B 90 4.07 -7.52 -17.81
CA GLN B 90 4.34 -6.92 -19.11
C GLN B 90 4.72 -8.03 -20.08
N ASN B 91 3.88 -8.23 -21.07
CA ASN B 91 4.06 -9.37 -21.95
C ASN B 91 5.08 -9.13 -23.04
N TRP B 92 5.75 -7.98 -23.01
CA TRP B 92 6.91 -7.75 -23.87
C TRP B 92 8.22 -7.94 -23.11
N LYS B 93 8.12 -8.36 -21.86
CA LYS B 93 9.32 -8.71 -21.08
C LYS B 93 9.28 -10.17 -20.70
N ASN B 94 8.12 -10.64 -20.26
CA ASN B 94 7.96 -12.05 -19.98
C ASN B 94 7.34 -12.80 -21.13
N ARG B 95 7.88 -13.98 -21.40
CA ARG B 95 7.38 -14.81 -22.49
C ARG B 95 6.05 -15.35 -22.05
N GLU B 96 5.96 -15.58 -20.75
CA GLU B 96 4.75 -16.12 -20.15
C GLU B 96 4.43 -15.36 -18.86
N ILE B 97 3.64 -14.27 -18.97
CA ILE B 97 3.41 -13.39 -17.81
C ILE B 97 2.72 -14.08 -16.65
N LEU B 98 3.20 -13.75 -15.45
CA LEU B 98 2.78 -14.38 -14.21
C LEU B 98 1.77 -13.56 -13.42
N VAL B 99 1.61 -12.29 -13.79
CA VAL B 99 0.66 -11.40 -13.15
C VAL B 99 -0.15 -10.65 -14.18
N GLU B 100 -1.48 -10.78 -14.15
CA GLU B 100 -2.34 -9.96 -15.01
C GLU B 100 -2.70 -8.64 -14.32
N MET B 101 -2.66 -7.54 -15.06
CA MET B 101 -2.86 -6.23 -14.46
C MET B 101 -3.72 -5.29 -15.32
N HIS B 102 -4.87 -4.90 -14.78
CA HIS B 102 -5.75 -3.95 -15.46
C HIS B 102 -5.23 -2.53 -15.34
N GLY B 103 -5.22 -1.82 -16.46
CA GLY B 103 -4.75 -0.45 -16.48
C GLY B 103 -3.38 -0.25 -17.07
N ASN B 104 -2.91 0.99 -17.01
CA ASN B 104 -1.65 1.37 -17.62
C ASN B 104 -0.46 0.76 -16.89
N ASN B 105 0.02 -0.36 -17.42
CA ASN B 105 1.19 -1.03 -16.89
C ASN B 105 2.37 -0.89 -17.83
N GLY B 106 2.56 0.32 -18.36
CA GLY B 106 3.64 0.60 -19.29
C GLY B 106 3.34 0.22 -20.73
N SER B 107 4.30 0.49 -21.61
CA SER B 107 4.23 0.06 -23.00
C SER B 107 5.65 -0.28 -23.45
N MET B 108 5.82 -0.61 -24.72
CA MET B 108 7.16 -0.80 -25.25
C MET B 108 7.87 0.53 -25.45
N ASP B 109 7.12 1.63 -25.33
CA ASP B 109 7.67 2.97 -25.51
C ASP B 109 8.32 3.43 -24.21
N GLY B 110 8.16 2.66 -23.15
CA GLY B 110 8.87 2.94 -21.92
C GLY B 110 8.23 3.98 -21.03
N ASP B 111 7.03 4.41 -21.38
CA ASP B 111 6.33 5.40 -20.56
C ASP B 111 5.90 4.82 -19.22
N PRO B 112 5.79 5.69 -18.21
CA PRO B 112 5.56 5.28 -16.82
C PRO B 112 4.19 4.63 -16.65
N PRO B 113 4.17 3.46 -16.00
CA PRO B 113 2.96 2.76 -15.60
C PRO B 113 2.23 3.54 -14.50
N ALA B 114 0.91 3.51 -14.55
CA ALA B 114 0.08 4.04 -13.47
C ALA B 114 0.56 3.53 -12.10
N ALA B 115 0.56 4.40 -11.10
CA ALA B 115 0.98 4.00 -9.75
C ALA B 115 0.01 2.99 -9.15
N MET B 116 0.44 2.28 -8.10
CA MET B 116 -0.41 1.23 -7.52
C MET B 116 -1.73 1.76 -6.98
N ARG B 117 -1.80 3.07 -6.78
CA ARG B 117 -3.03 3.75 -6.44
C ARG B 117 -4.09 3.40 -7.50
N TYR B 118 -3.70 3.30 -8.77
CA TYR B 118 -4.62 3.19 -9.92
C TYR B 118 -4.93 1.77 -10.47
N THR B 119 -3.98 0.86 -10.37
CA THR B 119 -4.09 -0.41 -11.07
C THR B 119 -4.65 -1.52 -10.21
N GLU B 120 -5.10 -2.59 -10.88
CA GLU B 120 -5.61 -3.76 -10.21
C GLU B 120 -4.87 -4.95 -10.74
N ALA B 121 -4.77 -6.03 -9.98
CA ALA B 121 -4.04 -7.18 -10.47
C ALA B 121 -4.58 -8.51 -9.95
N ARG B 122 -4.07 -9.59 -10.54
CA ARG B 122 -4.30 -10.95 -10.07
C ARG B 122 -3.26 -11.88 -10.70
N LEU B 123 -3.09 -13.07 -10.14
CA LEU B 123 -2.17 -14.03 -10.72
C LEU B 123 -2.68 -14.52 -12.07
N SER B 124 -1.79 -14.67 -13.03
CA SER B 124 -2.14 -15.28 -14.29
C SER B 124 -2.46 -16.77 -14.07
N GLU B 125 -3.16 -17.39 -15.00
CA GLU B 125 -3.48 -18.81 -14.82
C GLU B 125 -2.24 -19.69 -14.68
N ILE B 126 -1.21 -19.35 -15.45
CA ILE B 126 0.00 -20.16 -15.45
C ILE B 126 0.73 -20.05 -14.14
N ALA B 127 0.70 -18.85 -13.55
CA ALA B 127 1.25 -18.62 -12.20
C ALA B 127 0.72 -19.69 -11.28
N GLY B 128 -0.53 -20.07 -11.52
CA GLY B 128 -1.15 -21.12 -10.76
C GLY B 128 -0.21 -22.28 -10.63
N TYR B 129 0.31 -22.71 -11.77
CA TYR B 129 1.10 -23.93 -11.82
C TYR B 129 2.43 -23.82 -11.09
N LEU B 130 3.04 -22.63 -11.06
CA LEU B 130 4.23 -22.44 -10.25
C LEU B 130 3.98 -22.68 -8.76
N LEU B 131 2.71 -22.64 -8.35
CA LEU B 131 2.35 -22.74 -6.94
C LEU B 131 1.65 -24.05 -6.61
N GLN B 132 1.35 -24.81 -7.65
CA GLN B 132 0.63 -26.06 -7.54
C GLN B 132 1.21 -26.86 -6.40
N ASP B 133 0.34 -27.36 -5.53
CA ASP B 133 0.75 -28.26 -4.44
C ASP B 133 1.54 -27.58 -3.31
N ILE B 134 1.59 -26.26 -3.31
CA ILE B 134 2.26 -25.51 -2.23
C ILE B 134 1.70 -25.93 -0.85
N GLU B 135 0.44 -26.33 -0.80
CA GLU B 135 -0.27 -26.63 0.44
C GLU B 135 -0.10 -28.07 0.92
N LYS B 136 0.83 -28.80 0.32
CA LYS B 136 1.00 -30.21 0.62
C LYS B 136 2.41 -30.53 1.12
N LYS B 137 3.06 -29.57 1.77
CA LYS B 137 4.37 -29.81 2.34
C LYS B 137 5.33 -30.39 1.32
N THR B 138 5.39 -29.73 0.16
CA THR B 138 6.24 -30.17 -0.94
C THR B 138 7.48 -29.32 -1.04
N VAL B 139 7.55 -28.32 -0.18
CA VAL B 139 8.56 -27.30 -0.32
C VAL B 139 9.03 -26.79 1.05
N PRO B 140 10.36 -26.59 1.20
CA PRO B 140 10.92 -26.09 2.46
C PRO B 140 10.49 -24.63 2.82
N PHE B 141 9.85 -24.48 3.97
CA PHE B 141 9.40 -23.16 4.45
C PHE B 141 10.34 -22.51 5.48
N ALA B 142 10.14 -21.22 5.72
CA ALA B 142 11.00 -20.49 6.66
C ALA B 142 10.20 -19.39 7.34
N TRP B 143 10.65 -18.96 8.53
CA TRP B 143 9.98 -17.89 9.24
C TRP B 143 10.24 -16.56 8.54
N ASN B 144 9.21 -15.69 8.51
CA ASN B 144 9.36 -14.36 7.95
C ASN B 144 10.03 -13.45 8.98
N PHE B 145 10.50 -12.28 8.55
CA PHE B 145 11.17 -11.34 9.45
C PHE B 145 10.46 -11.11 10.80
N ASP B 146 9.13 -11.10 10.78
CA ASP B 146 8.30 -10.97 11.98
C ASP B 146 8.42 -12.17 12.91
N ASP B 147 8.69 -13.32 12.32
CA ASP B 147 8.55 -14.60 13.00
C ASP B 147 7.10 -14.83 13.32
N THR B 148 6.22 -14.41 12.41
CA THR B 148 4.80 -14.54 12.63
C THR B 148 4.16 -15.44 11.60
N GLU B 149 4.89 -15.74 10.54
CA GLU B 149 4.33 -16.47 9.41
C GLU B 149 5.47 -17.15 8.65
N LYS B 150 5.27 -18.41 8.30
CA LYS B 150 6.27 -19.10 7.49
C LYS B 150 6.05 -18.74 6.03
N GLU B 151 7.12 -18.72 5.24
CA GLU B 151 7.02 -18.47 3.81
C GLU B 151 7.93 -19.44 3.10
N PRO B 152 7.61 -19.77 1.84
CA PRO B 152 8.37 -20.72 1.03
C PRO B 152 9.71 -20.12 0.56
N THR B 153 10.73 -20.96 0.50
CA THR B 153 12.06 -20.53 0.04
C THR B 153 12.27 -20.81 -1.44
N VAL B 154 11.38 -21.62 -2.00
CA VAL B 154 11.34 -21.95 -3.43
C VAL B 154 9.92 -22.41 -3.72
N LEU B 155 9.41 -22.16 -4.92
CA LEU B 155 8.08 -22.67 -5.25
C LEU B 155 8.13 -24.04 -5.92
N PRO B 156 7.05 -24.83 -5.80
CA PRO B 156 6.94 -26.15 -6.43
C PRO B 156 7.28 -26.19 -7.92
N ALA B 157 7.04 -25.10 -8.64
CA ALA B 157 7.37 -24.98 -10.05
C ALA B 157 6.89 -26.15 -10.91
N ALA B 158 5.64 -26.10 -11.32
CA ALA B 158 5.09 -27.14 -12.18
C ALA B 158 5.56 -27.02 -13.63
N PHE B 159 6.26 -25.93 -13.94
CA PHE B 159 6.97 -25.77 -15.22
C PHE B 159 8.30 -25.04 -14.96
N PRO B 160 9.29 -25.20 -15.85
CA PRO B 160 10.67 -24.74 -15.61
C PRO B 160 10.89 -23.27 -15.97
N ASN B 161 10.55 -22.43 -15.01
CA ASN B 161 10.32 -21.02 -15.25
C ASN B 161 11.63 -20.28 -15.54
N LEU B 162 12.74 -20.76 -15.01
CA LEU B 162 14.02 -20.09 -15.24
C LEU B 162 14.26 -19.86 -16.73
N LEU B 163 14.02 -20.89 -17.54
CA LEU B 163 14.27 -20.75 -18.96
C LEU B 163 13.17 -20.05 -19.73
N VAL B 164 11.92 -20.24 -19.29
CA VAL B 164 10.81 -19.68 -20.05
C VAL B 164 10.76 -18.18 -19.96
N ASN B 165 10.93 -17.66 -18.75
CA ASN B 165 10.83 -16.22 -18.58
C ASN B 165 12.17 -15.54 -18.39
N GLY B 166 13.24 -16.32 -18.20
CA GLY B 166 14.56 -15.75 -18.07
C GLY B 166 14.76 -14.98 -16.78
N SER B 167 15.83 -14.18 -16.75
CA SER B 167 16.13 -13.38 -15.57
C SER B 167 17.16 -12.33 -15.93
N THR B 168 17.50 -11.49 -14.96
CA THR B 168 18.39 -10.36 -15.14
C THR B 168 18.12 -9.40 -13.99
N GLY B 169 19.12 -8.97 -13.21
CA GLY B 169 20.42 -9.60 -13.12
C GLY B 169 21.66 -8.72 -12.84
N ILE B 170 21.72 -8.03 -11.70
CA ILE B 170 22.98 -7.40 -11.27
C ILE B 170 23.27 -7.41 -9.76
N SER B 171 24.24 -8.20 -9.34
CA SER B 171 24.55 -8.42 -7.95
C SER B 171 25.86 -7.73 -7.55
N ALA B 172 26.60 -8.37 -6.67
CA ALA B 172 27.96 -7.94 -6.33
C ALA B 172 28.89 -9.10 -6.65
N GLY B 173 29.79 -8.88 -7.59
CA GLY B 173 30.70 -9.91 -8.01
C GLY B 173 30.11 -10.76 -9.12
N TYR B 174 28.79 -10.75 -9.23
CA TYR B 174 28.11 -11.53 -10.25
C TYR B 174 26.97 -10.70 -10.84
N ALA B 175 26.57 -11.03 -12.06
CA ALA B 175 25.37 -10.47 -12.64
C ALA B 175 24.68 -11.59 -13.42
N THR B 176 23.52 -11.35 -13.99
CA THR B 176 22.86 -12.41 -14.75
C THR B 176 22.05 -11.88 -15.93
N ASP B 177 22.09 -12.62 -17.03
CA ASP B 177 21.22 -12.40 -18.17
C ASP B 177 20.86 -13.73 -18.82
N ILE B 178 19.59 -14.08 -18.71
CA ILE B 178 19.07 -15.32 -19.22
C ILE B 178 17.84 -14.90 -20.00
N PRO B 179 17.76 -15.32 -21.27
CA PRO B 179 16.66 -14.85 -22.11
C PRO B 179 15.47 -15.79 -22.02
N PRO B 180 14.30 -15.31 -22.41
CA PRO B 180 13.05 -16.10 -22.43
C PRO B 180 13.15 -17.28 -23.39
N HIS B 181 12.35 -18.31 -23.19
CA HIS B 181 12.37 -19.47 -24.08
C HIS B 181 10.97 -19.98 -24.34
N ASN B 182 10.79 -20.67 -25.46
CA ASN B 182 9.48 -21.22 -25.74
C ASN B 182 9.07 -22.32 -24.76
N LEU B 183 7.96 -22.13 -24.05
CA LEU B 183 7.48 -23.10 -23.05
C LEU B 183 7.43 -24.56 -23.54
N ALA B 184 6.84 -24.78 -24.71
CA ALA B 184 6.75 -26.13 -25.28
C ALA B 184 8.13 -26.74 -25.54
N GLU B 185 9.03 -25.97 -26.16
CA GLU B 185 10.40 -26.41 -26.37
C GLU B 185 11.13 -26.77 -25.06
N VAL B 186 11.24 -25.83 -24.14
CA VAL B 186 11.85 -26.12 -22.84
C VAL B 186 11.34 -27.43 -22.20
N ILE B 187 10.03 -27.64 -22.20
CA ILE B 187 9.49 -28.86 -21.62
C ILE B 187 9.92 -30.12 -22.38
N ASP B 188 9.90 -30.05 -23.71
CA ASP B 188 10.37 -31.15 -24.55
C ASP B 188 11.80 -31.51 -24.19
N ALA B 189 12.66 -30.50 -24.11
CA ALA B 189 14.02 -30.74 -23.65
C ALA B 189 14.05 -31.44 -22.29
N ALA B 190 13.27 -30.93 -21.36
CA ALA B 190 13.28 -31.48 -20.02
C ALA B 190 12.87 -32.95 -20.04
N VAL B 191 11.77 -33.24 -20.72
CA VAL B 191 11.25 -34.59 -20.75
C VAL B 191 12.25 -35.56 -21.36
N TYR B 192 12.93 -35.11 -22.41
CA TYR B 192 13.99 -35.92 -22.99
C TYR B 192 15.03 -36.24 -21.91
N MET B 193 15.58 -35.21 -21.31
CA MET B 193 16.63 -35.42 -20.35
C MET B 193 16.20 -36.29 -19.17
N ILE B 194 14.89 -36.39 -18.96
CA ILE B 194 14.39 -37.18 -17.84
C ILE B 194 14.68 -38.65 -18.10
N ASP B 195 14.46 -39.05 -19.34
CA ASP B 195 14.75 -40.39 -19.86
C ASP B 195 16.24 -40.62 -20.11
N HIS B 196 16.97 -39.53 -20.30
CA HIS B 196 18.33 -39.58 -20.81
C HIS B 196 19.22 -38.61 -20.07
N PRO B 197 19.47 -38.89 -18.78
CA PRO B 197 20.21 -38.10 -17.79
C PRO B 197 21.51 -37.51 -18.31
N THR B 198 22.15 -38.22 -19.22
CA THR B 198 23.50 -37.87 -19.66
C THR B 198 23.48 -37.13 -20.99
N ALA B 199 22.29 -36.69 -21.40
CA ALA B 199 22.10 -36.07 -22.71
C ALA B 199 23.08 -34.94 -22.92
N LYS B 200 23.54 -34.77 -24.15
CA LYS B 200 24.52 -33.74 -24.46
C LYS B 200 23.87 -32.61 -25.26
N ILE B 201 24.50 -31.44 -25.25
CA ILE B 201 23.86 -30.23 -25.77
C ILE B 201 23.35 -30.34 -27.20
N ASP B 202 24.14 -30.99 -28.05
CA ASP B 202 23.81 -31.13 -29.45
C ASP B 202 22.42 -31.73 -29.60
N LYS B 203 22.11 -32.70 -28.74
CA LYS B 203 20.84 -33.42 -28.84
C LYS B 203 19.72 -32.59 -28.25
N LEU B 204 20.00 -31.94 -27.12
CA LEU B 204 18.98 -31.10 -26.47
C LEU B 204 18.57 -29.97 -27.40
N MET B 205 19.48 -29.55 -28.26
CA MET B 205 19.18 -28.43 -29.15
C MET B 205 18.26 -28.84 -30.30
N GLU B 206 18.02 -30.14 -30.46
CA GLU B 206 17.00 -30.59 -31.38
C GLU B 206 15.61 -30.32 -30.75
N PHE B 207 15.60 -30.03 -29.45
CA PHE B 207 14.36 -29.73 -28.73
C PHE B 207 14.31 -28.27 -28.31
N LEU B 208 15.44 -27.80 -27.80
CA LEU B 208 15.61 -26.43 -27.37
C LEU B 208 16.55 -25.70 -28.32
N PRO B 209 16.06 -25.34 -29.52
CA PRO B 209 16.86 -24.72 -30.58
C PRO B 209 17.52 -23.41 -30.17
N GLY B 210 16.87 -22.68 -29.27
CA GLY B 210 17.35 -21.39 -28.85
C GLY B 210 16.27 -20.50 -28.27
N PRO B 211 16.68 -19.33 -27.77
CA PRO B 211 15.83 -18.31 -27.15
C PRO B 211 14.57 -18.02 -27.96
N ASP B 212 13.46 -17.73 -27.27
CA ASP B 212 12.25 -17.26 -27.92
C ASP B 212 11.76 -16.01 -27.22
N PHE B 213 12.17 -14.85 -27.73
CA PHE B 213 11.76 -13.56 -27.18
C PHE B 213 10.28 -13.26 -27.41
N PRO B 214 9.61 -12.66 -26.42
CA PRO B 214 8.18 -12.38 -26.58
C PRO B 214 7.99 -11.23 -27.54
N THR B 215 9.07 -10.51 -27.80
CA THR B 215 9.08 -9.41 -28.76
C THR B 215 9.29 -9.89 -30.19
N GLY B 216 9.51 -11.19 -30.36
CA GLY B 216 9.79 -11.78 -31.66
C GLY B 216 11.17 -11.43 -32.20
N ALA B 217 11.25 -11.28 -33.52
CA ALA B 217 12.46 -10.85 -34.24
C ALA B 217 13.22 -12.04 -34.80
N ILE B 218 14.45 -11.80 -35.20
CA ILE B 218 15.31 -12.85 -35.74
C ILE B 218 16.56 -13.05 -34.87
N ILE B 219 16.77 -14.27 -34.41
CA ILE B 219 17.98 -14.59 -33.65
C ILE B 219 18.98 -15.29 -34.56
N GLN B 220 20.23 -14.82 -34.54
CA GLN B 220 21.27 -15.33 -35.44
C GLN B 220 22.54 -15.69 -34.71
N GLY B 221 22.90 -16.98 -34.73
CA GLY B 221 24.15 -17.44 -34.15
C GLY B 221 24.11 -18.83 -33.54
N ARG B 222 23.62 -19.80 -34.30
CA ARG B 222 23.53 -21.19 -33.82
C ARG B 222 24.78 -21.58 -33.05
N ASP B 223 25.94 -21.14 -33.51
CA ASP B 223 27.22 -21.49 -32.87
C ASP B 223 27.40 -20.84 -31.47
N GLU B 224 27.12 -19.54 -31.36
CA GLU B 224 27.19 -18.87 -30.05
C GLU B 224 26.11 -19.32 -29.05
N ILE B 225 24.91 -19.60 -29.57
CA ILE B 225 23.87 -20.26 -28.78
C ILE B 225 24.37 -21.57 -28.13
N LYS B 226 25.05 -22.43 -28.90
CA LYS B 226 25.59 -23.64 -28.28
C LYS B 226 26.60 -23.26 -27.22
N LYS B 227 27.47 -22.31 -27.54
CA LYS B 227 28.50 -21.97 -26.58
C LYS B 227 27.82 -21.58 -25.27
N ALA B 228 26.80 -20.73 -25.38
CA ALA B 228 26.05 -20.27 -24.19
C ALA B 228 25.33 -21.40 -23.47
N TYR B 229 24.62 -22.25 -24.21
CA TYR B 229 23.95 -23.38 -23.61
C TYR B 229 24.93 -24.34 -22.93
N GLU B 230 26.21 -24.22 -23.25
CA GLU B 230 27.24 -25.08 -22.68
C GLU B 230 27.99 -24.39 -21.54
N THR B 231 28.38 -23.15 -21.75
CA THR B 231 29.17 -22.45 -20.74
C THR B 231 28.38 -21.50 -19.86
N GLY B 232 27.22 -21.07 -20.33
CA GLY B 232 26.48 -20.02 -19.67
C GLY B 232 26.70 -18.66 -20.31
N LYS B 233 27.77 -18.52 -21.09
CA LYS B 233 28.02 -17.29 -21.85
C LYS B 233 28.00 -17.49 -23.36
N GLY B 234 27.68 -16.43 -24.08
CA GLY B 234 27.54 -16.47 -25.53
C GLY B 234 27.02 -15.12 -25.98
N ARG B 235 27.23 -14.80 -27.26
CA ARG B 235 26.79 -13.52 -27.85
C ARG B 235 26.07 -13.81 -29.15
N VAL B 236 24.76 -13.66 -29.13
CA VAL B 236 23.97 -13.91 -30.32
C VAL B 236 23.53 -12.57 -30.92
N VAL B 237 22.97 -12.59 -32.13
CA VAL B 237 22.52 -11.35 -32.75
C VAL B 237 21.00 -11.31 -32.88
N VAL B 238 20.41 -10.15 -32.60
CA VAL B 238 18.96 -10.03 -32.74
C VAL B 238 18.67 -8.91 -33.72
N ARG B 239 17.89 -9.23 -34.76
CA ARG B 239 17.64 -8.28 -35.82
C ARG B 239 16.15 -8.17 -36.08
N SER B 240 15.71 -6.94 -36.31
CA SER B 240 14.29 -6.63 -36.44
C SER B 240 13.67 -7.25 -37.67
N LYS B 241 12.45 -7.77 -37.51
CA LYS B 241 11.65 -8.28 -38.61
C LYS B 241 11.15 -7.11 -39.44
N THR B 242 11.41 -7.16 -40.75
CA THR B 242 11.07 -6.08 -41.67
C THR B 242 10.35 -6.52 -42.96
N GLU B 243 9.75 -5.55 -43.63
CA GLU B 243 9.02 -5.78 -44.87
C GLU B 243 9.24 -4.54 -45.75
N ILE B 244 9.05 -4.69 -47.06
CA ILE B 244 9.10 -3.54 -47.96
C ILE B 244 7.76 -3.38 -48.63
N GLU B 245 7.24 -2.16 -48.63
CA GLU B 245 5.98 -1.88 -49.30
C GLU B 245 6.23 -0.89 -50.42
N LYS B 246 5.79 -1.25 -51.63
CA LYS B 246 5.89 -0.34 -52.77
C LYS B 246 4.81 0.74 -52.62
N LEU B 247 5.17 2.00 -52.86
CA LEU B 247 4.21 3.10 -52.70
C LEU B 247 3.93 3.84 -54.02
N LYS B 248 2.90 4.68 -53.99
CA LYS B 248 2.58 5.54 -55.12
C LYS B 248 3.78 6.43 -55.42
N GLY B 249 3.92 6.84 -56.68
CA GLY B 249 5.01 7.72 -57.07
C GLY B 249 6.32 6.98 -57.27
N GLY B 250 6.23 5.65 -57.30
CA GLY B 250 7.40 4.81 -57.51
C GLY B 250 8.36 4.82 -56.33
N LYS B 251 7.86 5.21 -55.16
CA LYS B 251 8.67 5.26 -53.95
C LYS B 251 8.46 4.01 -53.09
N GLU B 252 9.53 3.52 -52.46
CA GLU B 252 9.46 2.33 -51.61
C GLU B 252 9.50 2.71 -50.12
N GLN B 253 9.01 1.81 -49.26
CA GLN B 253 8.87 2.11 -47.83
C GLN B 253 9.21 0.92 -46.94
N ILE B 254 10.22 1.08 -46.08
CA ILE B 254 10.60 0.02 -45.15
C ILE B 254 9.66 -0.06 -43.95
N VAL B 255 9.31 -1.28 -43.55
CA VAL B 255 8.36 -1.42 -42.46
C VAL B 255 8.84 -2.42 -41.42
N ILE B 256 9.00 -1.96 -40.19
CA ILE B 256 9.47 -2.83 -39.11
C ILE B 256 8.29 -3.31 -38.31
N THR B 257 8.20 -4.61 -38.06
CA THR B 257 7.05 -5.16 -37.36
C THR B 257 7.41 -5.92 -36.10
N GLU B 258 8.70 -6.20 -35.92
CA GLU B 258 9.21 -6.77 -34.69
C GLU B 258 10.56 -6.13 -34.35
N ILE B 259 10.82 -5.86 -33.07
CA ILE B 259 12.12 -5.30 -32.68
C ILE B 259 12.82 -6.13 -31.62
N PRO B 260 14.10 -5.85 -31.40
CA PRO B 260 14.89 -6.74 -30.53
C PRO B 260 14.50 -6.60 -29.07
N TYR B 261 14.42 -7.73 -28.39
CA TYR B 261 14.17 -7.80 -26.95
C TYR B 261 14.86 -6.69 -26.14
N GLU B 262 14.07 -6.02 -25.29
CA GLU B 262 14.62 -5.08 -24.32
C GLU B 262 15.02 -3.75 -24.94
N ILE B 263 14.39 -3.41 -26.05
CA ILE B 263 14.70 -2.17 -26.75
C ILE B 263 13.48 -1.30 -26.71
N ASN B 264 13.67 -0.02 -26.44
CA ASN B 264 12.59 0.97 -26.36
C ASN B 264 12.10 1.42 -27.75
N LYS B 265 10.89 1.04 -28.14
CA LYS B 265 10.40 1.40 -29.46
C LYS B 265 10.51 2.91 -29.66
N ALA B 266 10.34 3.67 -28.60
CA ALA B 266 10.24 5.10 -28.75
C ALA B 266 11.60 5.70 -28.99
N ASN B 267 12.59 5.26 -28.22
CA ASN B 267 13.96 5.76 -28.42
C ASN B 267 14.49 5.35 -29.78
N LEU B 268 14.25 4.09 -30.14
CA LEU B 268 14.63 3.59 -31.46
C LEU B 268 14.22 4.61 -32.50
N VAL B 269 12.92 4.73 -32.71
CA VAL B 269 12.38 5.69 -33.64
C VAL B 269 13.09 7.05 -33.59
N LYS B 270 13.38 7.58 -32.40
CA LYS B 270 14.10 8.86 -32.35
C LYS B 270 15.48 8.69 -32.91
N LYS B 271 16.18 7.65 -32.47
CA LYS B 271 17.56 7.41 -32.89
C LYS B 271 17.66 7.11 -34.40
N ILE B 272 16.53 6.74 -35.01
CA ILE B 272 16.47 6.48 -36.44
C ILE B 272 16.18 7.76 -37.20
N ASP B 273 15.28 8.58 -36.69
CA ASP B 273 14.97 9.83 -37.36
C ASP B 273 16.16 10.76 -37.21
N ASP B 274 17.04 10.42 -36.28
CA ASP B 274 18.27 11.19 -36.14
C ASP B 274 19.22 10.86 -37.27
N VAL B 275 19.09 9.67 -37.82
CA VAL B 275 19.84 9.31 -39.01
C VAL B 275 19.34 10.15 -40.16
N ARG B 276 18.04 10.13 -40.41
CA ARG B 276 17.48 11.01 -41.42
C ARG B 276 17.99 12.44 -41.26
N VAL B 277 17.86 12.97 -40.05
CA VAL B 277 18.12 14.39 -39.83
C VAL B 277 19.57 14.79 -40.00
N ASN B 278 20.49 13.87 -39.69
CA ASN B 278 21.90 14.13 -39.85
C ASN B 278 22.36 13.60 -41.20
N ASN B 279 21.38 13.21 -42.01
CA ASN B 279 21.65 12.71 -43.35
C ASN B 279 22.81 11.74 -43.30
N LYS B 280 22.76 10.79 -42.36
CA LYS B 280 23.90 9.92 -42.10
C LYS B 280 24.02 8.87 -43.22
N VAL B 281 22.87 8.54 -43.81
CA VAL B 281 22.79 7.71 -45.02
C VAL B 281 21.71 8.36 -45.88
N ALA B 282 21.87 8.28 -47.19
CA ALA B 282 20.98 9.05 -48.06
C ALA B 282 19.72 8.29 -48.43
N GLY B 283 18.58 8.97 -48.43
CA GLY B 283 17.35 8.38 -48.94
C GLY B 283 16.10 8.46 -48.09
N ILE B 284 16.21 8.89 -46.85
CA ILE B 284 15.08 8.84 -45.94
C ILE B 284 14.13 10.06 -46.05
N ALA B 285 12.88 9.79 -46.38
CA ALA B 285 11.87 10.81 -46.52
C ALA B 285 11.32 11.19 -45.16
N GLU B 286 10.98 10.19 -44.37
CA GLU B 286 10.24 10.41 -43.14
C GLU B 286 10.27 9.17 -42.25
N VAL B 287 10.47 9.37 -40.97
CA VAL B 287 10.28 8.28 -40.02
C VAL B 287 8.90 8.41 -39.36
N ARG B 288 8.21 7.30 -39.13
CA ARG B 288 6.83 7.35 -38.64
C ARG B 288 6.47 6.14 -37.78
N ASP B 289 6.19 6.37 -36.50
CA ASP B 289 5.66 5.29 -35.67
C ASP B 289 4.17 5.18 -35.99
N GLU B 290 3.73 4.00 -36.38
CA GLU B 290 2.33 3.79 -36.73
C GLU B 290 1.78 2.64 -35.93
N SER B 291 2.51 2.28 -34.87
CA SER B 291 2.10 1.22 -33.98
C SER B 291 0.83 1.66 -33.30
N ASP B 292 -0.10 0.72 -33.17
CA ASP B 292 -1.35 1.00 -32.50
C ASP B 292 -1.72 -0.19 -31.59
N ARG B 293 -2.80 -0.05 -30.83
CA ARG B 293 -3.16 -1.03 -29.82
C ARG B 293 -3.10 -2.51 -30.29
N ASP B 294 -3.12 -2.77 -31.60
CA ASP B 294 -3.00 -4.16 -32.05
C ASP B 294 -2.01 -4.35 -33.19
N GLY B 295 -0.74 -4.13 -32.87
CA GLY B 295 0.31 -4.30 -33.84
C GLY B 295 1.34 -3.19 -33.75
N LEU B 296 2.60 -3.59 -33.68
CA LEU B 296 3.72 -2.66 -33.80
C LEU B 296 3.99 -2.43 -35.29
N ARG B 297 4.35 -1.21 -35.66
CA ARG B 297 4.61 -0.86 -37.04
C ARG B 297 5.31 0.47 -37.21
N ILE B 298 6.61 0.41 -37.49
CA ILE B 298 7.40 1.60 -37.82
C ILE B 298 7.62 1.71 -39.34
N ALA B 299 7.05 2.77 -39.92
CA ALA B 299 7.14 3.04 -41.36
C ALA B 299 8.36 3.93 -41.61
N ILE B 300 9.31 3.44 -42.39
CA ILE B 300 10.39 4.29 -42.89
C ILE B 300 10.19 4.57 -44.38
N GLU B 301 9.72 5.77 -44.69
CA GLU B 301 9.44 6.13 -46.06
C GLU B 301 10.69 6.68 -46.70
N LEU B 302 10.96 6.24 -47.92
CA LEU B 302 12.17 6.64 -48.63
C LEU B 302 11.89 7.65 -49.73
N LYS B 303 12.93 8.33 -50.20
CA LYS B 303 12.82 9.26 -51.31
C LYS B 303 12.75 8.54 -52.68
N LYS B 304 12.59 9.33 -53.75
CA LYS B 304 12.29 8.84 -55.10
C LYS B 304 13.22 7.74 -55.64
N ASP B 305 14.51 8.04 -55.70
CA ASP B 305 15.47 7.02 -56.10
C ASP B 305 16.47 6.87 -54.97
N ALA B 306 16.18 5.93 -54.09
CA ALA B 306 16.97 5.74 -52.89
C ALA B 306 17.35 4.28 -52.81
N ASN B 307 18.60 3.99 -52.45
CA ASN B 307 19.03 2.59 -52.39
C ASN B 307 18.51 1.90 -51.14
N THR B 308 17.33 1.28 -51.23
CA THR B 308 16.69 0.81 -50.02
C THR B 308 17.52 -0.24 -49.27
N GLU B 309 18.27 -1.07 -49.98
CA GLU B 309 19.11 -2.05 -49.28
C GLU B 309 20.30 -1.34 -48.60
N LEU B 310 20.62 -0.14 -49.07
CA LEU B 310 21.68 0.62 -48.45
C LEU B 310 21.19 1.16 -47.12
N VAL B 311 20.02 1.78 -47.15
CA VAL B 311 19.41 2.35 -45.95
C VAL B 311 19.22 1.28 -44.90
N LEU B 312 18.56 0.19 -45.29
CA LEU B 312 18.23 -0.87 -44.35
C LEU B 312 19.47 -1.39 -43.68
N ASN B 313 20.56 -1.55 -44.42
CA ASN B 313 21.80 -2.01 -43.83
C ASN B 313 22.36 -1.01 -42.85
N TYR B 314 22.44 0.25 -43.25
CA TYR B 314 23.03 1.27 -42.41
C TYR B 314 22.34 1.29 -41.05
N LEU B 315 21.02 1.15 -41.05
CA LEU B 315 20.23 1.16 -39.83
C LEU B 315 20.59 0.00 -38.93
N PHE B 316 20.61 -1.22 -39.48
CA PHE B 316 21.07 -2.38 -38.72
C PHE B 316 22.42 -2.10 -38.09
N LYS B 317 23.36 -1.57 -38.87
CA LYS B 317 24.70 -1.42 -38.34
C LYS B 317 24.75 -0.36 -37.25
N TYR B 318 24.04 0.76 -37.46
CA TYR B 318 24.27 1.94 -36.64
C TYR B 318 23.12 2.33 -35.69
N THR B 319 22.08 1.51 -35.66
CA THR B 319 21.06 1.65 -34.63
C THR B 319 20.78 0.32 -33.95
N ASP B 320 19.68 0.33 -33.21
CA ASP B 320 19.28 -0.82 -32.40
C ASP B 320 18.21 -1.64 -33.11
N LEU B 321 17.96 -1.32 -34.38
CA LEU B 321 17.17 -2.23 -35.20
C LEU B 321 17.86 -3.58 -35.19
N GLN B 322 19.13 -3.56 -34.81
CA GLN B 322 19.85 -4.79 -34.62
C GLN B 322 20.91 -4.58 -33.56
N ILE B 323 20.89 -5.51 -32.61
CA ILE B 323 21.73 -5.49 -31.43
C ILE B 323 22.26 -6.89 -31.15
N ASN B 324 23.19 -6.99 -30.21
CA ASN B 324 23.72 -8.28 -29.75
C ASN B 324 23.23 -8.60 -28.34
N TYR B 325 22.54 -9.72 -28.19
CA TYR B 325 22.20 -10.20 -26.88
C TYR B 325 23.36 -11.03 -26.28
N ASN B 326 23.67 -10.81 -25.01
CA ASN B 326 24.71 -11.61 -24.36
C ASN B 326 24.15 -12.51 -23.26
N PHE B 327 24.19 -13.82 -23.49
CA PHE B 327 23.89 -14.73 -22.40
C PHE B 327 24.93 -14.56 -21.32
N ASN B 328 24.47 -14.47 -20.09
CA ASN B 328 25.34 -14.66 -18.93
C ASN B 328 24.53 -15.34 -17.85
N MET B 329 24.47 -16.66 -17.89
CA MET B 329 23.50 -17.38 -17.08
C MET B 329 24.02 -17.76 -15.71
N VAL B 330 23.77 -16.87 -14.77
CA VAL B 330 24.10 -17.09 -13.38
C VAL B 330 22.82 -17.27 -12.59
N ALA B 331 22.86 -18.15 -11.60
CA ALA B 331 21.70 -18.45 -10.80
C ALA B 331 22.17 -19.03 -9.48
N ILE B 332 21.25 -19.21 -8.55
CA ILE B 332 21.62 -19.71 -7.24
C ILE B 332 21.35 -21.19 -7.17
N ASP B 333 22.44 -21.94 -7.02
CA ASP B 333 22.37 -23.38 -6.84
C ASP B 333 23.04 -23.69 -5.51
N ASN B 334 22.37 -24.49 -4.71
CA ASN B 334 22.79 -24.76 -3.34
C ASN B 334 23.33 -23.51 -2.61
N PHE B 335 22.55 -22.45 -2.60
CA PHE B 335 22.90 -21.22 -1.89
C PHE B 335 24.06 -20.41 -2.49
N THR B 336 24.82 -20.99 -3.41
CA THR B 336 25.91 -20.23 -4.02
C THR B 336 25.54 -19.78 -5.44
N PRO B 337 26.18 -18.72 -5.92
CA PRO B 337 26.04 -18.33 -7.33
C PRO B 337 26.87 -19.26 -8.22
N ARG B 338 26.24 -19.75 -9.29
CA ARG B 338 26.87 -20.69 -10.21
C ARG B 338 26.65 -20.24 -11.62
N GLN B 339 27.74 -19.98 -12.36
CA GLN B 339 27.57 -19.75 -13.78
C GLN B 339 27.16 -21.10 -14.32
N VAL B 340 26.07 -21.17 -15.07
CA VAL B 340 25.50 -22.46 -15.47
C VAL B 340 24.91 -22.48 -16.88
N GLY B 341 24.92 -23.64 -17.51
CA GLY B 341 24.34 -23.76 -18.83
C GLY B 341 23.15 -24.70 -18.83
N ILE B 342 22.61 -24.96 -20.01
CA ILE B 342 21.35 -25.68 -20.13
C ILE B 342 21.25 -26.96 -19.33
N VAL B 343 22.37 -27.64 -19.09
CA VAL B 343 22.27 -28.93 -18.42
C VAL B 343 22.18 -28.85 -16.89
N PRO B 344 23.07 -28.10 -16.27
CA PRO B 344 22.90 -27.81 -14.83
C PRO B 344 21.46 -27.34 -14.54
N ILE B 345 20.95 -26.52 -15.44
CA ILE B 345 19.65 -25.94 -15.24
C ILE B 345 18.57 -27.00 -15.23
N LEU B 346 18.47 -27.74 -16.33
CA LEU B 346 17.41 -28.73 -16.45
C LEU B 346 17.55 -29.82 -15.41
N SER B 347 18.77 -30.20 -15.10
CA SER B 347 18.97 -31.27 -14.16
C SER B 347 18.44 -30.79 -12.81
N SER B 348 18.83 -29.57 -12.43
CA SER B 348 18.35 -28.93 -11.21
C SER B 348 16.82 -28.86 -11.14
N TYR B 349 16.20 -28.55 -12.28
CA TYR B 349 14.76 -28.53 -12.36
C TYR B 349 14.19 -29.92 -12.08
N ILE B 350 14.58 -30.89 -12.90
CA ILE B 350 14.23 -32.29 -12.69
C ILE B 350 14.44 -32.75 -11.25
N ALA B 351 15.63 -32.46 -10.71
CA ALA B 351 15.97 -32.79 -9.33
C ALA B 351 14.89 -32.32 -8.39
N HIS B 352 14.58 -31.03 -8.55
CA HIS B 352 13.58 -30.34 -7.77
C HIS B 352 12.21 -30.96 -7.96
N ARG B 353 11.75 -31.07 -9.20
CA ARG B 353 10.44 -31.67 -9.43
C ARG B 353 10.36 -33.04 -8.79
N ARG B 354 11.52 -33.69 -8.66
CA ARG B 354 11.58 -35.01 -8.05
C ARG B 354 11.25 -34.93 -6.55
N GLU B 355 11.84 -33.94 -5.90
CA GLU B 355 11.62 -33.75 -4.49
C GLU B 355 10.18 -33.38 -4.16
N VAL B 356 9.57 -32.57 -5.03
CA VAL B 356 8.20 -32.12 -4.84
C VAL B 356 7.26 -33.31 -4.93
N ILE B 357 7.32 -33.98 -6.08
CA ILE B 357 6.48 -35.15 -6.31
C ILE B 357 6.64 -36.24 -5.25
N LEU B 358 7.84 -36.39 -4.72
CA LEU B 358 8.02 -37.31 -3.62
C LEU B 358 7.32 -36.80 -2.36
N ALA B 359 7.65 -35.56 -1.97
CA ALA B 359 6.98 -34.92 -0.83
C ALA B 359 5.48 -34.91 -0.97
N ARG B 360 5.01 -34.47 -2.15
CA ARG B 360 3.59 -34.40 -2.39
C ARG B 360 2.98 -35.75 -2.08
N SER B 361 3.57 -36.80 -2.63
CA SER B 361 3.06 -38.15 -2.46
C SER B 361 3.08 -38.66 -1.03
N ARG B 362 4.15 -38.35 -0.32
CA ARG B 362 4.23 -38.75 1.08
C ARG B 362 3.04 -38.12 1.81
N PHE B 363 2.84 -36.82 1.59
CA PHE B 363 1.72 -36.10 2.19
C PHE B 363 0.38 -36.74 1.91
N ASP B 364 0.03 -36.87 0.63
CA ASP B 364 -1.25 -37.43 0.24
C ASP B 364 -1.46 -38.84 0.75
N LYS B 365 -0.38 -39.61 0.83
CA LYS B 365 -0.52 -40.98 1.30
C LYS B 365 -0.88 -40.98 2.76
N GLU B 366 -0.12 -40.25 3.56
CA GLU B 366 -0.36 -40.18 4.99
C GLU B 366 -1.82 -39.80 5.29
N LYS B 367 -2.28 -38.75 4.64
CA LYS B 367 -3.68 -38.34 4.68
C LYS B 367 -4.62 -39.49 4.37
N ALA B 368 -4.30 -40.27 3.35
CA ALA B 368 -5.19 -41.34 2.91
C ALA B 368 -5.21 -42.53 3.87
N GLU B 369 -4.08 -42.82 4.51
CA GLU B 369 -3.99 -43.90 5.48
C GLU B 369 -4.89 -43.59 6.67
N LYS B 370 -4.75 -42.34 7.14
CA LYS B 370 -5.47 -41.86 8.31
C LYS B 370 -6.94 -42.05 8.08
N ARG B 371 -7.41 -41.59 6.92
CA ARG B 371 -8.81 -41.72 6.56
C ARG B 371 -9.27 -43.18 6.47
N LEU B 372 -8.44 -44.00 5.85
CA LEU B 372 -8.71 -45.42 5.67
C LEU B 372 -8.92 -46.07 7.03
N HIS B 373 -8.01 -45.74 7.96
CA HIS B 373 -8.08 -46.23 9.33
C HIS B 373 -9.43 -45.94 9.97
N ILE B 374 -9.89 -44.69 9.82
CA ILE B 374 -11.18 -44.29 10.33
C ILE B 374 -12.28 -45.09 9.65
N VAL B 375 -12.22 -45.14 8.32
CA VAL B 375 -13.24 -45.80 7.53
C VAL B 375 -13.38 -47.27 7.94
N GLU B 376 -12.23 -47.92 8.15
CA GLU B 376 -12.22 -49.28 8.68
C GLU B 376 -12.99 -49.38 10.00
N GLY B 377 -12.71 -48.45 10.91
CA GLY B 377 -13.43 -48.40 12.18
C GLY B 377 -14.93 -48.24 12.03
N LEU B 378 -15.35 -47.31 11.17
CA LEU B 378 -16.77 -47.06 10.95
C LEU B 378 -17.50 -48.30 10.43
N ILE B 379 -16.84 -49.04 9.54
CA ILE B 379 -17.40 -50.28 9.03
C ILE B 379 -17.75 -51.31 10.13
N ARG B 380 -16.88 -51.45 11.13
CA ARG B 380 -17.18 -52.32 12.29
C ARG B 380 -18.34 -51.76 13.10
N VAL B 381 -18.29 -50.44 13.30
CA VAL B 381 -19.22 -49.80 14.20
C VAL B 381 -20.64 -50.11 13.77
N ILE B 382 -20.84 -50.28 12.47
CA ILE B 382 -22.18 -50.46 11.95
C ILE B 382 -22.79 -51.78 12.35
N SER B 383 -21.99 -52.82 12.40
CA SER B 383 -22.52 -54.13 12.76
C SER B 383 -22.83 -54.18 14.26
N ILE B 384 -22.30 -53.20 14.99
CA ILE B 384 -22.51 -53.15 16.43
C ILE B 384 -23.02 -51.79 16.87
N LEU B 385 -23.78 -51.15 15.98
CA LEU B 385 -24.31 -49.83 16.25
C LEU B 385 -24.85 -49.72 17.66
N ASP B 386 -25.81 -50.57 17.97
CA ASP B 386 -26.55 -50.44 19.22
C ASP B 386 -25.68 -50.70 20.43
N GLU B 387 -24.90 -51.78 20.39
CA GLU B 387 -24.01 -52.12 21.47
C GLU B 387 -23.09 -50.94 21.76
N VAL B 388 -22.66 -50.26 20.69
CA VAL B 388 -21.74 -49.14 20.82
C VAL B 388 -22.43 -47.96 21.46
N ILE B 389 -23.59 -47.60 20.94
CA ILE B 389 -24.41 -46.56 21.54
C ILE B 389 -24.63 -46.84 23.02
N ALA B 390 -25.09 -48.05 23.35
CA ALA B 390 -25.29 -48.43 24.74
C ALA B 390 -24.03 -48.21 25.57
N LEU B 391 -22.89 -48.56 24.99
CA LEU B 391 -21.60 -48.44 25.67
C LEU B 391 -21.27 -46.97 25.94
N ILE B 392 -21.57 -46.12 24.99
CA ILE B 392 -21.36 -44.69 25.20
C ILE B 392 -22.32 -44.14 26.28
N ARG B 393 -23.62 -44.42 26.14
CA ARG B 393 -24.58 -44.09 27.20
C ARG B 393 -24.05 -44.51 28.57
N ALA B 394 -23.51 -45.72 28.63
CA ALA B 394 -23.07 -46.28 29.90
C ALA B 394 -21.77 -45.68 30.41
N SER B 395 -21.07 -44.92 29.58
CA SER B 395 -19.83 -44.28 30.03
C SER B 395 -20.12 -43.05 30.88
N GLU B 396 -19.09 -42.47 31.48
CA GLU B 396 -19.30 -41.32 32.36
C GLU B 396 -19.04 -39.99 31.61
N ASN B 397 -18.01 -40.00 30.78
CA ASN B 397 -17.68 -38.84 29.95
C ASN B 397 -16.96 -39.24 28.66
N LYS B 398 -16.50 -38.25 27.91
CA LYS B 398 -15.86 -38.54 26.63
C LYS B 398 -14.67 -39.50 26.73
N ALA B 399 -13.76 -39.25 27.67
CA ALA B 399 -12.55 -40.05 27.74
C ALA B 399 -12.87 -41.45 28.24
N ASP B 400 -13.73 -41.51 29.25
CA ASP B 400 -14.23 -42.80 29.70
C ASP B 400 -14.89 -43.59 28.54
N ALA B 401 -15.57 -42.88 27.64
CA ALA B 401 -16.25 -43.53 26.52
C ALA B 401 -15.25 -44.17 25.58
N LYS B 402 -14.20 -43.43 25.26
CA LYS B 402 -13.17 -43.95 24.37
C LYS B 402 -12.44 -45.14 24.99
N GLU B 403 -12.14 -45.09 26.28
CA GLU B 403 -11.46 -46.22 26.87
C GLU B 403 -12.37 -47.44 26.82
N ASN B 404 -13.67 -47.25 27.02
CA ASN B 404 -14.53 -48.43 26.97
C ASN B 404 -14.62 -48.97 25.56
N LEU B 405 -14.40 -48.10 24.59
CA LEU B 405 -14.46 -48.48 23.19
C LEU B 405 -13.23 -49.27 22.84
N LYS B 406 -12.08 -48.79 23.30
CA LYS B 406 -10.82 -49.48 23.09
C LYS B 406 -10.89 -50.86 23.75
N VAL B 407 -11.14 -50.85 25.06
CA VAL B 407 -11.13 -52.06 25.86
C VAL B 407 -12.18 -53.11 25.47
N SER B 408 -13.37 -52.67 25.14
CA SER B 408 -14.41 -53.64 24.83
C SER B 408 -14.42 -54.12 23.40
N TYR B 409 -13.92 -53.31 22.46
CA TYR B 409 -13.98 -53.69 21.05
C TYR B 409 -12.68 -53.48 20.29
N ASP B 410 -11.62 -53.19 21.03
CA ASP B 410 -10.30 -53.04 20.41
C ASP B 410 -10.29 -52.00 19.31
N PHE B 411 -10.99 -50.90 19.49
CA PHE B 411 -10.80 -49.78 18.57
C PHE B 411 -9.52 -49.09 18.97
N THR B 412 -8.96 -48.32 18.06
CA THR B 412 -7.75 -47.59 18.37
C THR B 412 -8.14 -46.22 18.88
N GLU B 413 -7.21 -45.55 19.54
CA GLU B 413 -7.47 -44.20 20.00
C GLU B 413 -8.05 -43.33 18.87
N GLU B 414 -7.38 -43.30 17.73
CA GLU B 414 -7.86 -42.46 16.65
C GLU B 414 -9.25 -42.85 16.16
N GLN B 415 -9.54 -44.15 16.19
CA GLN B 415 -10.86 -44.60 15.77
C GLN B 415 -11.89 -44.21 16.81
N ALA B 416 -11.61 -44.56 18.06
CA ALA B 416 -12.46 -44.19 19.17
C ALA B 416 -12.83 -42.71 19.12
N GLU B 417 -11.84 -41.84 18.91
CA GLU B 417 -12.13 -40.41 18.83
C GLU B 417 -13.08 -40.08 17.70
N ALA B 418 -12.87 -40.70 16.55
CA ALA B 418 -13.76 -40.47 15.42
C ALA B 418 -15.21 -40.83 15.76
N ILE B 419 -15.38 -42.06 16.26
CA ILE B 419 -16.69 -42.58 16.62
C ILE B 419 -17.35 -41.70 17.65
N VAL B 420 -16.61 -41.41 18.70
CA VAL B 420 -17.14 -40.67 19.81
C VAL B 420 -17.53 -39.19 19.48
N THR B 421 -17.07 -38.69 18.33
CA THR B 421 -17.32 -37.31 17.96
C THR B 421 -18.25 -37.18 16.76
N LEU B 422 -18.87 -38.30 16.39
CA LEU B 422 -19.89 -38.31 15.35
C LEU B 422 -21.12 -37.55 15.84
N GLN B 423 -21.71 -36.73 14.97
CA GLN B 423 -22.98 -36.08 15.33
C GLN B 423 -24.15 -37.07 15.27
N LEU B 424 -25.10 -36.92 16.18
CA LEU B 424 -26.24 -37.85 16.26
C LEU B 424 -26.88 -38.26 14.95
N TYR B 425 -27.04 -37.33 14.01
CA TYR B 425 -27.74 -37.68 12.77
C TYR B 425 -27.07 -38.78 11.95
N ARG B 426 -25.76 -38.96 12.11
CA ARG B 426 -25.07 -40.03 11.43
C ARG B 426 -25.72 -41.40 11.64
N LEU B 427 -26.26 -41.66 12.83
CA LEU B 427 -26.94 -42.93 13.08
C LEU B 427 -28.08 -43.20 12.12
N THR B 428 -28.29 -42.30 11.17
CA THR B 428 -29.32 -42.48 10.15
C THR B 428 -28.71 -43.00 8.85
N ASN B 429 -27.52 -42.51 8.51
CA ASN B 429 -26.80 -43.01 7.35
C ASN B 429 -25.96 -44.23 7.69
N THR B 430 -26.62 -45.37 7.84
CA THR B 430 -25.95 -46.56 8.29
C THR B 430 -25.69 -47.52 7.11
N ASP B 431 -25.02 -47.01 6.08
CA ASP B 431 -24.81 -47.71 4.81
C ASP B 431 -23.36 -48.16 4.63
N VAL B 432 -23.12 -49.45 4.88
CA VAL B 432 -21.78 -50.02 4.80
C VAL B 432 -21.22 -50.20 3.38
N VAL B 433 -22.06 -50.42 2.39
CA VAL B 433 -21.54 -50.57 1.03
C VAL B 433 -20.80 -49.30 0.59
N VAL B 434 -21.40 -48.13 0.77
CA VAL B 434 -20.71 -46.93 0.31
C VAL B 434 -19.39 -46.72 1.03
N LEU B 435 -19.33 -47.04 2.32
CA LEU B 435 -18.06 -47.04 3.01
C LEU B 435 -17.06 -48.04 2.39
N GLN B 436 -17.47 -49.29 2.19
CA GLN B 436 -16.58 -50.27 1.56
C GLN B 436 -16.08 -49.77 0.22
N GLU B 437 -16.94 -49.06 -0.52
CA GLU B 437 -16.51 -48.39 -1.74
C GLU B 437 -15.39 -47.41 -1.42
N GLU B 438 -15.60 -46.50 -0.48
CA GLU B 438 -14.53 -45.57 -0.12
C GLU B 438 -13.23 -46.31 0.29
N GLU B 439 -13.38 -47.34 1.11
CA GLU B 439 -12.24 -48.09 1.57
C GLU B 439 -11.40 -48.62 0.40
N ALA B 440 -12.07 -49.18 -0.58
CA ALA B 440 -11.44 -49.71 -1.79
C ALA B 440 -10.71 -48.61 -2.54
N GLU B 441 -11.46 -47.57 -2.89
CA GLU B 441 -10.90 -46.38 -3.52
C GLU B 441 -9.62 -45.99 -2.79
N LEU B 442 -9.66 -46.00 -1.46
CA LEU B 442 -8.52 -45.58 -0.65
C LEU B 442 -7.28 -46.49 -0.73
N ARG B 443 -7.50 -47.80 -0.57
CA ARG B 443 -6.42 -48.77 -0.69
C ARG B 443 -5.76 -48.60 -2.05
N GLU B 444 -6.58 -48.53 -3.10
CA GLU B 444 -6.09 -48.33 -4.46
C GLU B 444 -5.19 -47.10 -4.55
N LYS B 445 -5.63 -46.00 -3.92
CA LYS B 445 -4.90 -44.75 -3.93
C LYS B 445 -3.58 -44.92 -3.19
N ILE B 446 -3.64 -45.52 -2.01
CA ILE B 446 -2.43 -45.69 -1.22
C ILE B 446 -1.38 -46.48 -1.99
N ALA B 447 -1.83 -47.48 -2.73
CA ALA B 447 -0.98 -48.29 -3.59
C ALA B 447 -0.28 -47.44 -4.64
N MET B 448 -1.08 -46.72 -5.42
CA MET B 448 -0.54 -45.86 -6.48
C MET B 448 0.53 -44.97 -5.89
N LEU B 449 0.24 -44.40 -4.74
CA LEU B 449 1.16 -43.48 -4.09
C LEU B 449 2.40 -44.18 -3.57
N ALA B 450 2.22 -45.35 -2.95
CA ALA B 450 3.36 -46.09 -2.43
C ALA B 450 4.33 -46.44 -3.57
N ALA B 451 3.78 -46.77 -4.73
CA ALA B 451 4.59 -47.12 -5.90
C ALA B 451 5.50 -45.97 -6.33
N ILE B 452 4.99 -44.75 -6.26
CA ILE B 452 5.77 -43.58 -6.62
C ILE B 452 6.93 -43.39 -5.66
N ILE B 453 6.66 -43.62 -4.39
CA ILE B 453 7.66 -43.39 -3.37
C ILE B 453 8.71 -44.48 -3.42
N GLY B 454 8.28 -45.67 -3.85
CA GLY B 454 9.15 -46.82 -3.83
C GLY B 454 9.92 -47.13 -5.11
N ASP B 455 9.60 -46.43 -6.20
CA ASP B 455 10.17 -46.75 -7.50
C ASP B 455 10.47 -45.53 -8.39
N GLU B 456 11.75 -45.16 -8.44
CA GLU B 456 12.21 -44.04 -9.23
C GLU B 456 11.58 -43.93 -10.62
N ARG B 457 11.54 -45.04 -11.37
CA ARG B 457 11.02 -44.94 -12.73
C ARG B 457 9.53 -44.61 -12.75
N THR B 458 8.79 -45.13 -11.78
CA THR B 458 7.38 -44.78 -11.66
C THR B 458 7.21 -43.29 -11.34
N MET B 459 8.09 -42.77 -10.50
CA MET B 459 8.05 -41.36 -10.17
C MET B 459 8.38 -40.49 -11.38
N TYR B 460 9.29 -40.95 -12.23
CA TYR B 460 9.74 -40.13 -13.34
C TYR B 460 8.71 -40.12 -14.46
N ASN B 461 7.90 -41.17 -14.50
CA ASN B 461 6.81 -41.19 -15.45
C ASN B 461 5.73 -40.17 -15.13
N LEU B 462 5.43 -40.02 -13.84
CA LEU B 462 4.58 -38.95 -13.36
C LEU B 462 5.16 -37.60 -13.76
N MET B 463 6.41 -37.35 -13.33
CA MET B 463 7.14 -36.14 -13.71
C MET B 463 6.95 -35.86 -15.18
N LYS B 464 6.96 -36.91 -15.99
CA LYS B 464 6.78 -36.72 -17.43
C LYS B 464 5.33 -36.53 -17.81
N LYS B 465 4.46 -37.43 -17.34
CA LYS B 465 3.02 -37.27 -17.59
C LYS B 465 2.60 -35.83 -17.40
N GLU B 466 2.94 -35.29 -16.23
CA GLU B 466 2.54 -33.96 -15.81
C GLU B 466 3.11 -32.83 -16.65
N LEU B 467 4.42 -32.83 -16.86
CA LEU B 467 5.03 -31.83 -17.74
C LEU B 467 4.31 -31.76 -19.09
N ARG B 468 3.82 -32.89 -19.59
CA ARG B 468 3.13 -32.89 -20.86
C ARG B 468 1.76 -32.20 -20.75
N GLU B 469 1.03 -32.49 -19.68
CA GLU B 469 -0.24 -31.83 -19.39
C GLU B 469 -0.08 -30.30 -19.46
N VAL B 470 0.97 -29.80 -18.83
CA VAL B 470 1.29 -28.39 -18.84
C VAL B 470 1.59 -27.92 -20.25
N LYS B 471 2.50 -28.60 -20.94
CA LYS B 471 2.74 -28.25 -22.33
C LYS B 471 1.45 -28.23 -23.16
N LYS B 472 0.60 -29.25 -23.02
CA LYS B 472 -0.61 -29.29 -23.84
C LYS B 472 -1.44 -28.05 -23.59
N LYS B 473 -1.40 -27.56 -22.35
CA LYS B 473 -2.29 -26.50 -21.93
C LYS B 473 -1.78 -25.08 -22.19
N PHE B 474 -0.47 -24.89 -22.23
CA PHE B 474 0.05 -23.53 -22.25
C PHE B 474 0.92 -23.26 -23.47
N ALA B 475 1.00 -24.28 -24.32
CA ALA B 475 1.84 -24.25 -25.51
C ALA B 475 1.49 -23.09 -26.44
N THR B 476 2.51 -22.46 -26.99
CA THR B 476 2.30 -21.51 -28.06
C THR B 476 3.42 -21.50 -29.10
N PRO B 477 3.08 -21.06 -30.31
CA PRO B 477 4.04 -20.95 -31.42
C PRO B 477 5.26 -20.13 -31.05
N ARG B 478 6.40 -20.48 -31.65
CA ARG B 478 7.58 -19.65 -31.56
C ARG B 478 7.24 -18.26 -32.03
N LEU B 479 8.00 -17.28 -31.56
CA LEU B 479 7.83 -15.91 -31.99
C LEU B 479 9.08 -15.43 -32.70
N SER B 480 10.22 -15.71 -32.11
CA SER B 480 11.50 -15.41 -32.71
C SER B 480 11.86 -16.51 -33.71
N SER B 481 12.28 -16.11 -34.90
CA SER B 481 12.84 -17.06 -35.86
C SER B 481 14.36 -17.23 -35.69
N LEU B 482 14.86 -18.43 -36.04
CA LEU B 482 16.29 -18.73 -35.90
C LEU B 482 17.04 -18.91 -37.23
N GLU B 483 18.19 -18.25 -37.34
CA GLU B 483 19.07 -18.38 -38.50
C GLU B 483 20.50 -18.61 -37.99
N ASP B 484 21.34 -19.24 -38.81
CA ASP B 484 22.73 -19.49 -38.41
C ASP B 484 23.73 -18.64 -39.21
N LYS C 36 4.65 18.13 -22.94
CA LYS C 36 3.50 17.74 -22.12
C LYS C 36 2.33 17.20 -22.96
N LEU C 37 2.17 17.76 -24.15
CA LEU C 37 1.13 17.33 -25.08
C LEU C 37 1.61 16.22 -26.01
N THR C 38 0.73 15.26 -26.29
CA THR C 38 0.99 14.25 -27.33
C THR C 38 0.10 14.58 -28.53
N PRO C 39 0.71 15.04 -29.64
CA PRO C 39 -0.05 15.60 -30.76
C PRO C 39 -0.47 14.54 -31.78
N ALA C 40 -1.35 14.92 -32.70
CA ALA C 40 -1.70 14.02 -33.80
C ALA C 40 -0.52 13.87 -34.74
N GLN C 41 -0.59 12.89 -35.64
CA GLN C 41 0.50 12.69 -36.59
C GLN C 41 0.46 13.75 -37.71
N SER C 42 -0.71 13.92 -38.34
CA SER C 42 -0.89 14.93 -39.37
C SER C 42 -1.89 16.02 -38.94
N LYS C 43 -1.67 17.23 -39.44
CA LYS C 43 -2.51 18.38 -39.12
C LYS C 43 -3.77 18.41 -40.00
N ASN C 44 -4.94 18.38 -39.38
CA ASN C 44 -6.22 18.41 -40.09
C ASN C 44 -7.36 18.97 -39.23
N PRO C 45 -7.51 20.31 -39.23
CA PRO C 45 -8.53 20.96 -38.40
C PRO C 45 -9.98 20.65 -38.78
N ALA C 46 -10.22 19.51 -39.41
CA ALA C 46 -11.59 19.10 -39.76
C ALA C 46 -11.90 17.69 -39.24
N LYS C 47 -10.84 16.95 -38.91
CA LYS C 47 -10.98 15.63 -38.31
C LYS C 47 -10.39 15.68 -36.90
N ASN C 48 -9.18 16.19 -36.80
CA ASN C 48 -8.41 16.16 -35.56
C ASN C 48 -9.20 16.43 -34.29
N GLU C 49 -8.73 15.83 -33.20
CA GLU C 49 -9.43 15.84 -31.92
C GLU C 49 -8.43 16.02 -30.78
N LEU C 50 -8.77 16.90 -29.84
CA LEU C 50 -7.99 17.09 -28.62
C LEU C 50 -8.69 16.42 -27.46
N TYR C 51 -8.06 15.40 -26.90
CA TYR C 51 -8.59 14.72 -25.73
C TYR C 51 -7.98 15.30 -24.47
N LEU C 52 -8.84 15.88 -23.63
CA LEU C 52 -8.44 16.38 -22.31
C LEU C 52 -8.71 15.32 -21.24
N VAL C 53 -7.63 14.66 -20.81
CA VAL C 53 -7.75 13.52 -19.92
C VAL C 53 -7.37 13.85 -18.48
N GLU C 54 -8.19 13.42 -17.53
CA GLU C 54 -7.92 13.60 -16.11
C GLU C 54 -6.83 12.64 -15.62
N GLY C 55 -5.66 13.20 -15.30
CA GLY C 55 -4.56 12.45 -14.73
C GLY C 55 -3.50 11.99 -15.72
N ASP C 56 -2.24 11.99 -15.29
CA ASP C 56 -1.16 11.56 -16.16
C ASP C 56 -1.32 10.09 -16.50
N SER C 57 -1.78 9.30 -15.53
CA SER C 57 -1.90 7.86 -15.72
C SER C 57 -2.89 7.47 -16.81
N ALA C 58 -4.15 7.87 -16.66
CA ALA C 58 -5.12 7.65 -17.73
C ALA C 58 -4.67 8.40 -18.96
N GLY C 59 -3.85 9.43 -18.74
CA GLY C 59 -3.21 10.09 -19.85
C GLY C 59 -2.53 9.06 -20.72
N GLY C 60 -1.70 8.23 -20.08
CA GLY C 60 -0.96 7.18 -20.75
C GLY C 60 -1.83 6.20 -21.50
N SER C 61 -2.86 5.68 -20.85
CA SER C 61 -3.76 4.71 -21.49
C SER C 61 -4.42 5.28 -22.73
N ALA C 62 -4.65 6.60 -22.73
CA ALA C 62 -5.25 7.26 -23.89
C ALA C 62 -4.22 7.43 -25.00
N LYS C 63 -3.00 7.80 -24.63
CA LYS C 63 -1.89 7.87 -25.57
C LYS C 63 -1.65 6.52 -26.26
N GLN C 64 -1.98 5.43 -25.56
CA GLN C 64 -1.69 4.08 -26.02
C GLN C 64 -2.84 3.46 -26.81
N GLY C 65 -4.06 3.93 -26.56
CA GLY C 65 -5.23 3.33 -27.16
C GLY C 65 -5.78 4.10 -28.34
N ARG C 66 -5.30 5.33 -28.49
CA ARG C 66 -5.83 6.25 -29.49
C ARG C 66 -5.53 5.81 -30.93
N ASP C 67 -6.09 6.55 -31.87
CA ASP C 67 -5.64 6.54 -33.26
C ASP C 67 -4.73 7.76 -33.42
N ARG C 68 -3.43 7.52 -33.53
CA ARG C 68 -2.47 8.62 -33.54
C ARG C 68 -2.57 9.55 -34.76
N LYS C 69 -3.19 9.09 -35.84
CA LYS C 69 -3.31 9.95 -37.03
C LYS C 69 -4.09 11.25 -36.76
N PHE C 70 -5.14 11.19 -35.94
CA PHE C 70 -6.02 12.34 -35.76
C PHE C 70 -6.44 12.63 -34.31
N GLN C 71 -5.82 11.97 -33.35
CA GLN C 71 -6.19 12.12 -31.95
C GLN C 71 -5.00 12.55 -31.11
N ALA C 72 -5.09 13.73 -30.51
CA ALA C 72 -4.04 14.23 -29.62
C ALA C 72 -4.42 14.02 -28.16
N ILE C 73 -3.42 14.04 -27.27
CA ILE C 73 -3.66 13.79 -25.85
C ILE C 73 -3.05 14.87 -24.98
N LEU C 74 -3.89 15.53 -24.18
CA LEU C 74 -3.41 16.50 -23.20
C LEU C 74 -3.86 16.05 -21.83
N PRO C 75 -2.90 15.55 -21.02
CA PRO C 75 -3.21 15.10 -19.67
C PRO C 75 -3.32 16.26 -18.70
N LEU C 76 -4.45 16.35 -18.02
CA LEU C 76 -4.68 17.34 -16.98
C LEU C 76 -4.25 16.74 -15.65
N ARG C 77 -3.11 17.21 -15.13
CA ARG C 77 -2.49 16.56 -13.99
C ARG C 77 -2.77 17.27 -12.68
N GLY C 78 -3.92 16.95 -12.10
CA GLY C 78 -4.43 17.62 -10.92
C GLY C 78 -5.79 18.23 -11.21
N LYS C 79 -6.27 19.06 -10.29
CA LYS C 79 -7.55 19.76 -10.48
C LYS C 79 -7.33 21.08 -11.18
N VAL C 80 -8.05 21.27 -12.29
CA VAL C 80 -7.90 22.46 -13.13
C VAL C 80 -8.30 23.74 -12.42
N ILE C 81 -7.46 24.77 -12.55
CA ILE C 81 -7.74 26.06 -11.91
C ILE C 81 -9.14 26.57 -12.19
N ASN C 82 -9.77 27.19 -11.18
CA ASN C 82 -11.06 27.86 -11.39
C ASN C 82 -10.86 29.24 -12.03
N THR C 83 -11.39 29.37 -13.26
CA THR C 83 -11.21 30.56 -14.06
C THR C 83 -12.23 31.68 -13.79
N ALA C 84 -13.24 31.38 -12.98
CA ALA C 84 -14.16 32.43 -12.52
C ALA C 84 -13.65 33.09 -11.23
N LYS C 85 -12.90 32.34 -10.43
CA LYS C 85 -12.47 32.81 -9.12
C LYS C 85 -11.10 33.50 -9.16
N ALA C 86 -10.28 33.14 -10.14
CA ALA C 86 -8.89 33.55 -10.09
C ALA C 86 -8.62 34.78 -10.94
N LYS C 87 -7.51 35.44 -10.66
CA LYS C 87 -7.07 36.61 -11.43
C LYS C 87 -6.56 36.19 -12.82
N MET C 88 -6.91 36.97 -13.85
CA MET C 88 -6.48 36.63 -15.22
C MET C 88 -4.95 36.56 -15.30
N ALA C 89 -4.30 37.27 -14.37
CA ALA C 89 -2.86 37.17 -14.20
C ALA C 89 -2.47 35.72 -13.97
N ASP C 90 -3.01 35.14 -12.90
CA ASP C 90 -2.76 33.73 -12.57
C ASP C 90 -3.25 32.78 -13.67
N ILE C 91 -4.48 32.98 -14.15
CA ILE C 91 -5.03 32.14 -15.21
C ILE C 91 -4.02 31.96 -16.35
N LEU C 92 -3.28 33.02 -16.66
CA LEU C 92 -2.28 32.96 -17.73
C LEU C 92 -1.04 32.14 -17.31
N LYS C 93 -0.53 32.40 -16.12
CA LYS C 93 0.66 31.70 -15.62
C LYS C 93 0.42 30.20 -15.31
N ASN C 94 -0.77 29.69 -15.64
CA ASN C 94 -1.15 28.31 -15.34
C ASN C 94 -0.73 27.32 -16.45
N GLU C 95 0.02 26.29 -16.09
CA GLU C 95 0.50 25.30 -17.07
C GLU C 95 -0.63 24.73 -17.92
N GLU C 96 -1.57 24.06 -17.25
CA GLU C 96 -2.67 23.43 -17.94
C GLU C 96 -3.36 24.42 -18.87
N ILE C 97 -3.49 25.67 -18.44
CA ILE C 97 -4.17 26.70 -19.22
C ILE C 97 -3.38 27.23 -20.44
N ASN C 98 -2.10 27.54 -20.26
CA ASN C 98 -1.25 27.89 -21.39
C ASN C 98 -1.28 26.83 -22.47
N THR C 99 -0.85 25.63 -22.11
CA THR C 99 -0.72 24.58 -23.10
C THR C 99 -2.05 24.28 -23.81
N MET C 100 -3.18 24.58 -23.17
CA MET C 100 -4.47 24.50 -23.87
C MET C 100 -4.60 25.60 -24.93
N ILE C 101 -4.34 26.85 -24.52
CA ILE C 101 -4.35 27.97 -25.46
C ILE C 101 -3.40 27.65 -26.61
N TYR C 102 -2.13 27.38 -26.27
CA TYR C 102 -1.07 27.04 -27.24
C TYR C 102 -1.41 25.87 -28.17
N THR C 103 -1.97 24.79 -27.63
CA THR C 103 -2.23 23.60 -28.43
C THR C 103 -3.40 23.79 -29.37
N ILE C 104 -4.45 24.45 -28.87
CA ILE C 104 -5.62 24.75 -29.70
C ILE C 104 -5.26 25.85 -30.70
N GLY C 105 -4.23 26.63 -30.35
CA GLY C 105 -3.73 27.68 -31.20
C GLY C 105 -4.78 28.55 -31.86
N ALA C 106 -5.65 29.14 -31.05
CA ALA C 106 -6.70 29.99 -31.58
C ALA C 106 -6.85 31.27 -30.78
N GLY C 107 -5.93 31.50 -29.85
CA GLY C 107 -5.98 32.69 -29.01
C GLY C 107 -7.03 32.56 -27.92
N VAL C 108 -6.95 33.41 -26.88
CA VAL C 108 -7.88 33.34 -25.77
C VAL C 108 -8.71 34.62 -25.59
N GLY C 109 -9.96 34.44 -25.19
CA GLY C 109 -10.82 35.54 -24.82
C GLY C 109 -11.30 36.39 -25.97
N ALA C 110 -10.93 37.67 -25.95
CA ALA C 110 -11.33 38.62 -26.97
C ALA C 110 -10.69 38.30 -28.32
N ASP C 111 -9.37 38.15 -28.33
CA ASP C 111 -8.63 37.86 -29.56
C ASP C 111 -8.77 36.41 -30.02
N PHE C 112 -9.95 35.82 -29.86
CA PHE C 112 -10.15 34.40 -30.17
C PHE C 112 -10.87 34.16 -31.50
N SER C 113 -10.16 33.59 -32.46
CA SER C 113 -10.73 33.29 -33.77
C SER C 113 -10.96 31.78 -33.97
N ILE C 114 -12.22 31.35 -33.96
CA ILE C 114 -12.58 29.95 -34.23
C ILE C 114 -11.92 29.47 -35.51
N GLU C 115 -11.64 30.41 -36.41
CA GLU C 115 -11.08 30.11 -37.73
C GLU C 115 -9.67 29.50 -37.67
N ASP C 116 -8.78 30.15 -36.93
CA ASP C 116 -7.40 29.72 -36.83
C ASP C 116 -7.20 28.54 -35.86
N ALA C 117 -8.25 27.73 -35.68
CA ALA C 117 -8.25 26.62 -34.72
C ALA C 117 -7.25 25.50 -35.03
N ASN C 118 -7.40 24.37 -34.35
CA ASN C 118 -6.57 23.20 -34.61
C ASN C 118 -7.31 21.86 -34.57
N TYR C 119 -8.51 21.87 -33.99
CA TYR C 119 -9.28 20.64 -33.89
C TYR C 119 -10.73 20.87 -34.23
N ASP C 120 -11.37 19.84 -34.77
CA ASP C 120 -12.78 19.88 -35.11
C ASP C 120 -13.62 19.53 -33.88
N LYS C 121 -13.02 18.80 -32.96
CA LYS C 121 -13.70 18.38 -31.73
C LYS C 121 -12.75 18.47 -30.55
N ILE C 122 -13.23 18.96 -29.42
CA ILE C 122 -12.44 18.97 -28.21
C ILE C 122 -13.14 18.10 -27.18
N ILE C 123 -12.46 17.04 -26.76
CA ILE C 123 -13.11 15.98 -26.00
C ILE C 123 -12.55 15.83 -24.60
N ILE C 124 -13.41 16.10 -23.61
CA ILE C 124 -13.06 16.02 -22.20
C ILE C 124 -13.39 14.65 -21.67
N MET C 125 -12.36 13.93 -21.23
CA MET C 125 -12.52 12.55 -20.80
C MET C 125 -11.99 12.35 -19.37
N THR C 126 -12.90 12.09 -18.44
CA THR C 126 -12.56 11.94 -17.03
C THR C 126 -13.18 10.67 -16.47
N ASP C 127 -12.72 10.26 -15.29
CA ASP C 127 -13.28 9.13 -14.57
C ASP C 127 -14.77 9.42 -14.41
N ALA C 128 -15.60 8.40 -14.50
CA ALA C 128 -17.01 8.61 -14.20
C ALA C 128 -17.20 8.62 -12.69
N ASP C 129 -16.34 9.37 -11.99
CA ASP C 129 -16.48 9.56 -10.54
C ASP C 129 -16.74 11.03 -10.24
N THR C 130 -17.00 11.37 -8.98
CA THR C 130 -17.41 12.73 -8.65
C THR C 130 -16.31 13.75 -8.93
N ASP C 131 -15.08 13.44 -8.54
CA ASP C 131 -14.01 14.38 -8.83
C ASP C 131 -13.86 14.51 -10.34
N GLY C 132 -14.23 13.45 -11.06
CA GLY C 132 -14.27 13.50 -12.51
C GLY C 132 -15.25 14.57 -12.97
N ALA C 133 -16.44 14.56 -12.40
CA ALA C 133 -17.47 15.55 -12.72
C ALA C 133 -16.96 16.92 -12.37
N HIS C 134 -16.36 17.04 -11.19
CA HIS C 134 -15.84 18.33 -10.78
C HIS C 134 -14.94 18.86 -11.88
N ILE C 135 -14.03 18.02 -12.36
CA ILE C 135 -13.10 18.42 -13.43
C ILE C 135 -13.81 18.86 -14.72
N GLN C 136 -14.87 18.15 -15.10
CA GLN C 136 -15.64 18.54 -16.28
C GLN C 136 -16.16 19.95 -16.07
N THR C 137 -16.65 20.17 -14.86
CA THR C 137 -17.21 21.45 -14.46
C THR C 137 -16.23 22.61 -14.64
N LEU C 138 -14.97 22.39 -14.25
CA LEU C 138 -13.98 23.45 -14.28
C LEU C 138 -13.51 23.73 -15.70
N LEU C 139 -13.33 22.68 -16.48
CA LEU C 139 -12.89 22.85 -17.85
C LEU C 139 -13.92 23.65 -18.61
N LEU C 140 -15.17 23.20 -18.54
CA LEU C 140 -16.30 23.92 -19.16
C LEU C 140 -16.38 25.41 -18.79
N THR C 141 -16.16 25.77 -17.53
CA THR C 141 -16.26 27.19 -17.19
C THR C 141 -15.12 27.95 -17.82
N PHE C 142 -13.98 27.31 -18.00
CA PHE C 142 -12.92 27.93 -18.80
C PHE C 142 -13.34 28.15 -20.26
N PHE C 143 -13.94 27.15 -20.88
CA PHE C 143 -14.29 27.22 -22.30
C PHE C 143 -15.42 28.19 -22.57
N TYR C 144 -16.28 28.38 -21.58
CA TYR C 144 -17.36 29.34 -21.69
C TYR C 144 -16.79 30.75 -21.56
N ARG C 145 -16.04 31.01 -20.48
CA ARG C 145 -15.52 32.35 -20.20
C ARG C 145 -14.42 32.84 -21.16
N TYR C 146 -13.76 31.94 -21.88
CA TYR C 146 -12.57 32.35 -22.63
C TYR C 146 -12.43 31.72 -24.03
N MET C 147 -13.48 31.05 -24.50
CA MET C 147 -13.48 30.44 -25.82
C MET C 147 -14.92 30.12 -26.24
N ARG C 148 -15.86 30.98 -25.81
CA ARG C 148 -17.29 30.73 -26.01
C ARG C 148 -17.63 30.27 -27.42
N PRO C 149 -17.04 30.94 -28.43
CA PRO C 149 -17.26 30.57 -29.83
C PRO C 149 -17.14 29.07 -30.03
N LEU C 150 -16.03 28.52 -29.55
CA LEU C 150 -15.76 27.09 -29.59
C LEU C 150 -16.90 26.26 -29.01
N VAL C 151 -17.41 26.67 -27.85
CA VAL C 151 -18.49 25.91 -27.22
C VAL C 151 -19.79 26.12 -28.00
N GLU C 152 -20.04 27.36 -28.43
CA GLU C 152 -21.28 27.70 -29.13
C GLU C 152 -21.34 27.03 -30.51
N ALA C 153 -20.18 26.78 -31.11
CA ALA C 153 -20.08 26.08 -32.39
C ALA C 153 -20.10 24.54 -32.23
N GLY C 154 -20.43 24.05 -31.04
CA GLY C 154 -20.56 22.62 -30.79
C GLY C 154 -19.31 21.78 -30.96
N HIS C 155 -18.16 22.35 -30.62
CA HIS C 155 -16.89 21.65 -30.77
C HIS C 155 -16.39 21.01 -29.47
N VAL C 156 -17.09 21.30 -28.39
CA VAL C 156 -16.69 20.78 -27.09
C VAL C 156 -17.60 19.62 -26.72
N TYR C 157 -17.00 18.45 -26.49
CA TYR C 157 -17.77 17.25 -26.19
C TYR C 157 -17.33 16.62 -24.88
N ILE C 158 -18.03 15.59 -24.46
CA ILE C 158 -17.71 14.89 -23.22
C ILE C 158 -17.83 13.38 -23.34
N ALA C 159 -16.67 12.71 -23.34
CA ALA C 159 -16.60 11.26 -23.43
C ALA C 159 -17.23 10.59 -22.22
N LEU C 160 -18.10 9.62 -22.46
CA LEU C 160 -18.73 8.84 -21.40
C LEU C 160 -18.15 7.43 -21.32
N PRO C 161 -17.22 7.19 -20.37
CA PRO C 161 -16.64 5.85 -20.19
C PRO C 161 -17.70 4.91 -19.64
N PRO C 162 -17.61 3.62 -19.97
CA PRO C 162 -18.62 2.67 -19.48
C PRO C 162 -18.62 2.63 -17.96
N LEU C 163 -19.76 2.30 -17.35
CA LEU C 163 -19.87 2.19 -15.89
C LEU C 163 -19.73 0.73 -15.43
N TYR C 164 -19.97 -0.22 -16.34
CA TYR C 164 -20.08 -1.64 -15.97
C TYR C 164 -19.48 -2.65 -16.98
N LYS C 165 -18.92 -3.74 -16.45
CA LYS C 165 -18.49 -4.90 -17.24
C LYS C 165 -19.12 -6.21 -16.76
N ALA C 177 -18.77 -7.85 -21.42
CA ALA C 177 -19.55 -6.79 -22.06
C ALA C 177 -19.63 -5.48 -21.24
N TYR C 178 -20.18 -4.43 -21.85
CA TYR C 178 -20.17 -3.09 -21.25
C TYR C 178 -21.56 -2.47 -21.14
N ALA C 179 -21.78 -1.73 -20.05
CA ALA C 179 -23.03 -1.00 -19.85
C ALA C 179 -22.77 0.43 -19.37
N TRP C 180 -23.54 1.39 -19.88
CA TRP C 180 -23.46 2.77 -19.42
C TRP C 180 -24.61 3.13 -18.47
N THR C 181 -25.73 2.44 -18.63
CA THR C 181 -26.97 2.72 -17.89
C THR C 181 -27.26 1.63 -16.86
N ASP C 182 -27.75 2.02 -15.69
CA ASP C 182 -28.22 1.03 -14.72
C ASP C 182 -29.31 0.20 -15.42
N GLY C 183 -29.80 0.74 -16.53
CA GLY C 183 -30.79 0.07 -17.37
C GLY C 183 -30.21 -1.00 -18.28
N GLU C 184 -29.18 -0.66 -19.06
CA GLU C 184 -28.50 -1.62 -19.93
C GLU C 184 -27.94 -2.80 -19.15
N LEU C 185 -27.44 -2.50 -17.96
CA LEU C 185 -26.93 -3.50 -17.03
C LEU C 185 -27.95 -4.62 -16.81
N GLU C 186 -29.24 -4.27 -16.78
CA GLU C 186 -30.30 -5.27 -16.66
C GLU C 186 -30.38 -6.12 -17.94
N GLU C 187 -30.41 -5.48 -19.10
CA GLU C 187 -30.40 -6.18 -20.38
C GLU C 187 -29.21 -7.13 -20.45
N LEU C 188 -28.05 -6.64 -20.02
CA LEU C 188 -26.84 -7.44 -20.06
C LEU C 188 -26.91 -8.66 -19.15
N ARG C 189 -27.49 -8.50 -17.94
CA ARG C 189 -27.58 -9.62 -16.99
C ARG C 189 -28.46 -10.76 -17.51
N LYS C 190 -29.16 -10.52 -18.61
CA LYS C 190 -29.92 -11.56 -19.30
C LYS C 190 -29.28 -11.91 -20.66
N LEU C 198 -19.66 -9.04 -13.17
CA LEU C 198 -19.79 -7.60 -13.42
C LEU C 198 -18.82 -6.77 -12.57
N GLN C 199 -17.84 -6.15 -13.23
CA GLN C 199 -16.96 -5.20 -12.56
C GLN C 199 -17.52 -3.79 -12.67
N ARG C 200 -17.81 -3.17 -11.53
CA ARG C 200 -18.22 -1.78 -11.51
C ARG C 200 -16.94 -0.94 -11.57
N TYR C 201 -16.70 -0.31 -12.72
CA TYR C 201 -15.52 0.53 -12.91
C TYR C 201 -15.46 1.69 -11.93
N LYS C 202 -14.29 1.91 -11.32
CA LYS C 202 -14.12 3.00 -10.35
C LYS C 202 -13.35 4.18 -10.92
N GLY C 203 -13.01 4.11 -12.21
CA GLY C 203 -12.28 5.18 -12.85
C GLY C 203 -11.60 4.65 -14.08
N LEU C 204 -11.06 5.56 -14.91
CA LEU C 204 -10.39 5.20 -16.16
C LEU C 204 -9.17 4.32 -15.93
N GLY C 205 -8.52 4.51 -14.78
CA GLY C 205 -7.28 3.83 -14.47
C GLY C 205 -7.33 2.31 -14.28
N GLU C 206 -8.53 1.74 -14.30
CA GLU C 206 -8.66 0.29 -14.21
C GLU C 206 -8.98 -0.29 -15.58
N MET C 207 -8.77 0.51 -16.62
CA MET C 207 -9.11 0.10 -17.95
C MET C 207 -7.87 -0.11 -18.81
N ASN C 208 -7.83 -1.24 -19.51
CA ASN C 208 -6.78 -1.51 -20.51
C ASN C 208 -6.96 -0.64 -21.77
N ALA C 209 -5.84 -0.24 -22.37
CA ALA C 209 -5.87 0.61 -23.57
C ALA C 209 -6.71 0.03 -24.72
N ASP C 210 -6.75 -1.30 -24.83
CA ASP C 210 -7.63 -1.98 -25.77
C ASP C 210 -9.09 -1.58 -25.48
N GLN C 211 -9.48 -1.63 -24.21
CA GLN C 211 -10.87 -1.41 -23.80
C GLN C 211 -11.29 0.06 -23.92
N LEU C 212 -10.44 0.96 -23.46
CA LEU C 212 -10.66 2.39 -23.65
C LEU C 212 -11.10 2.64 -25.08
N TRP C 213 -10.26 2.27 -26.04
CA TRP C 213 -10.57 2.48 -27.45
C TRP C 213 -11.93 1.90 -27.84
N GLU C 214 -12.11 0.60 -27.59
CA GLU C 214 -13.35 -0.08 -27.95
C GLU C 214 -14.57 0.71 -27.51
N THR C 215 -14.53 1.21 -26.27
CA THR C 215 -15.72 1.74 -25.60
C THR C 215 -15.87 3.25 -25.63
N THR C 216 -14.78 3.99 -25.73
CA THR C 216 -14.90 5.44 -25.54
C THR C 216 -14.03 6.37 -26.40
N MET C 217 -13.03 5.82 -27.11
CA MET C 217 -12.24 6.66 -28.01
C MET C 217 -12.57 6.45 -29.49
N ASN C 218 -13.12 5.29 -29.80
CA ASN C 218 -13.40 4.94 -31.18
C ASN C 218 -14.64 5.63 -31.71
N PRO C 219 -14.47 6.50 -32.70
CA PRO C 219 -15.60 7.28 -33.25
C PRO C 219 -16.76 6.38 -33.61
N GLU C 220 -16.45 5.16 -34.04
CA GLU C 220 -17.46 4.18 -34.43
C GLU C 220 -18.18 3.55 -33.22
N THR C 221 -17.44 3.29 -32.15
CA THR C 221 -18.02 2.59 -31.01
C THR C 221 -18.36 3.50 -29.81
N ARG C 222 -18.00 4.78 -29.89
CA ARG C 222 -18.08 5.63 -28.71
C ARG C 222 -19.39 6.42 -28.58
N THR C 223 -19.80 6.65 -27.34
CA THR C 223 -20.95 7.49 -27.02
C THR C 223 -20.46 8.84 -26.47
N LEU C 224 -20.73 9.93 -27.19
CA LEU C 224 -20.26 11.28 -26.82
C LEU C 224 -21.36 12.24 -26.36
N ILE C 225 -20.99 13.25 -25.59
CA ILE C 225 -21.93 14.34 -25.28
C ILE C 225 -21.51 15.65 -25.93
N ARG C 226 -22.40 16.23 -26.72
CA ARG C 226 -22.11 17.53 -27.32
C ARG C 226 -22.68 18.66 -26.48
N VAL C 227 -21.77 19.53 -26.03
CA VAL C 227 -22.12 20.63 -25.17
C VAL C 227 -22.61 21.83 -25.97
N THR C 228 -23.85 22.20 -25.71
CA THR C 228 -24.51 23.28 -26.42
C THR C 228 -24.89 24.40 -25.46
N ILE C 229 -24.96 25.62 -25.98
CA ILE C 229 -25.43 26.76 -25.21
C ILE C 229 -26.84 27.13 -25.71
N GLU C 230 -27.87 26.63 -25.01
CA GLU C 230 -29.27 26.78 -25.44
C GLU C 230 -29.86 28.17 -25.10
N ASP C 231 -29.45 28.73 -23.97
CA ASP C 231 -29.93 30.05 -23.56
C ASP C 231 -28.81 30.89 -22.94
N LEU C 232 -28.11 31.66 -23.77
CA LEU C 232 -26.92 32.37 -23.31
C LEU C 232 -27.14 33.03 -21.96
N ALA C 233 -28.36 33.47 -21.74
CA ALA C 233 -28.71 34.18 -20.50
C ALA C 233 -28.66 33.27 -19.28
N ARG C 234 -29.37 32.15 -19.37
CA ARG C 234 -29.46 31.22 -18.24
C ARG C 234 -28.12 30.50 -18.01
N ALA C 235 -27.31 30.35 -19.07
CA ALA C 235 -25.99 29.72 -18.95
C ALA C 235 -25.00 30.55 -18.14
N GLU C 236 -24.91 31.85 -18.45
CA GLU C 236 -24.04 32.74 -17.69
C GLU C 236 -24.47 32.82 -16.23
N ARG C 237 -25.79 32.76 -16.02
CA ARG C 237 -26.33 32.77 -14.67
C ARG C 237 -25.79 31.53 -13.96
N ARG C 238 -26.12 30.36 -14.50
CA ARG C 238 -25.69 29.10 -13.88
C ARG C 238 -24.19 28.98 -13.65
N VAL C 239 -23.37 29.30 -14.65
CA VAL C 239 -21.92 29.23 -14.47
C VAL C 239 -21.42 30.16 -13.36
N ASN C 240 -21.81 31.43 -13.42
CA ASN C 240 -21.34 32.42 -12.43
C ASN C 240 -21.77 32.07 -10.99
N VAL C 241 -22.94 31.46 -10.84
CA VAL C 241 -23.42 31.01 -9.53
C VAL C 241 -22.58 29.89 -8.94
N LEU C 242 -22.59 28.75 -9.61
CA LEU C 242 -21.86 27.57 -9.18
C LEU C 242 -20.32 27.75 -9.11
N MET C 243 -19.75 28.58 -9.98
CA MET C 243 -18.28 28.69 -10.05
C MET C 243 -17.64 30.01 -9.60
N GLY C 244 -18.42 30.96 -9.09
CA GLY C 244 -17.90 32.30 -8.82
C GLY C 244 -17.32 32.56 -7.43
N ASP C 245 -16.81 33.78 -7.24
CA ASP C 245 -16.19 34.19 -5.98
C ASP C 245 -17.13 34.11 -4.79
N LYS C 246 -18.42 34.33 -5.02
CA LYS C 246 -19.39 34.48 -3.91
C LYS C 246 -20.04 33.16 -3.47
N VAL C 247 -19.85 32.83 -2.20
CA VAL C 247 -20.26 31.54 -1.66
C VAL C 247 -21.77 31.36 -1.40
N GLU C 248 -22.43 32.42 -0.91
CA GLU C 248 -23.80 32.28 -0.39
C GLU C 248 -24.83 31.88 -1.46
N PRO C 249 -24.79 32.53 -2.63
CA PRO C 249 -25.64 32.16 -3.77
C PRO C 249 -25.50 30.66 -4.10
N ARG C 250 -24.27 30.16 -3.92
CA ARG C 250 -23.93 28.77 -4.13
C ARG C 250 -24.58 27.86 -3.12
N ARG C 251 -24.32 28.14 -1.84
CA ARG C 251 -24.92 27.38 -0.74
C ARG C 251 -26.42 27.28 -0.94
N LYS C 252 -27.03 28.45 -1.10
CA LYS C 252 -28.46 28.58 -1.41
C LYS C 252 -28.82 27.67 -2.59
N TRP C 253 -28.05 27.76 -3.68
CA TRP C 253 -28.28 26.92 -4.84
C TRP C 253 -28.31 25.46 -4.41
N ILE C 254 -27.32 25.09 -3.60
CA ILE C 254 -27.18 23.70 -3.18
C ILE C 254 -28.34 23.28 -2.30
N GLU C 255 -28.70 24.12 -1.35
CA GLU C 255 -29.81 23.80 -0.44
C GLU C 255 -31.05 23.55 -1.27
N ASP C 256 -31.29 24.42 -2.24
CA ASP C 256 -32.52 24.37 -3.03
C ASP C 256 -32.50 23.24 -4.07
N ASN C 257 -31.32 22.91 -4.58
CA ASN C 257 -31.20 21.99 -5.70
C ASN C 257 -30.69 20.56 -5.40
N VAL C 258 -29.85 20.42 -4.39
CA VAL C 258 -29.31 19.12 -4.04
C VAL C 258 -30.20 18.37 -3.04
N LYS C 259 -30.61 17.16 -3.39
CA LYS C 259 -31.48 16.38 -2.51
C LYS C 259 -30.71 15.43 -1.57
N PHE C 260 -30.36 15.93 -0.39
CA PHE C 260 -29.64 15.12 0.60
C PHE C 260 -30.42 13.88 1.09
N THR C 261 -31.76 13.98 1.02
CA THR C 261 -32.67 12.90 1.44
C THR C 261 -32.60 12.64 2.94
N LYS D 36 19.76 21.53 2.91
CA LYS D 36 20.09 20.10 3.07
C LYS D 36 20.59 19.82 4.48
N LEU D 37 21.53 20.62 4.96
CA LEU D 37 22.11 20.43 6.29
C LEU D 37 21.31 21.06 7.45
N THR D 38 21.37 20.41 8.61
CA THR D 38 20.80 21.00 9.83
C THR D 38 21.91 21.23 10.86
N PRO D 39 22.37 22.48 10.97
CA PRO D 39 23.55 22.91 11.73
C PRO D 39 23.32 22.78 13.22
N ALA D 40 24.38 22.67 14.02
CA ALA D 40 24.21 22.77 15.47
C ALA D 40 23.95 24.23 15.83
N GLN D 41 23.56 24.49 17.07
CA GLN D 41 23.19 25.85 17.46
C GLN D 41 24.42 26.70 17.78
N SER D 42 25.40 26.07 18.43
CA SER D 42 26.60 26.78 18.85
C SER D 42 27.87 26.12 18.26
N LYS D 43 28.65 26.92 17.55
CA LYS D 43 29.84 26.44 16.83
C LYS D 43 30.98 26.06 17.78
N ASN D 44 31.38 24.79 17.77
CA ASN D 44 32.36 24.30 18.74
C ASN D 44 33.16 23.08 18.27
N PRO D 45 34.22 23.32 17.48
CA PRO D 45 35.08 22.26 16.96
C PRO D 45 35.58 21.26 18.01
N ALA D 46 35.28 21.49 19.28
CA ALA D 46 35.74 20.58 20.33
C ALA D 46 34.69 19.54 20.74
N LYS D 47 33.41 19.90 20.67
CA LYS D 47 32.32 19.01 21.04
C LYS D 47 31.47 18.59 19.84
N ASN D 48 31.16 19.54 18.98
CA ASN D 48 30.20 19.34 17.88
C ASN D 48 30.32 18.03 17.09
N GLU D 49 29.18 17.39 16.90
CA GLU D 49 29.10 16.11 16.20
C GLU D 49 28.41 16.26 14.85
N LEU D 50 28.87 15.52 13.87
CA LEU D 50 28.20 15.49 12.58
C LEU D 50 27.56 14.13 12.37
N TYR D 51 26.24 14.12 12.29
CA TYR D 51 25.49 12.88 12.11
C TYR D 51 25.07 12.74 10.67
N LEU D 52 25.70 11.77 10.00
CA LEU D 52 25.41 11.43 8.62
C LEU D 52 24.43 10.27 8.64
N VAL D 53 23.21 10.54 8.23
CA VAL D 53 22.11 9.63 8.49
C VAL D 53 21.52 9.13 7.18
N GLU D 54 21.17 7.86 7.17
CA GLU D 54 20.66 7.18 5.98
C GLU D 54 19.21 7.56 5.73
N GLY D 55 18.98 8.32 4.65
CA GLY D 55 17.63 8.64 4.22
C GLY D 55 17.03 9.90 4.80
N ASP D 56 16.15 10.55 4.05
CA ASP D 56 15.61 11.81 4.49
C ASP D 56 14.74 11.66 5.73
N SER D 57 14.03 10.54 5.82
CA SER D 57 13.06 10.33 6.89
C SER D 57 13.71 10.06 8.25
N ALA D 58 14.66 9.13 8.29
CA ALA D 58 15.40 8.90 9.53
C ALA D 58 16.20 10.13 9.90
N GLY D 59 16.66 10.87 8.87
CA GLY D 59 17.30 12.16 9.09
C GLY D 59 16.39 13.14 9.81
N GLY D 60 15.09 13.08 9.52
CA GLY D 60 14.11 13.91 10.19
C GLY D 60 13.87 13.45 11.62
N SER D 61 13.70 12.15 11.81
CA SER D 61 13.63 11.55 13.13
C SER D 61 14.84 11.95 13.99
N ALA D 62 15.99 12.15 13.36
CA ALA D 62 17.20 12.49 14.08
C ALA D 62 17.23 13.97 14.39
N LYS D 63 16.87 14.78 13.40
CA LYS D 63 16.71 16.23 13.57
C LYS D 63 15.84 16.55 14.79
N GLN D 64 14.92 15.65 15.12
CA GLN D 64 13.94 15.85 16.19
C GLN D 64 14.44 15.39 17.56
N GLY D 65 15.31 14.39 17.57
CA GLY D 65 15.78 13.81 18.82
C GLY D 65 17.18 14.24 19.21
N ARG D 66 17.83 15.03 18.35
CA ARG D 66 19.19 15.48 18.60
C ARG D 66 19.26 16.34 19.85
N ASP D 67 20.47 16.70 20.25
CA ASP D 67 20.70 17.77 21.21
C ASP D 67 21.22 18.97 20.41
N ARG D 68 20.31 19.89 20.04
CA ARG D 68 20.61 20.93 19.05
C ARG D 68 21.84 21.80 19.33
N LYS D 69 22.29 21.84 20.58
CA LYS D 69 23.47 22.64 20.91
C LYS D 69 24.74 22.19 20.15
N PHE D 70 25.01 20.89 20.11
CA PHE D 70 26.26 20.39 19.49
C PHE D 70 26.12 19.28 18.43
N GLN D 71 24.89 18.90 18.10
CA GLN D 71 24.67 17.81 17.16
C GLN D 71 24.06 18.31 15.86
N ALA D 72 24.77 18.09 14.77
CA ALA D 72 24.25 18.42 13.45
C ALA D 72 23.79 17.17 12.69
N ILE D 73 23.03 17.38 11.63
CA ILE D 73 22.42 16.28 10.94
C ILE D 73 22.52 16.53 9.45
N LEU D 74 23.20 15.62 8.76
CA LEU D 74 23.28 15.69 7.31
C LEU D 74 22.76 14.37 6.75
N PRO D 75 21.50 14.34 6.31
CA PRO D 75 20.88 13.19 5.64
C PRO D 75 21.59 12.83 4.35
N LEU D 76 21.71 11.52 4.11
CA LEU D 76 22.25 10.99 2.88
C LEU D 76 21.10 10.36 2.14
N ARG D 77 20.73 10.96 1.00
CA ARG D 77 19.47 10.65 0.34
C ARG D 77 19.57 9.52 -0.68
N GLY D 78 19.63 8.28 -0.20
CA GLY D 78 19.80 7.13 -1.07
C GLY D 78 21.22 6.61 -1.01
N LYS D 79 21.55 5.61 -1.83
CA LYS D 79 22.90 5.05 -1.84
C LYS D 79 23.93 6.11 -2.23
N VAL D 80 25.06 6.12 -1.54
CA VAL D 80 26.12 7.11 -1.75
C VAL D 80 27.13 6.72 -2.81
N ILE D 81 27.56 7.70 -3.60
CA ILE D 81 28.48 7.47 -4.71
C ILE D 81 29.76 6.74 -4.30
N ASN D 82 30.21 5.81 -5.15
CA ASN D 82 31.44 5.08 -4.88
C ASN D 82 32.68 5.84 -5.33
N THR D 83 33.31 6.52 -4.37
CA THR D 83 34.38 7.46 -4.69
C THR D 83 35.66 6.76 -5.15
N ALA D 84 35.71 5.46 -4.95
CA ALA D 84 36.84 4.66 -5.42
C ALA D 84 36.51 3.97 -6.75
N LYS D 85 35.59 4.52 -7.52
CA LYS D 85 35.16 3.91 -8.78
C LYS D 85 34.88 4.99 -9.80
N ALA D 86 34.59 6.20 -9.32
CA ALA D 86 34.13 7.23 -10.24
C ALA D 86 35.19 8.30 -10.50
N LYS D 87 35.03 8.99 -11.63
CA LYS D 87 35.92 10.09 -12.01
C LYS D 87 35.84 11.20 -10.96
N MET D 88 36.97 11.86 -10.67
CA MET D 88 36.96 12.89 -9.63
C MET D 88 36.06 14.06 -10.02
N ALA D 89 35.76 14.16 -11.31
CA ALA D 89 34.86 15.19 -11.83
C ALA D 89 33.44 14.94 -11.35
N ASP D 90 32.93 13.75 -11.65
CA ASP D 90 31.60 13.34 -11.25
C ASP D 90 31.48 13.20 -9.72
N ILE D 91 32.63 13.13 -9.04
CA ILE D 91 32.64 13.07 -7.58
C ILE D 91 32.47 14.46 -6.92
N LEU D 92 32.93 15.51 -7.59
CA LEU D 92 32.83 16.86 -7.04
C LEU D 92 31.50 17.52 -7.46
N LYS D 93 30.81 16.87 -8.40
CA LYS D 93 29.47 17.27 -8.83
C LYS D 93 28.37 16.65 -7.95
N ASN D 94 28.73 15.63 -7.16
CA ASN D 94 27.77 14.91 -6.34
C ASN D 94 27.25 15.72 -5.15
N GLU D 95 25.93 15.77 -5.04
CA GLU D 95 25.23 16.63 -4.07
C GLU D 95 25.70 16.42 -2.64
N GLU D 96 25.77 15.17 -2.19
CA GLU D 96 26.17 14.89 -0.81
C GLU D 96 27.65 15.15 -0.57
N ILE D 97 28.51 14.55 -1.40
CA ILE D 97 29.94 14.75 -1.30
C ILE D 97 30.25 16.24 -1.20
N ASN D 98 29.83 17.01 -2.21
CA ASN D 98 30.01 18.45 -2.16
C ASN D 98 29.60 18.98 -0.78
N THR D 99 28.38 18.68 -0.36
CA THR D 99 27.88 19.28 0.89
C THR D 99 28.48 18.69 2.18
N MET D 100 29.22 17.58 2.09
CA MET D 100 29.96 17.16 3.29
C MET D 100 31.39 17.70 3.34
N ILE D 101 31.97 17.97 2.17
CA ILE D 101 33.26 18.65 2.13
C ILE D 101 33.07 20.08 2.66
N TYR D 102 32.01 20.73 2.20
CA TYR D 102 31.81 22.15 2.49
C TYR D 102 31.04 22.47 3.77
N THR D 103 31.01 21.53 4.71
CA THR D 103 30.40 21.80 6.02
C THR D 103 31.27 21.23 7.13
N ILE D 104 32.15 20.31 6.75
CA ILE D 104 33.23 19.90 7.64
C ILE D 104 34.27 21.01 7.54
N GLY D 105 34.24 21.70 6.40
CA GLY D 105 35.01 22.92 6.19
C GLY D 105 36.51 22.75 6.34
N ALA D 106 37.02 21.64 5.84
CA ALA D 106 38.46 21.40 5.87
C ALA D 106 38.98 21.21 4.46
N GLY D 107 38.07 21.24 3.48
CA GLY D 107 38.44 20.97 2.10
C GLY D 107 38.74 19.49 1.91
N VAL D 108 38.96 19.09 0.66
CA VAL D 108 39.17 17.67 0.34
C VAL D 108 40.53 17.44 -0.31
N GLY D 109 41.05 16.23 -0.11
CA GLY D 109 42.20 15.76 -0.86
C GLY D 109 43.51 16.17 -0.25
N ALA D 110 44.41 16.63 -1.12
CA ALA D 110 45.70 17.13 -0.65
C ALA D 110 45.45 18.32 0.25
N ASP D 111 44.55 19.21 -0.18
CA ASP D 111 44.27 20.47 0.50
C ASP D 111 43.53 20.29 1.83
N PHE D 112 43.58 19.08 2.38
CA PHE D 112 42.87 18.76 3.62
C PHE D 112 43.64 19.11 4.91
N SER D 113 43.15 20.13 5.61
CA SER D 113 43.74 20.58 6.86
C SER D 113 42.88 20.20 8.07
N ILE D 114 43.20 19.08 8.72
CA ILE D 114 42.43 18.57 9.87
C ILE D 114 42.14 19.65 10.90
N GLU D 115 43.04 20.63 10.99
CA GLU D 115 42.98 21.66 12.02
C GLU D 115 41.77 22.60 11.83
N ASP D 116 41.27 22.68 10.60
CA ASP D 116 40.19 23.61 10.29
C ASP D 116 38.78 22.99 10.41
N ALA D 117 38.73 21.67 10.57
CA ALA D 117 37.47 20.92 10.66
C ALA D 117 36.54 21.46 11.75
N ASN D 118 35.24 21.36 11.51
CA ASN D 118 34.25 22.03 12.32
C ASN D 118 33.58 21.15 13.37
N TYR D 119 33.78 19.85 13.29
CA TYR D 119 33.24 18.95 14.29
C TYR D 119 34.35 18.04 14.80
N ASP D 120 34.23 17.62 16.05
CA ASP D 120 35.20 16.71 16.64
C ASP D 120 34.87 15.28 16.27
N LYS D 121 33.58 14.97 16.20
CA LYS D 121 33.14 13.62 15.87
C LYS D 121 32.24 13.57 14.64
N ILE D 122 32.57 12.67 13.73
CA ILE D 122 31.72 12.39 12.58
C ILE D 122 31.06 11.03 12.75
N ILE D 123 29.74 11.02 12.88
CA ILE D 123 29.04 9.79 13.23
C ILE D 123 28.13 9.26 12.11
N ILE D 124 28.40 8.04 11.66
CA ILE D 124 27.60 7.40 10.62
C ILE D 124 26.47 6.59 11.22
N MET D 125 25.24 6.97 10.90
CA MET D 125 24.06 6.33 11.49
C MET D 125 23.14 5.77 10.43
N THR D 126 23.19 4.45 10.27
CA THR D 126 22.42 3.74 9.25
C THR D 126 21.54 2.71 9.93
N ASP D 127 20.62 2.12 9.17
CA ASP D 127 19.84 1.03 9.75
C ASP D 127 20.83 -0.08 10.07
N ALA D 128 20.43 -1.00 10.94
CA ALA D 128 21.19 -2.22 11.14
C ALA D 128 20.77 -3.27 10.10
N ASP D 129 20.48 -2.83 8.88
CA ASP D 129 20.14 -3.77 7.81
C ASP D 129 21.34 -3.91 6.84
N THR D 130 21.20 -4.68 5.76
CA THR D 130 22.37 -4.92 4.90
C THR D 130 22.75 -3.69 4.08
N ASP D 131 21.77 -2.95 3.59
CA ASP D 131 22.07 -1.76 2.81
C ASP D 131 22.56 -0.68 3.76
N GLY D 132 22.37 -0.91 5.05
CA GLY D 132 22.96 -0.04 6.05
C GLY D 132 24.45 -0.34 5.99
N ALA D 133 24.75 -1.63 6.04
CA ALA D 133 26.12 -2.08 5.92
C ALA D 133 26.76 -1.49 4.66
N HIS D 134 26.04 -1.56 3.55
CA HIS D 134 26.60 -1.12 2.28
C HIS D 134 26.98 0.38 2.31
N ILE D 135 26.08 1.20 2.84
CA ILE D 135 26.31 2.64 2.92
C ILE D 135 27.53 2.99 3.76
N GLN D 136 27.69 2.30 4.89
CA GLN D 136 28.84 2.53 5.76
C GLN D 136 30.12 2.31 4.98
N THR D 137 30.13 1.22 4.23
CA THR D 137 31.17 0.90 3.29
C THR D 137 31.49 2.10 2.39
N LEU D 138 30.51 2.52 1.61
CA LEU D 138 30.64 3.60 0.67
C LEU D 138 31.19 4.90 1.27
N LEU D 139 30.73 5.24 2.47
CA LEU D 139 31.15 6.46 3.15
C LEU D 139 32.59 6.37 3.63
N LEU D 140 32.89 5.31 4.36
CA LEU D 140 34.25 5.00 4.77
C LEU D 140 35.26 5.09 3.61
N THR D 141 34.96 4.45 2.48
CA THR D 141 35.89 4.55 1.38
C THR D 141 36.07 6.01 0.93
N PHE D 142 35.04 6.83 1.08
CA PHE D 142 35.23 8.25 0.80
C PHE D 142 36.19 8.92 1.77
N PHE D 143 35.98 8.73 3.07
CA PHE D 143 36.85 9.36 4.05
C PHE D 143 38.30 8.90 3.93
N TYR D 144 38.49 7.60 3.75
CA TYR D 144 39.81 7.06 3.53
C TYR D 144 40.44 7.76 2.33
N ARG D 145 39.85 7.58 1.16
CA ARG D 145 40.43 8.13 -0.06
C ARG D 145 40.70 9.65 0.00
N TYR D 146 39.73 10.43 0.46
CA TYR D 146 39.81 11.90 0.36
C TYR D 146 39.79 12.71 1.67
N MET D 147 39.99 12.03 2.81
CA MET D 147 40.01 12.71 4.10
C MET D 147 40.60 11.78 5.17
N ARG D 148 41.71 11.11 4.84
CA ARG D 148 42.32 10.13 5.75
C ARG D 148 42.68 10.70 7.14
N PRO D 149 43.28 11.91 7.17
CA PRO D 149 43.64 12.55 8.44
C PRO D 149 42.52 12.42 9.48
N LEU D 150 41.28 12.55 9.02
CA LEU D 150 40.10 12.45 9.87
C LEU D 150 39.97 11.05 10.43
N VAL D 151 40.01 10.08 9.53
CA VAL D 151 39.92 8.68 9.93
C VAL D 151 41.13 8.32 10.79
N GLU D 152 42.31 8.85 10.44
CA GLU D 152 43.54 8.54 11.18
C GLU D 152 43.48 9.06 12.62
N ALA D 153 42.94 10.26 12.78
CA ALA D 153 42.90 10.95 14.06
C ALA D 153 41.91 10.35 15.08
N GLY D 154 41.13 9.36 14.64
CA GLY D 154 40.14 8.74 15.51
C GLY D 154 38.92 9.59 15.72
N HIS D 155 38.45 10.21 14.62
CA HIS D 155 37.35 11.17 14.66
C HIS D 155 36.14 10.66 13.88
N VAL D 156 36.31 9.53 13.22
CA VAL D 156 35.22 8.94 12.44
C VAL D 156 34.63 7.68 13.11
N TYR D 157 33.38 7.81 13.54
CA TYR D 157 32.68 6.77 14.31
C TYR D 157 31.52 6.14 13.56
N ILE D 158 30.96 5.07 14.13
CA ILE D 158 29.76 4.46 13.61
C ILE D 158 28.80 4.16 14.74
N ALA D 159 27.61 4.74 14.66
CA ALA D 159 26.57 4.50 15.65
C ALA D 159 25.94 3.11 15.49
N LEU D 160 25.80 2.40 16.60
CA LEU D 160 25.14 1.12 16.60
C LEU D 160 23.73 1.26 17.20
N PRO D 161 22.70 1.35 16.35
CA PRO D 161 21.31 1.35 16.82
C PRO D 161 21.00 -0.02 17.40
N PRO D 162 20.02 -0.09 18.31
CA PRO D 162 19.69 -1.39 18.91
C PRO D 162 18.99 -2.29 17.90
N LEU D 163 19.17 -3.59 18.05
CA LEU D 163 18.51 -4.55 17.17
C LEU D 163 17.14 -4.97 17.74
N TYR D 164 17.01 -5.00 19.07
CA TYR D 164 15.85 -5.60 19.71
C TYR D 164 15.23 -4.72 20.78
N LYS D 165 13.90 -4.78 20.93
CA LYS D 165 13.18 -4.18 22.05
C LYS D 165 12.21 -5.18 22.72
N MET D 166 12.47 -5.52 23.99
CA MET D 166 11.58 -6.40 24.76
C MET D 166 10.86 -5.61 25.86
N ALA D 177 12.64 -2.40 27.31
CA ALA D 177 14.07 -2.12 27.14
C ALA D 177 14.68 -2.67 25.83
N TYR D 178 15.97 -2.39 25.62
CA TYR D 178 16.63 -2.68 24.35
C TYR D 178 17.83 -3.62 24.48
N ALA D 179 18.19 -4.27 23.37
CA ALA D 179 19.34 -5.16 23.31
C ALA D 179 20.06 -5.05 21.97
N TRP D 180 21.39 -5.18 21.99
CA TRP D 180 22.21 -5.07 20.78
C TRP D 180 22.81 -6.39 20.33
N THR D 181 22.95 -7.33 21.26
CA THR D 181 23.59 -8.60 20.99
C THR D 181 22.62 -9.73 21.32
N ASP D 182 22.50 -10.71 20.42
CA ASP D 182 21.64 -11.87 20.69
C ASP D 182 21.83 -12.32 22.16
N GLY D 183 23.05 -12.19 22.65
CA GLY D 183 23.34 -12.49 24.04
C GLY D 183 22.63 -11.53 24.98
N GLU D 184 22.70 -10.23 24.70
CA GLU D 184 22.04 -9.22 25.52
C GLU D 184 20.53 -9.47 25.54
N LEU D 185 20.03 -10.02 24.44
CA LEU D 185 18.62 -10.39 24.32
C LEU D 185 18.22 -11.46 25.36
N GLU D 186 18.98 -12.54 25.44
CA GLU D 186 18.68 -13.63 26.38
C GLU D 186 18.64 -13.15 27.83
N GLU D 187 19.45 -12.15 28.16
CA GLU D 187 19.44 -11.57 29.50
C GLU D 187 18.14 -10.79 29.79
N LEU D 188 17.71 -9.98 28.82
CA LEU D 188 16.44 -9.25 28.94
C LEU D 188 15.26 -10.23 28.96
N ARG D 189 15.32 -11.27 28.13
CA ARG D 189 14.26 -12.29 28.10
C ARG D 189 14.06 -12.88 29.49
N LYS D 190 15.12 -12.87 30.31
CA LYS D 190 15.03 -13.35 31.69
C LYS D 190 13.94 -12.61 32.48
N GLN D 191 14.06 -11.29 32.60
CA GLN D 191 13.03 -10.49 33.29
C GLN D 191 11.86 -10.04 32.38
N LEU D 198 8.91 -9.24 21.89
CA LEU D 198 10.11 -8.83 21.14
C LEU D 198 9.77 -8.15 19.83
N GLN D 199 10.17 -6.88 19.70
CA GLN D 199 10.21 -6.21 18.41
C GLN D 199 11.61 -6.35 17.83
N ARG D 200 11.72 -6.90 16.63
CA ARG D 200 12.99 -6.99 15.94
C ARG D 200 13.12 -5.81 14.96
N TYR D 201 13.80 -4.74 15.36
CA TYR D 201 13.96 -3.57 14.49
C TYR D 201 14.46 -3.90 13.08
N LYS D 202 13.78 -3.40 12.06
CA LYS D 202 14.19 -3.60 10.67
C LYS D 202 14.85 -2.35 10.09
N GLY D 203 14.80 -1.25 10.85
CA GLY D 203 15.48 -0.03 10.42
C GLY D 203 15.27 1.08 11.42
N LEU D 204 15.87 2.25 11.17
CA LEU D 204 15.59 3.43 11.99
C LEU D 204 14.16 3.94 11.78
N GLY D 205 13.59 3.63 10.62
CA GLY D 205 12.26 4.08 10.25
C GLY D 205 11.17 3.81 11.26
N GLU D 206 11.35 2.79 12.10
CA GLU D 206 10.32 2.42 13.07
C GLU D 206 10.65 2.83 14.52
N MET D 207 11.55 3.80 14.67
CA MET D 207 11.85 4.33 15.97
C MET D 207 11.36 5.76 16.10
N ASN D 208 10.78 6.10 17.25
CA ASN D 208 10.45 7.50 17.59
C ASN D 208 11.73 8.25 18.02
N ALA D 209 11.74 9.56 17.81
CA ALA D 209 12.86 10.41 18.22
C ALA D 209 13.26 10.21 19.68
N ASP D 210 12.26 10.08 20.55
CA ASP D 210 12.50 9.75 21.96
C ASP D 210 13.45 8.55 22.01
N GLN D 211 13.05 7.46 21.34
CA GLN D 211 13.81 6.22 21.34
C GLN D 211 15.18 6.38 20.68
N LEU D 212 15.22 7.09 19.56
CA LEU D 212 16.47 7.32 18.85
C LEU D 212 17.48 7.89 19.83
N TRP D 213 17.14 9.05 20.39
CA TRP D 213 17.99 9.69 21.38
C TRP D 213 18.46 8.71 22.46
N GLU D 214 17.49 8.13 23.17
CA GLU D 214 17.78 7.36 24.38
C GLU D 214 18.85 6.29 24.14
N THR D 215 18.84 5.69 22.96
CA THR D 215 19.66 4.52 22.70
C THR D 215 20.87 4.78 21.81
N THR D 216 20.78 5.75 20.93
CA THR D 216 21.85 5.88 19.94
C THR D 216 22.46 7.27 19.71
N MET D 217 21.76 8.32 20.12
CA MET D 217 22.30 9.67 19.94
C MET D 217 22.80 10.28 21.25
N ASN D 218 22.22 9.87 22.36
CA ASN D 218 22.66 10.32 23.69
C ASN D 218 24.08 9.85 23.98
N PRO D 219 25.03 10.80 24.11
CA PRO D 219 26.44 10.45 24.31
C PRO D 219 26.62 9.60 25.55
N GLU D 220 25.77 9.82 26.53
CA GLU D 220 25.85 9.15 27.82
C GLU D 220 25.04 7.84 27.85
N THR D 221 24.77 7.27 26.68
CA THR D 221 23.87 6.12 26.60
C THR D 221 24.21 5.20 25.43
N ARG D 222 24.83 5.75 24.41
CA ARG D 222 24.99 5.08 23.13
C ARG D 222 26.30 4.31 23.08
N THR D 223 26.29 3.19 22.38
CA THR D 223 27.52 2.51 22.02
C THR D 223 28.02 3.13 20.71
N LEU D 224 29.31 3.43 20.63
CA LEU D 224 29.92 3.90 19.38
C LEU D 224 31.05 2.99 18.92
N ILE D 225 31.27 2.95 17.62
CA ILE D 225 32.41 2.24 17.06
C ILE D 225 33.39 3.28 16.55
N ARG D 226 34.63 3.20 17.01
CA ARG D 226 35.65 4.14 16.56
C ARG D 226 36.51 3.49 15.47
N VAL D 227 36.32 3.92 14.23
CA VAL D 227 37.15 3.41 13.13
C VAL D 227 38.59 3.87 13.33
N THR D 228 39.50 2.90 13.44
CA THR D 228 40.92 3.13 13.74
C THR D 228 41.80 2.32 12.81
N ILE D 229 42.49 2.98 11.89
CA ILE D 229 43.43 2.32 10.96
C ILE D 229 44.63 1.68 11.65
N GLU D 230 44.62 0.35 11.77
CA GLU D 230 45.69 -0.37 12.45
C GLU D 230 46.95 -0.47 11.57
N ASP D 231 46.75 -0.84 10.31
CA ASP D 231 47.86 -0.98 9.36
C ASP D 231 47.49 -0.41 7.99
N LEU D 232 48.05 0.76 7.70
CA LEU D 232 47.77 1.52 6.48
C LEU D 232 47.94 0.71 5.17
N ALA D 233 48.70 -0.38 5.22
CA ALA D 233 48.96 -1.19 4.03
C ALA D 233 47.81 -2.15 3.74
N ARG D 234 47.39 -2.90 4.76
CA ARG D 234 46.29 -3.84 4.63
C ARG D 234 45.00 -3.10 4.27
N ALA D 235 44.80 -1.94 4.88
CA ALA D 235 43.57 -1.16 4.70
C ALA D 235 43.41 -0.66 3.26
N GLU D 236 44.52 -0.35 2.60
CA GLU D 236 44.48 0.01 1.19
C GLU D 236 43.99 -1.17 0.34
N ARG D 237 44.62 -2.33 0.51
CA ARG D 237 44.24 -3.53 -0.25
C ARG D 237 42.77 -3.89 -0.02
N ARG D 238 42.35 -3.90 1.24
CA ARG D 238 40.96 -4.14 1.60
C ARG D 238 39.97 -3.21 0.88
N VAL D 239 40.19 -1.90 0.98
CA VAL D 239 39.31 -0.95 0.32
C VAL D 239 39.27 -1.12 -1.20
N ASN D 240 40.42 -1.44 -1.80
CA ASN D 240 40.49 -1.51 -3.26
C ASN D 240 39.88 -2.80 -3.82
N VAL D 241 40.11 -3.92 -3.15
CA VAL D 241 39.49 -5.15 -3.59
C VAL D 241 37.97 -4.94 -3.59
N LEU D 242 37.42 -4.54 -2.45
CA LEU D 242 35.97 -4.45 -2.25
C LEU D 242 35.26 -3.34 -3.04
N MET D 243 35.92 -2.20 -3.21
CA MET D 243 35.24 -1.03 -3.78
C MET D 243 35.80 -0.57 -5.12
N GLY D 244 36.86 -1.23 -5.60
CA GLY D 244 37.54 -0.79 -6.81
C GLY D 244 36.80 -1.02 -8.11
N ASP D 245 37.30 -0.45 -9.20
CA ASP D 245 36.68 -0.67 -10.51
C ASP D 245 36.90 -2.09 -11.06
N LYS D 246 37.82 -2.86 -10.48
CA LYS D 246 38.11 -4.20 -11.03
C LYS D 246 37.26 -5.32 -10.39
N VAL D 247 36.47 -6.02 -11.20
CA VAL D 247 35.53 -7.01 -10.68
C VAL D 247 36.18 -8.32 -10.22
N GLU D 248 37.10 -8.85 -11.02
CA GLU D 248 37.69 -10.16 -10.76
C GLU D 248 38.18 -10.31 -9.32
N PRO D 249 39.12 -9.44 -8.89
CA PRO D 249 39.61 -9.54 -7.52
C PRO D 249 38.45 -9.78 -6.56
N ARG D 250 37.54 -8.82 -6.47
CA ARG D 250 36.35 -8.85 -5.61
C ARG D 250 35.51 -10.12 -5.68
N ARG D 251 35.19 -10.56 -6.89
CA ARG D 251 34.47 -11.82 -7.02
C ARG D 251 35.23 -12.86 -6.23
N LYS D 252 36.54 -12.96 -6.50
CA LYS D 252 37.40 -13.91 -5.81
C LYS D 252 37.36 -13.70 -4.29
N TRP D 253 37.51 -12.46 -3.84
CA TRP D 253 37.50 -12.17 -2.41
C TRP D 253 36.24 -12.74 -1.75
N ILE D 254 35.11 -12.61 -2.45
CA ILE D 254 33.84 -13.10 -1.95
C ILE D 254 33.85 -14.61 -1.85
N GLU D 255 34.43 -15.26 -2.86
CA GLU D 255 34.52 -16.72 -2.92
C GLU D 255 35.38 -17.24 -1.76
N ASP D 256 36.44 -16.51 -1.44
CA ASP D 256 37.41 -16.87 -0.40
C ASP D 256 36.93 -16.58 1.01
N ASN D 257 36.00 -15.64 1.16
CA ASN D 257 35.63 -15.15 2.48
C ASN D 257 34.17 -15.34 2.92
N VAL D 258 33.23 -15.20 1.99
CA VAL D 258 31.82 -15.27 2.34
C VAL D 258 31.29 -16.70 2.41
N LYS D 259 30.89 -17.14 3.60
CA LYS D 259 30.40 -18.50 3.77
C LYS D 259 28.91 -18.62 3.40
N PHE D 260 28.64 -19.11 2.19
CA PHE D 260 27.28 -19.34 1.71
C PHE D 260 26.60 -20.51 2.43
N THR D 261 27.36 -21.20 3.27
CA THR D 261 26.87 -22.34 4.07
C THR D 261 26.95 -23.65 3.29
MG MG I . -1.00 37.72 15.85
MG MG J . 23.02 -2.10 -34.03
MG MG K . -10.88 8.96 -9.59
MG MG L . 16.38 -0.27 5.21
C1 PDQ M . 0.28 15.02 -4.85
O2 PDQ M . 0.66 15.31 -3.80
C3 PDQ M . 0.55 15.91 -6.11
C4 PDQ M . 1.37 17.23 -5.96
C6 PDQ M . 1.63 18.02 -7.04
F7 PDQ M . 2.35 19.10 -6.82
C8 PDQ M . 1.19 17.66 -8.43
C10 PDQ M . 0.43 16.49 -8.58
C12 PDQ M . 0.10 15.53 -7.31
N13 PDQ M . -0.73 14.16 -7.33
C15 PDQ M . -0.94 13.36 -6.19
O16 PDQ M . -1.56 12.38 -6.26
N17 PDQ M . -0.45 13.82 -4.98
C18 PDQ M . -1.24 13.78 -8.58
C20 PDQ M . -2.17 14.80 -9.20
C23 PDQ M . -2.72 13.57 -8.55
N26 PDQ M . -0.64 13.13 -3.79
C29 PDQ M . -0.02 16.13 -9.93
N33 PDQ M . 1.50 18.63 -9.50
C34 PDQ M . 0.79 18.92 -10.76
C37 PDQ M . 1.10 20.27 -10.96
C39 PDQ M . 2.47 20.29 -10.78
C42 PDQ M . 2.55 19.62 -9.45
C45 PDQ M . 0.67 20.71 -12.23
C47 PDQ M . 0.80 22.18 -12.38
N51 PDQ M . -0.72 20.44 -12.29
H4 PDQ M . 1.74 17.52 -4.99
H18 PDQ M . -0.67 13.16 -9.26
H20 PDQ M . -2.30 15.73 -8.65
H20A PDQ M . -2.21 14.81 -10.29
H23 PDQ M . -3.11 12.82 -9.23
H23A PDQ M . -3.20 13.72 -7.59
HN26 PDQ M . -0.25 13.59 -3.00
HN2A PDQ M . -0.38 12.17 -3.87
H29 PDQ M . 0.73 16.44 -10.65
H29A PDQ M . -0.96 16.63 -10.15
H29B PDQ M . -0.15 15.05 -9.99
H34 PDQ M . -0.28 18.79 -10.64
H34A PDQ M . 1.17 18.31 -11.58
H37 PDQ M . 0.63 20.86 -10.19
H39 PDQ M . 2.98 19.72 -11.55
H39A PDQ M . 2.85 21.31 -10.73
H42 PDQ M . 2.37 20.33 -8.66
H42A PDQ M . 3.52 19.15 -9.33
H45 PDQ M . 1.19 20.19 -13.02
H47 PDQ M . 1.86 22.43 -12.50
H47A PDQ M . 0.41 22.67 -11.49
H47B PDQ M . 0.24 22.51 -13.25
HN51 PDQ M . -1.21 21.07 -11.67
HN5A PDQ M . -1.05 20.60 -13.23
C1 PDQ N . 13.48 7.05 -6.02
O2 PDQ N . 13.15 6.85 -7.10
C3 PDQ N . 14.50 8.20 -5.69
C4 PDQ N . 15.04 9.05 -6.87
C6 PDQ N . 15.93 10.06 -6.64
F7 PDQ N . 16.34 10.74 -7.69
C8 PDQ N . 16.41 10.43 -5.24
C10 PDQ N . 15.92 9.65 -4.17
C12 PDQ N . 14.87 8.46 -4.43
N13 PDQ N . 14.19 7.49 -3.35
C15 PDQ N . 13.27 6.46 -3.65
O16 PDQ N . 12.83 5.83 -2.80
N17 PDQ N . 12.92 6.26 -4.97
C18 PDQ N . 14.58 7.70 -2.03
C20 PDQ N . 16.06 7.49 -1.85
C23 PDQ N . 15.10 6.39 -1.51
N26 PDQ N . 12.03 5.28 -5.33
C29 PDQ N . 16.36 9.99 -2.78
N33 PDQ N . 17.41 11.51 -5.11
C34 PDQ N . 18.57 11.50 -4.21
C37 PDQ N . 19.56 12.11 -5.00
C39 PDQ N . 18.91 13.22 -5.48
C42 PDQ N . 17.55 12.71 -5.89
C45 PDQ N . 20.78 12.48 -4.32
C47 PDQ N . 21.96 11.59 -4.67
N51 PDQ N . 20.67 12.39 -2.92
H4 PDQ N . 14.73 8.84 -7.90
H18 PDQ N . 14.06 8.34 -1.34
H20 PDQ N . 16.62 7.33 -2.77
H20A PDQ N . 16.51 8.00 -1.02
H23 PDQ N . 14.96 6.21 -0.44
H23A PDQ N . 15.07 5.56 -2.20
HN26 PDQ N . 12.01 5.10 -6.31
HN2A PDQ N . 11.13 5.41 -4.92
H29 PDQ N . 16.53 11.05 -2.71
H29A PDQ N . 17.28 9.46 -2.56
H29B PDQ N . 15.59 9.69 -2.07
H34 PDQ N . 18.86 10.50 -3.95
H34A PDQ N . 18.38 12.09 -3.32
H37 PDQ N . 19.81 11.46 -5.83
H39 PDQ N . 18.81 13.97 -4.70
H39A PDQ N . 19.43 13.63 -6.34
H42 PDQ N . 17.54 12.49 -6.96
H42A PDQ N . 16.78 13.43 -5.64
H45 PDQ N . 21.03 13.51 -4.58
H47 PDQ N . 22.84 11.96 -4.17
H47A PDQ N . 22.11 11.59 -5.74
H47B PDQ N . 21.75 10.57 -4.33
HN51 PDQ N . 20.51 11.42 -2.66
HN5A PDQ N . 21.51 12.71 -2.49
#